data_6JK4
# 
_entry.id   6JK4 
# 
_audit_conform.dict_name       mmcif_pdbx.dic 
_audit_conform.dict_version    5.397 
_audit_conform.dict_location   http://mmcif.pdb.org/dictionaries/ascii/mmcif_pdbx.dic 
# 
loop_
_database_2.database_id 
_database_2.database_code 
_database_2.pdbx_database_accession 
_database_2.pdbx_DOI 
PDB   6JK4         pdb_00006jk4 10.2210/pdb6jk4/pdb 
WWPDB D_1300009788 ?            ?                   
# 
loop_
_pdbx_audit_revision_history.ordinal 
_pdbx_audit_revision_history.data_content_type 
_pdbx_audit_revision_history.major_revision 
_pdbx_audit_revision_history.minor_revision 
_pdbx_audit_revision_history.revision_date 
1 'Structure model' 1 0 2019-06-26 
2 'Structure model' 1 1 2023-11-22 
3 'Structure model' 1 2 2024-10-23 
# 
_pdbx_audit_revision_details.ordinal             1 
_pdbx_audit_revision_details.revision_ordinal    1 
_pdbx_audit_revision_details.data_content_type   'Structure model' 
_pdbx_audit_revision_details.provider            repository 
_pdbx_audit_revision_details.type                'Initial release' 
_pdbx_audit_revision_details.description         ? 
_pdbx_audit_revision_details.details             ? 
# 
loop_
_pdbx_audit_revision_group.ordinal 
_pdbx_audit_revision_group.revision_ordinal 
_pdbx_audit_revision_group.data_content_type 
_pdbx_audit_revision_group.group 
1 2 'Structure model' 'Data collection'        
2 2 'Structure model' 'Database references'    
3 2 'Structure model' 'Refinement description' 
4 3 'Structure model' 'Structure summary'      
# 
loop_
_pdbx_audit_revision_category.ordinal 
_pdbx_audit_revision_category.revision_ordinal 
_pdbx_audit_revision_category.data_content_type 
_pdbx_audit_revision_category.category 
1 2 'Structure model' chem_comp_atom                
2 2 'Structure model' chem_comp_bond                
3 2 'Structure model' database_2                    
4 2 'Structure model' pdbx_initial_refinement_model 
5 3 'Structure model' pdbx_entry_details            
6 3 'Structure model' pdbx_modification_feature     
# 
loop_
_pdbx_audit_revision_item.ordinal 
_pdbx_audit_revision_item.revision_ordinal 
_pdbx_audit_revision_item.data_content_type 
_pdbx_audit_revision_item.item 
1 2 'Structure model' '_database_2.pdbx_DOI'                
2 2 'Structure model' '_database_2.pdbx_database_accession' 
# 
_pdbx_database_status.status_code                     REL 
_pdbx_database_status.status_code_sf                  REL 
_pdbx_database_status.status_code_mr                  ? 
_pdbx_database_status.entry_id                        6JK4 
_pdbx_database_status.recvd_initial_deposition_date   2019-02-27 
_pdbx_database_status.SG_entry                        N 
_pdbx_database_status.deposit_site                    PDBJ 
_pdbx_database_status.process_site                    PDBJ 
_pdbx_database_status.status_code_cs                  ? 
_pdbx_database_status.methods_development_category    ? 
_pdbx_database_status.pdb_format_compatible           Y 
_pdbx_database_status.status_code_nmr_data            ? 
# 
loop_
_audit_author.name 
_audit_author.pdbx_ordinal 
_audit_author.identifier_ORCID 
'Arai, T.'      1 ? 
'Tsuda, S.'     2 ? 
'Kondo, H.'     3 ? 
'Nishimiya, Y.' 4 ? 
# 
_citation.abstract                  ? 
_citation.abstract_id_CAS           ? 
_citation.book_id_ISBN              ? 
_citation.book_publisher            ? 
_citation.book_publisher_city       ? 
_citation.book_title                ? 
_citation.coordinate_linkage        ? 
_citation.country                   CH 
_citation.database_id_Medline       ? 
_citation.details                   ? 
_citation.id                        primary 
_citation.journal_abbrev            Biomolecules 
_citation.journal_id_ASTM           ? 
_citation.journal_id_CSD            ? 
_citation.journal_id_ISSN           2218-273X 
_citation.journal_full              ? 
_citation.journal_issue             ? 
_citation.journal_volume            9 
_citation.language                  ? 
_citation.page_first                ? 
_citation.page_last                 ? 
_citation.title                     
'Calcium-Binding Generates the Semi-Clathrate Waters on a Type II Antifreeze Protein to Adsorb onto an Ice Crystal Surface.' 
_citation.year                      2019 
_citation.database_id_CSD           ? 
_citation.pdbx_database_id_DOI      10.3390/biom9050162 
_citation.pdbx_database_id_PubMed   31035615 
_citation.unpublished_flag          ? 
# 
loop_
_citation_author.citation_id 
_citation_author.name 
_citation_author.ordinal 
_citation_author.identifier_ORCID 
primary 'Arai, T.'      1 ?                   
primary 'Nishimiya, Y.' 2 ?                   
primary 'Ohyama, Y.'    3 ?                   
primary 'Kondo, H.'     4 0000-0003-2799-1775 
primary 'Tsuda, S.'     5 0000-0002-1399-0619 
# 
loop_
_entity.id 
_entity.type 
_entity.src_method 
_entity.pdbx_description 
_entity.formula_weight 
_entity.pdbx_number_of_molecules 
_entity.pdbx_ec 
_entity.pdbx_mutation 
_entity.pdbx_fragment 
_entity.details 
1 polymer     man 'Type II antifreeze protein' 15321.056 1   ? N12D ? ? 
2 non-polymer syn 'CALCIUM ION'                40.078    1   ? ?    ? ? 
3 water       nat water                        18.015    289 ? ?    ? ? 
# 
_entity_poly.entity_id                      1 
_entity_poly.type                           'polypeptide(L)' 
_entity_poly.nstd_linkage                   no 
_entity_poly.nstd_monomer                   no 
_entity_poly.pdbx_seq_one_letter_code       
;HHHHHHADECPTDWKLFDGTCYLFNPSVLHWADAQESCMKEGASLASIHSLEQYTFVKELTTAALTPSWLGGGDCQVSTR
WFWMDGTSMDFTDWCYAQPDTTLTECCIQMNVGVGKCWDDTPCTHLHSSICAKTST
;
_entity_poly.pdbx_seq_one_letter_code_can   
;HHHHHHADECPTDWKLFDGTCYLFNPSVLHWADAQESCMKEGASLASIHSLEQYTFVKELTTAALTPSWLGGGDCQVSTR
WFWMDGTSMDFTDWCYAQPDTTLTECCIQMNVGVGKCWDDTPCTHLHSSICAKTST
;
_entity_poly.pdbx_strand_id                 A 
_entity_poly.pdbx_target_identifier         ? 
# 
loop_
_pdbx_entity_nonpoly.entity_id 
_pdbx_entity_nonpoly.name 
_pdbx_entity_nonpoly.comp_id 
2 'CALCIUM ION' CA  
3 water         HOH 
# 
loop_
_entity_poly_seq.entity_id 
_entity_poly_seq.num 
_entity_poly_seq.mon_id 
_entity_poly_seq.hetero 
1 1   HIS n 
1 2   HIS n 
1 3   HIS n 
1 4   HIS n 
1 5   HIS n 
1 6   HIS n 
1 7   ALA n 
1 8   ASP n 
1 9   GLU n 
1 10  CYS n 
1 11  PRO n 
1 12  THR n 
1 13  ASP n 
1 14  TRP n 
1 15  LYS n 
1 16  LEU n 
1 17  PHE n 
1 18  ASP n 
1 19  GLY n 
1 20  THR n 
1 21  CYS n 
1 22  TYR n 
1 23  LEU n 
1 24  PHE n 
1 25  ASN n 
1 26  PRO n 
1 27  SER n 
1 28  VAL n 
1 29  LEU n 
1 30  HIS n 
1 31  TRP n 
1 32  ALA n 
1 33  ASP n 
1 34  ALA n 
1 35  GLN n 
1 36  GLU n 
1 37  SER n 
1 38  CYS n 
1 39  MET n 
1 40  LYS n 
1 41  GLU n 
1 42  GLY n 
1 43  ALA n 
1 44  SER n 
1 45  LEU n 
1 46  ALA n 
1 47  SER n 
1 48  ILE n 
1 49  HIS n 
1 50  SER n 
1 51  LEU n 
1 52  GLU n 
1 53  GLN n 
1 54  TYR n 
1 55  THR n 
1 56  PHE n 
1 57  VAL n 
1 58  LYS n 
1 59  GLU n 
1 60  LEU n 
1 61  THR n 
1 62  THR n 
1 63  ALA n 
1 64  ALA n 
1 65  LEU n 
1 66  THR n 
1 67  PRO n 
1 68  SER n 
1 69  TRP n 
1 70  LEU n 
1 71  GLY n 
1 72  GLY n 
1 73  GLY n 
1 74  ASP n 
1 75  CYS n 
1 76  GLN n 
1 77  VAL n 
1 78  SER n 
1 79  THR n 
1 80  ARG n 
1 81  TRP n 
1 82  PHE n 
1 83  TRP n 
1 84  MET n 
1 85  ASP n 
1 86  GLY n 
1 87  THR n 
1 88  SER n 
1 89  MET n 
1 90  ASP n 
1 91  PHE n 
1 92  THR n 
1 93  ASP n 
1 94  TRP n 
1 95  CYS n 
1 96  TYR n 
1 97  ALA n 
1 98  GLN n 
1 99  PRO n 
1 100 ASP n 
1 101 THR n 
1 102 THR n 
1 103 LEU n 
1 104 THR n 
1 105 GLU n 
1 106 CYS n 
1 107 CYS n 
1 108 ILE n 
1 109 GLN n 
1 110 MET n 
1 111 ASN n 
1 112 VAL n 
1 113 GLY n 
1 114 VAL n 
1 115 GLY n 
1 116 LYS n 
1 117 CYS n 
1 118 TRP n 
1 119 ASP n 
1 120 ASP n 
1 121 THR n 
1 122 PRO n 
1 123 CYS n 
1 124 THR n 
1 125 HIS n 
1 126 LEU n 
1 127 HIS n 
1 128 SER n 
1 129 SER n 
1 130 ILE n 
1 131 CYS n 
1 132 ALA n 
1 133 LYS n 
1 134 THR n 
1 135 SER n 
1 136 THR n 
# 
_entity_src_gen.entity_id                          1 
_entity_src_gen.pdbx_src_id                        1 
_entity_src_gen.pdbx_alt_source_flag               sample 
_entity_src_gen.pdbx_seq_type                      'Biological sequence' 
_entity_src_gen.pdbx_beg_seq_num                   1 
_entity_src_gen.pdbx_end_seq_num                   136 
_entity_src_gen.gene_src_common_name               'Japanese smelt' 
_entity_src_gen.gene_src_genus                     ? 
_entity_src_gen.pdbx_gene_src_gene                 ? 
_entity_src_gen.gene_src_species                   ? 
_entity_src_gen.gene_src_strain                    ? 
_entity_src_gen.gene_src_tissue                    ? 
_entity_src_gen.gene_src_tissue_fraction           ? 
_entity_src_gen.gene_src_details                   ? 
_entity_src_gen.pdbx_gene_src_fragment             ? 
_entity_src_gen.pdbx_gene_src_scientific_name      'Hypomesus nipponensis' 
_entity_src_gen.pdbx_gene_src_ncbi_taxonomy_id     182223 
_entity_src_gen.pdbx_gene_src_variant              ? 
_entity_src_gen.pdbx_gene_src_cell_line            ? 
_entity_src_gen.pdbx_gene_src_atcc                 ? 
_entity_src_gen.pdbx_gene_src_organ                ? 
_entity_src_gen.pdbx_gene_src_organelle            ? 
_entity_src_gen.pdbx_gene_src_cell                 ? 
_entity_src_gen.pdbx_gene_src_cellular_location    ? 
_entity_src_gen.host_org_common_name               ? 
_entity_src_gen.pdbx_host_org_scientific_name      'Komagataella pastoris' 
_entity_src_gen.pdbx_host_org_ncbi_taxonomy_id     4922 
_entity_src_gen.host_org_genus                     ? 
_entity_src_gen.pdbx_host_org_gene                 ? 
_entity_src_gen.pdbx_host_org_organ                ? 
_entity_src_gen.host_org_species                   ? 
_entity_src_gen.pdbx_host_org_tissue               ? 
_entity_src_gen.pdbx_host_org_tissue_fraction      ? 
_entity_src_gen.pdbx_host_org_strain               X33 
_entity_src_gen.pdbx_host_org_variant              ? 
_entity_src_gen.pdbx_host_org_cell_line            ? 
_entity_src_gen.pdbx_host_org_atcc                 ? 
_entity_src_gen.pdbx_host_org_culture_collection   ? 
_entity_src_gen.pdbx_host_org_cell                 ? 
_entity_src_gen.pdbx_host_org_organelle            ? 
_entity_src_gen.pdbx_host_org_cellular_location    ? 
_entity_src_gen.pdbx_host_org_vector_type          ? 
_entity_src_gen.pdbx_host_org_vector               ? 
_entity_src_gen.host_org_details                   ? 
_entity_src_gen.expression_system_id               ? 
_entity_src_gen.plasmid_name                       pPICZalpha 
_entity_src_gen.plasmid_details                    ? 
_entity_src_gen.pdbx_description                   ? 
# 
loop_
_chem_comp.id 
_chem_comp.type 
_chem_comp.mon_nstd_flag 
_chem_comp.name 
_chem_comp.pdbx_synonyms 
_chem_comp.formula 
_chem_comp.formula_weight 
ALA 'L-peptide linking' y ALANINE         ? 'C3 H7 N O2'     89.093  
ARG 'L-peptide linking' y ARGININE        ? 'C6 H15 N4 O2 1' 175.209 
ASN 'L-peptide linking' y ASPARAGINE      ? 'C4 H8 N2 O3'    132.118 
ASP 'L-peptide linking' y 'ASPARTIC ACID' ? 'C4 H7 N O4'     133.103 
CA  non-polymer         . 'CALCIUM ION'   ? 'Ca 2'           40.078  
CYS 'L-peptide linking' y CYSTEINE        ? 'C3 H7 N O2 S'   121.158 
GLN 'L-peptide linking' y GLUTAMINE       ? 'C5 H10 N2 O3'   146.144 
GLU 'L-peptide linking' y 'GLUTAMIC ACID' ? 'C5 H9 N O4'     147.129 
GLY 'peptide linking'   y GLYCINE         ? 'C2 H5 N O2'     75.067  
HIS 'L-peptide linking' y HISTIDINE       ? 'C6 H10 N3 O2 1' 156.162 
HOH non-polymer         . WATER           ? 'H2 O'           18.015  
ILE 'L-peptide linking' y ISOLEUCINE      ? 'C6 H13 N O2'    131.173 
LEU 'L-peptide linking' y LEUCINE         ? 'C6 H13 N O2'    131.173 
LYS 'L-peptide linking' y LYSINE          ? 'C6 H15 N2 O2 1' 147.195 
MET 'L-peptide linking' y METHIONINE      ? 'C5 H11 N O2 S'  149.211 
PHE 'L-peptide linking' y PHENYLALANINE   ? 'C9 H11 N O2'    165.189 
PRO 'L-peptide linking' y PROLINE         ? 'C5 H9 N O2'     115.130 
SER 'L-peptide linking' y SERINE          ? 'C3 H7 N O3'     105.093 
THR 'L-peptide linking' y THREONINE       ? 'C4 H9 N O3'     119.119 
TRP 'L-peptide linking' y TRYPTOPHAN      ? 'C11 H12 N2 O2'  204.225 
TYR 'L-peptide linking' y TYROSINE        ? 'C9 H11 N O3'    181.189 
VAL 'L-peptide linking' y VALINE          ? 'C5 H11 N O2'    117.146 
# 
loop_
_pdbx_poly_seq_scheme.asym_id 
_pdbx_poly_seq_scheme.entity_id 
_pdbx_poly_seq_scheme.seq_id 
_pdbx_poly_seq_scheme.mon_id 
_pdbx_poly_seq_scheme.ndb_seq_num 
_pdbx_poly_seq_scheme.pdb_seq_num 
_pdbx_poly_seq_scheme.auth_seq_num 
_pdbx_poly_seq_scheme.pdb_mon_id 
_pdbx_poly_seq_scheme.auth_mon_id 
_pdbx_poly_seq_scheme.pdb_strand_id 
_pdbx_poly_seq_scheme.pdb_ins_code 
_pdbx_poly_seq_scheme.hetero 
A 1 1   HIS 1   -5  ?   ?   ?   A . n 
A 1 2   HIS 2   -4  ?   ?   ?   A . n 
A 1 3   HIS 3   -3  ?   ?   ?   A . n 
A 1 4   HIS 4   -2  ?   ?   ?   A . n 
A 1 5   HIS 5   -1  ?   ?   ?   A . n 
A 1 6   HIS 6   0   ?   ?   ?   A . n 
A 1 7   ALA 7   1   ?   ?   ?   A . n 
A 1 8   ASP 8   2   ?   ?   ?   A . n 
A 1 9   GLU 9   3   3   GLU GLU A . n 
A 1 10  CYS 10  4   4   CYS CYS A . n 
A 1 11  PRO 11  5   5   PRO PRO A . n 
A 1 12  THR 12  6   6   THR THR A . n 
A 1 13  ASP 13  7   7   ASP ASP A . n 
A 1 14  TRP 14  8   8   TRP TRP A . n 
A 1 15  LYS 15  9   9   LYS LYS A . n 
A 1 16  LEU 16  10  10  LEU LEU A . n 
A 1 17  PHE 17  11  11  PHE PHE A . n 
A 1 18  ASP 18  12  12  ASP ASP A . n 
A 1 19  GLY 19  13  13  GLY GLY A . n 
A 1 20  THR 20  14  14  THR THR A . n 
A 1 21  CYS 21  15  15  CYS CYS A . n 
A 1 22  TYR 22  16  16  TYR TYR A . n 
A 1 23  LEU 23  17  17  LEU LEU A . n 
A 1 24  PHE 24  18  18  PHE PHE A . n 
A 1 25  ASN 25  19  19  ASN ASN A . n 
A 1 26  PRO 26  20  20  PRO PRO A . n 
A 1 27  SER 27  21  21  SER SER A . n 
A 1 28  VAL 28  22  22  VAL VAL A . n 
A 1 29  LEU 29  23  23  LEU LEU A . n 
A 1 30  HIS 30  24  24  HIS HIS A . n 
A 1 31  TRP 31  25  25  TRP TRP A . n 
A 1 32  ALA 32  26  26  ALA ALA A . n 
A 1 33  ASP 33  27  27  ASP ASP A . n 
A 1 34  ALA 34  28  28  ALA ALA A . n 
A 1 35  GLN 35  29  29  GLN GLN A . n 
A 1 36  GLU 36  30  30  GLU GLU A . n 
A 1 37  SER 37  31  31  SER SER A . n 
A 1 38  CYS 38  32  32  CYS CYS A . n 
A 1 39  MET 39  33  33  MET MET A . n 
A 1 40  LYS 40  34  34  LYS LYS A . n 
A 1 41  GLU 41  35  35  GLU GLU A . n 
A 1 42  GLY 42  36  36  GLY GLY A . n 
A 1 43  ALA 43  37  37  ALA ALA A . n 
A 1 44  SER 44  38  38  SER SER A . n 
A 1 45  LEU 45  39  39  LEU LEU A . n 
A 1 46  ALA 46  40  40  ALA ALA A . n 
A 1 47  SER 47  41  41  SER SER A . n 
A 1 48  ILE 48  42  42  ILE ILE A . n 
A 1 49  HIS 49  43  43  HIS HIS A . n 
A 1 50  SER 50  44  44  SER SER A . n 
A 1 51  LEU 51  45  45  LEU LEU A . n 
A 1 52  GLU 52  46  46  GLU GLU A . n 
A 1 53  GLN 53  47  47  GLN GLN A . n 
A 1 54  TYR 54  48  48  TYR TYR A . n 
A 1 55  THR 55  49  49  THR THR A . n 
A 1 56  PHE 56  50  50  PHE PHE A . n 
A 1 57  VAL 57  51  51  VAL VAL A . n 
A 1 58  LYS 58  52  52  LYS LYS A . n 
A 1 59  GLU 59  53  53  GLU GLU A . n 
A 1 60  LEU 60  54  54  LEU LEU A . n 
A 1 61  THR 61  55  55  THR THR A . n 
A 1 62  THR 62  56  56  THR THR A . n 
A 1 63  ALA 63  57  57  ALA ALA A . n 
A 1 64  ALA 64  58  58  ALA ALA A . n 
A 1 65  LEU 65  59  59  LEU LEU A . n 
A 1 66  THR 66  60  60  THR THR A . n 
A 1 67  PRO 67  61  61  PRO PRO A . n 
A 1 68  SER 68  62  62  SER SER A . n 
A 1 69  TRP 69  63  63  TRP TRP A . n 
A 1 70  LEU 70  64  64  LEU LEU A . n 
A 1 71  GLY 71  65  65  GLY GLY A . n 
A 1 72  GLY 72  66  66  GLY GLY A . n 
A 1 73  GLY 73  67  67  GLY GLY A . n 
A 1 74  ASP 74  68  68  ASP ASP A . n 
A 1 75  CYS 75  69  69  CYS CYS A . n 
A 1 76  GLN 76  70  70  GLN GLN A . n 
A 1 77  VAL 77  71  71  VAL VAL A . n 
A 1 78  SER 78  72  72  SER SER A . n 
A 1 79  THR 79  73  73  THR THR A . n 
A 1 80  ARG 80  74  74  ARG ARG A . n 
A 1 81  TRP 81  75  75  TRP TRP A . n 
A 1 82  PHE 82  76  76  PHE PHE A . n 
A 1 83  TRP 83  77  77  TRP TRP A . n 
A 1 84  MET 84  78  78  MET MET A . n 
A 1 85  ASP 85  79  79  ASP ASP A . n 
A 1 86  GLY 86  80  80  GLY GLY A . n 
A 1 87  THR 87  81  81  THR THR A . n 
A 1 88  SER 88  82  82  SER SER A . n 
A 1 89  MET 89  83  83  MET MET A . n 
A 1 90  ASP 90  84  84  ASP ASP A . n 
A 1 91  PHE 91  85  85  PHE PHE A . n 
A 1 92  THR 92  86  86  THR THR A . n 
A 1 93  ASP 93  87  87  ASP ASP A . n 
A 1 94  TRP 94  88  88  TRP TRP A . n 
A 1 95  CYS 95  89  89  CYS CYS A . n 
A 1 96  TYR 96  90  90  TYR TYR A . n 
A 1 97  ALA 97  91  91  ALA ALA A . n 
A 1 98  GLN 98  92  92  GLN GLN A . n 
A 1 99  PRO 99  93  93  PRO PRO A . n 
A 1 100 ASP 100 94  94  ASP ASP A . n 
A 1 101 THR 101 95  95  THR THR A . n 
A 1 102 THR 102 96  96  THR THR A . n 
A 1 103 LEU 103 97  97  LEU LEU A . n 
A 1 104 THR 104 98  98  THR THR A . n 
A 1 105 GLU 105 99  99  GLU GLU A . n 
A 1 106 CYS 106 100 100 CYS CYS A . n 
A 1 107 CYS 107 101 101 CYS CYS A . n 
A 1 108 ILE 108 102 102 ILE ILE A . n 
A 1 109 GLN 109 103 103 GLN GLN A . n 
A 1 110 MET 110 104 104 MET MET A . n 
A 1 111 ASN 111 105 105 ASN ASN A . n 
A 1 112 VAL 112 106 106 VAL VAL A . n 
A 1 113 GLY 113 107 107 GLY GLY A . n 
A 1 114 VAL 114 108 108 VAL VAL A . n 
A 1 115 GLY 115 109 109 GLY GLY A . n 
A 1 116 LYS 116 110 110 LYS LYS A . n 
A 1 117 CYS 117 111 111 CYS CYS A . n 
A 1 118 TRP 118 112 112 TRP TRP A . n 
A 1 119 ASP 119 113 113 ASP ASP A . n 
A 1 120 ASP 120 114 114 ASP ASP A . n 
A 1 121 THR 121 115 115 THR THR A . n 
A 1 122 PRO 122 116 116 PRO PRO A . n 
A 1 123 CYS 123 117 117 CYS CYS A . n 
A 1 124 THR 124 118 118 THR THR A . n 
A 1 125 HIS 125 119 119 HIS HIS A . n 
A 1 126 LEU 126 120 120 LEU LEU A . n 
A 1 127 HIS 127 121 121 HIS HIS A . n 
A 1 128 SER 128 122 122 SER SER A . n 
A 1 129 SER 129 123 123 SER SER A . n 
A 1 130 ILE 130 124 124 ILE ILE A . n 
A 1 131 CYS 131 125 125 CYS CYS A . n 
A 1 132 ALA 132 126 126 ALA ALA A . n 
A 1 133 LYS 133 127 127 LYS LYS A . n 
A 1 134 THR 134 128 128 THR THR A . n 
A 1 135 SER 135 129 ?   ?   ?   A . n 
A 1 136 THR 136 130 ?   ?   ?   A . n 
# 
loop_
_pdbx_nonpoly_scheme.asym_id 
_pdbx_nonpoly_scheme.entity_id 
_pdbx_nonpoly_scheme.mon_id 
_pdbx_nonpoly_scheme.ndb_seq_num 
_pdbx_nonpoly_scheme.pdb_seq_num 
_pdbx_nonpoly_scheme.auth_seq_num 
_pdbx_nonpoly_scheme.pdb_mon_id 
_pdbx_nonpoly_scheme.auth_mon_id 
_pdbx_nonpoly_scheme.pdb_strand_id 
_pdbx_nonpoly_scheme.pdb_ins_code 
B 2 CA  1   201 1   CA  CA  A . 
C 3 HOH 1   301 58  HOH HOH A . 
C 3 HOH 2   302 184 HOH HOH A . 
C 3 HOH 3   303 110 HOH HOH A . 
C 3 HOH 4   304 317 HOH HOH A . 
C 3 HOH 5   305 218 HOH HOH A . 
C 3 HOH 6   306 244 HOH HOH A . 
C 3 HOH 7   307 94  HOH HOH A . 
C 3 HOH 8   308 71  HOH HOH A . 
C 3 HOH 9   309 372 HOH HOH A . 
C 3 HOH 10  310 144 HOH HOH A . 
C 3 HOH 11  311 285 HOH HOH A . 
C 3 HOH 12  312 298 HOH HOH A . 
C 3 HOH 13  313 14  HOH HOH A . 
C 3 HOH 14  314 38  HOH HOH A . 
C 3 HOH 15  315 47  HOH HOH A . 
C 3 HOH 16  316 261 HOH HOH A . 
C 3 HOH 17  317 333 HOH HOH A . 
C 3 HOH 18  318 97  HOH HOH A . 
C 3 HOH 19  319 127 HOH HOH A . 
C 3 HOH 20  320 225 HOH HOH A . 
C 3 HOH 21  321 15  HOH HOH A . 
C 3 HOH 22  322 39  HOH HOH A . 
C 3 HOH 23  323 247 HOH HOH A . 
C 3 HOH 24  324 78  HOH HOH A . 
C 3 HOH 25  325 19  HOH HOH A . 
C 3 HOH 26  326 11  HOH HOH A . 
C 3 HOH 27  327 2   HOH HOH A . 
C 3 HOH 28  328 12  HOH HOH A . 
C 3 HOH 29  329 125 HOH HOH A . 
C 3 HOH 30  330 89  HOH HOH A . 
C 3 HOH 31  331 152 HOH HOH A . 
C 3 HOH 32  332 268 HOH HOH A . 
C 3 HOH 33  333 102 HOH HOH A . 
C 3 HOH 34  334 67  HOH HOH A . 
C 3 HOH 35  335 193 HOH HOH A . 
C 3 HOH 36  336 57  HOH HOH A . 
C 3 HOH 37  337 136 HOH HOH A . 
C 3 HOH 38  338 63  HOH HOH A . 
C 3 HOH 39  339 112 HOH HOH A . 
C 3 HOH 40  340 109 HOH HOH A . 
C 3 HOH 41  341 44  HOH HOH A . 
C 3 HOH 42  342 7   HOH HOH A . 
C 3 HOH 43  343 347 HOH HOH A . 
C 3 HOH 44  344 8   HOH HOH A . 
C 3 HOH 45  345 9   HOH HOH A . 
C 3 HOH 46  346 116 HOH HOH A . 
C 3 HOH 47  347 106 HOH HOH A . 
C 3 HOH 48  348 52  HOH HOH A . 
C 3 HOH 49  349 31  HOH HOH A . 
C 3 HOH 50  350 43  HOH HOH A . 
C 3 HOH 51  351 156 HOH HOH A . 
C 3 HOH 52  352 145 HOH HOH A . 
C 3 HOH 53  353 131 HOH HOH A . 
C 3 HOH 54  354 30  HOH HOH A . 
C 3 HOH 55  355 18  HOH HOH A . 
C 3 HOH 56  356 40  HOH HOH A . 
C 3 HOH 57  357 234 HOH HOH A . 
C 3 HOH 58  358 16  HOH HOH A . 
C 3 HOH 59  359 32  HOH HOH A . 
C 3 HOH 60  360 77  HOH HOH A . 
C 3 HOH 61  361 84  HOH HOH A . 
C 3 HOH 62  362 205 HOH HOH A . 
C 3 HOH 63  363 34  HOH HOH A . 
C 3 HOH 64  364 55  HOH HOH A . 
C 3 HOH 65  365 27  HOH HOH A . 
C 3 HOH 66  366 60  HOH HOH A . 
C 3 HOH 67  367 28  HOH HOH A . 
C 3 HOH 68  368 65  HOH HOH A . 
C 3 HOH 69  369 70  HOH HOH A . 
C 3 HOH 70  370 282 HOH HOH A . 
C 3 HOH 71  371 328 HOH HOH A . 
C 3 HOH 72  372 76  HOH HOH A . 
C 3 HOH 73  373 150 HOH HOH A . 
C 3 HOH 74  374 88  HOH HOH A . 
C 3 HOH 75  375 23  HOH HOH A . 
C 3 HOH 76  376 20  HOH HOH A . 
C 3 HOH 77  377 24  HOH HOH A . 
C 3 HOH 78  378 4   HOH HOH A . 
C 3 HOH 79  379 290 HOH HOH A . 
C 3 HOH 80  380 46  HOH HOH A . 
C 3 HOH 81  381 10  HOH HOH A . 
C 3 HOH 82  382 35  HOH HOH A . 
C 3 HOH 83  383 91  HOH HOH A . 
C 3 HOH 84  384 69  HOH HOH A . 
C 3 HOH 85  385 318 HOH HOH A . 
C 3 HOH 86  386 173 HOH HOH A . 
C 3 HOH 87  387 56  HOH HOH A . 
C 3 HOH 88  388 149 HOH HOH A . 
C 3 HOH 89  389 142 HOH HOH A . 
C 3 HOH 90  390 53  HOH HOH A . 
C 3 HOH 91  391 3   HOH HOH A . 
C 3 HOH 92  392 5   HOH HOH A . 
C 3 HOH 93  393 146 HOH HOH A . 
C 3 HOH 94  394 111 HOH HOH A . 
C 3 HOH 95  395 124 HOH HOH A . 
C 3 HOH 96  396 95  HOH HOH A . 
C 3 HOH 97  397 51  HOH HOH A . 
C 3 HOH 98  398 250 HOH HOH A . 
C 3 HOH 99  399 364 HOH HOH A . 
C 3 HOH 100 400 21  HOH HOH A . 
C 3 HOH 101 401 103 HOH HOH A . 
C 3 HOH 102 402 25  HOH HOH A . 
C 3 HOH 103 403 128 HOH HOH A . 
C 3 HOH 104 404 345 HOH HOH A . 
C 3 HOH 105 405 72  HOH HOH A . 
C 3 HOH 106 406 122 HOH HOH A . 
C 3 HOH 107 407 17  HOH HOH A . 
C 3 HOH 108 408 121 HOH HOH A . 
C 3 HOH 109 409 118 HOH HOH A . 
C 3 HOH 110 410 45  HOH HOH A . 
C 3 HOH 111 411 68  HOH HOH A . 
C 3 HOH 112 412 92  HOH HOH A . 
C 3 HOH 113 413 101 HOH HOH A . 
C 3 HOH 114 414 26  HOH HOH A . 
C 3 HOH 115 415 36  HOH HOH A . 
C 3 HOH 116 416 207 HOH HOH A . 
C 3 HOH 117 417 163 HOH HOH A . 
C 3 HOH 118 418 310 HOH HOH A . 
C 3 HOH 119 419 161 HOH HOH A . 
C 3 HOH 120 420 29  HOH HOH A . 
C 3 HOH 121 421 253 HOH HOH A . 
C 3 HOH 122 422 321 HOH HOH A . 
C 3 HOH 123 423 93  HOH HOH A . 
C 3 HOH 124 424 170 HOH HOH A . 
C 3 HOH 125 425 222 HOH HOH A . 
C 3 HOH 126 426 315 HOH HOH A . 
C 3 HOH 127 427 270 HOH HOH A . 
C 3 HOH 128 428 73  HOH HOH A . 
C 3 HOH 129 429 216 HOH HOH A . 
C 3 HOH 130 430 49  HOH HOH A . 
C 3 HOH 131 431 42  HOH HOH A . 
C 3 HOH 132 432 241 HOH HOH A . 
C 3 HOH 133 433 266 HOH HOH A . 
C 3 HOH 134 434 61  HOH HOH A . 
C 3 HOH 135 435 363 HOH HOH A . 
C 3 HOH 136 436 54  HOH HOH A . 
C 3 HOH 137 437 157 HOH HOH A . 
C 3 HOH 138 438 6   HOH HOH A . 
C 3 HOH 139 439 338 HOH HOH A . 
C 3 HOH 140 440 64  HOH HOH A . 
C 3 HOH 141 441 135 HOH HOH A . 
C 3 HOH 142 442 276 HOH HOH A . 
C 3 HOH 143 443 50  HOH HOH A . 
C 3 HOH 144 444 59  HOH HOH A . 
C 3 HOH 145 445 245 HOH HOH A . 
C 3 HOH 146 446 41  HOH HOH A . 
C 3 HOH 147 447 306 HOH HOH A . 
C 3 HOH 148 448 22  HOH HOH A . 
C 3 HOH 149 449 48  HOH HOH A . 
C 3 HOH 150 450 13  HOH HOH A . 
C 3 HOH 151 451 271 HOH HOH A . 
C 3 HOH 152 452 343 HOH HOH A . 
C 3 HOH 153 453 117 HOH HOH A . 
C 3 HOH 154 454 313 HOH HOH A . 
C 3 HOH 155 455 300 HOH HOH A . 
C 3 HOH 156 456 204 HOH HOH A . 
C 3 HOH 157 457 203 HOH HOH A . 
C 3 HOH 158 458 196 HOH HOH A . 
C 3 HOH 159 459 295 HOH HOH A . 
C 3 HOH 160 460 160 HOH HOH A . 
C 3 HOH 161 461 62  HOH HOH A . 
C 3 HOH 162 462 87  HOH HOH A . 
C 3 HOH 163 463 319 HOH HOH A . 
C 3 HOH 164 464 119 HOH HOH A . 
C 3 HOH 165 465 288 HOH HOH A . 
C 3 HOH 166 466 141 HOH HOH A . 
C 3 HOH 167 467 265 HOH HOH A . 
C 3 HOH 168 468 33  HOH HOH A . 
C 3 HOH 169 469 348 HOH HOH A . 
C 3 HOH 170 470 147 HOH HOH A . 
C 3 HOH 171 471 220 HOH HOH A . 
C 3 HOH 172 472 66  HOH HOH A . 
C 3 HOH 173 473 99  HOH HOH A . 
C 3 HOH 174 474 197 HOH HOH A . 
C 3 HOH 175 475 130 HOH HOH A . 
C 3 HOH 176 476 246 HOH HOH A . 
C 3 HOH 177 477 105 HOH HOH A . 
C 3 HOH 178 478 100 HOH HOH A . 
C 3 HOH 179 479 326 HOH HOH A . 
C 3 HOH 180 480 202 HOH HOH A . 
C 3 HOH 181 481 284 HOH HOH A . 
C 3 HOH 182 482 37  HOH HOH A . 
C 3 HOH 183 483 273 HOH HOH A . 
C 3 HOH 184 484 85  HOH HOH A . 
C 3 HOH 185 485 74  HOH HOH A . 
C 3 HOH 186 486 217 HOH HOH A . 
C 3 HOH 187 487 143 HOH HOH A . 
C 3 HOH 188 488 281 HOH HOH A . 
C 3 HOH 189 489 325 HOH HOH A . 
C 3 HOH 190 490 301 HOH HOH A . 
C 3 HOH 191 491 199 HOH HOH A . 
C 3 HOH 192 492 278 HOH HOH A . 
C 3 HOH 193 493 275 HOH HOH A . 
C 3 HOH 194 494 107 HOH HOH A . 
C 3 HOH 195 495 341 HOH HOH A . 
C 3 HOH 196 496 344 HOH HOH A . 
C 3 HOH 197 497 227 HOH HOH A . 
C 3 HOH 198 498 90  HOH HOH A . 
C 3 HOH 199 499 228 HOH HOH A . 
C 3 HOH 200 500 140 HOH HOH A . 
C 3 HOH 201 501 370 HOH HOH A . 
C 3 HOH 202 502 126 HOH HOH A . 
C 3 HOH 203 503 235 HOH HOH A . 
C 3 HOH 204 504 104 HOH HOH A . 
C 3 HOH 205 505 211 HOH HOH A . 
C 3 HOH 206 506 221 HOH HOH A . 
C 3 HOH 207 507 201 HOH HOH A . 
C 3 HOH 208 508 168 HOH HOH A . 
C 3 HOH 209 509 206 HOH HOH A . 
C 3 HOH 210 510 240 HOH HOH A . 
C 3 HOH 211 511 257 HOH HOH A . 
C 3 HOH 212 512 82  HOH HOH A . 
C 3 HOH 213 513 81  HOH HOH A . 
C 3 HOH 214 514 224 HOH HOH A . 
C 3 HOH 215 515 114 HOH HOH A . 
C 3 HOH 216 516 330 HOH HOH A . 
C 3 HOH 217 517 120 HOH HOH A . 
C 3 HOH 218 518 190 HOH HOH A . 
C 3 HOH 219 519 322 HOH HOH A . 
C 3 HOH 220 520 226 HOH HOH A . 
C 3 HOH 221 521 212 HOH HOH A . 
C 3 HOH 222 522 208 HOH HOH A . 
C 3 HOH 223 523 269 HOH HOH A . 
C 3 HOH 224 524 279 HOH HOH A . 
C 3 HOH 225 525 219 HOH HOH A . 
C 3 HOH 226 526 289 HOH HOH A . 
C 3 HOH 227 527 165 HOH HOH A . 
C 3 HOH 228 528 79  HOH HOH A . 
C 3 HOH 229 529 248 HOH HOH A . 
C 3 HOH 230 530 304 HOH HOH A . 
C 3 HOH 231 531 230 HOH HOH A . 
C 3 HOH 232 532 335 HOH HOH A . 
C 3 HOH 233 533 113 HOH HOH A . 
C 3 HOH 234 534 291 HOH HOH A . 
C 3 HOH 235 535 115 HOH HOH A . 
C 3 HOH 236 536 307 HOH HOH A . 
C 3 HOH 237 537 316 HOH HOH A . 
C 3 HOH 238 538 236 HOH HOH A . 
C 3 HOH 239 539 129 HOH HOH A . 
C 3 HOH 240 540 296 HOH HOH A . 
C 3 HOH 241 541 215 HOH HOH A . 
C 3 HOH 242 542 327 HOH HOH A . 
C 3 HOH 243 543 123 HOH HOH A . 
C 3 HOH 244 544 293 HOH HOH A . 
C 3 HOH 245 545 238 HOH HOH A . 
C 3 HOH 246 546 292 HOH HOH A . 
C 3 HOH 247 547 231 HOH HOH A . 
C 3 HOH 248 548 272 HOH HOH A . 
C 3 HOH 249 549 324 HOH HOH A . 
C 3 HOH 250 550 98  HOH HOH A . 
C 3 HOH 251 551 232 HOH HOH A . 
C 3 HOH 252 552 267 HOH HOH A . 
C 3 HOH 253 553 108 HOH HOH A . 
C 3 HOH 254 554 294 HOH HOH A . 
C 3 HOH 255 555 359 HOH HOH A . 
C 3 HOH 256 556 280 HOH HOH A . 
C 3 HOH 257 557 210 HOH HOH A . 
C 3 HOH 258 558 252 HOH HOH A . 
C 3 HOH 259 559 256 HOH HOH A . 
C 3 HOH 260 560 274 HOH HOH A . 
C 3 HOH 261 561 139 HOH HOH A . 
C 3 HOH 262 562 260 HOH HOH A . 
C 3 HOH 263 563 198 HOH HOH A . 
C 3 HOH 264 564 258 HOH HOH A . 
C 3 HOH 265 565 96  HOH HOH A . 
C 3 HOH 266 566 264 HOH HOH A . 
C 3 HOH 267 567 242 HOH HOH A . 
C 3 HOH 268 568 80  HOH HOH A . 
C 3 HOH 269 569 209 HOH HOH A . 
C 3 HOH 270 570 254 HOH HOH A . 
C 3 HOH 271 571 353 HOH HOH A . 
C 3 HOH 272 572 237 HOH HOH A . 
C 3 HOH 273 573 133 HOH HOH A . 
C 3 HOH 274 574 223 HOH HOH A . 
C 3 HOH 275 575 259 HOH HOH A . 
C 3 HOH 276 576 229 HOH HOH A . 
C 3 HOH 277 577 277 HOH HOH A . 
C 3 HOH 278 578 373 HOH HOH A . 
C 3 HOH 279 579 262 HOH HOH A . 
C 3 HOH 280 580 83  HOH HOH A . 
C 3 HOH 281 581 214 HOH HOH A . 
C 3 HOH 282 582 371 HOH HOH A . 
C 3 HOH 283 583 340 HOH HOH A . 
C 3 HOH 284 584 323 HOH HOH A . 
C 3 HOH 285 585 239 HOH HOH A . 
C 3 HOH 286 586 263 HOH HOH A . 
C 3 HOH 287 587 255 HOH HOH A . 
C 3 HOH 288 588 308 HOH HOH A . 
C 3 HOH 289 589 355 HOH HOH A . 
# 
loop_
_software.citation_id 
_software.classification 
_software.compiler_name 
_software.compiler_version 
_software.contact_author 
_software.contact_author_email 
_software.date 
_software.description 
_software.dependencies 
_software.hardware 
_software.language 
_software.location 
_software.mods 
_software.name 
_software.os 
_software.os_version 
_software.type 
_software.version 
_software.pdbx_ordinal 
? refinement       ? ? ? ? ? ? ? ? ? ? ? REFMAC   ? ? ? 5.8.0230 1 
? 'data reduction' ? ? ? ? ? ? ? ? ? ? ? HKL-2000 ? ? ? 1.97.8   2 
? 'data scaling'   ? ? ? ? ? ? ? ? ? ? ? HKL-2000 ? ? ? 1.97.8   3 
? phasing          ? ? ? ? ? ? ? ? ? ? ? MOLREP   ? ? ? 7.3.03   4 
# 
_cell.angle_alpha                  90.00 
_cell.angle_alpha_esd              ? 
_cell.angle_beta                   90.00 
_cell.angle_beta_esd               ? 
_cell.angle_gamma                  120.00 
_cell.angle_gamma_esd              ? 
_cell.entry_id                     6JK4 
_cell.details                      ? 
_cell.formula_units_Z              ? 
_cell.length_a                     65.952 
_cell.length_a_esd                 ? 
_cell.length_b                     65.952 
_cell.length_b_esd                 ? 
_cell.length_c                     49.794 
_cell.length_c_esd                 ? 
_cell.volume                       ? 
_cell.volume_esd                   ? 
_cell.Z_PDB                        6 
_cell.reciprocal_angle_alpha       ? 
_cell.reciprocal_angle_beta        ? 
_cell.reciprocal_angle_gamma       ? 
_cell.reciprocal_angle_alpha_esd   ? 
_cell.reciprocal_angle_beta_esd    ? 
_cell.reciprocal_angle_gamma_esd   ? 
_cell.reciprocal_length_a          ? 
_cell.reciprocal_length_b          ? 
_cell.reciprocal_length_c          ? 
_cell.reciprocal_length_a_esd      ? 
_cell.reciprocal_length_b_esd      ? 
_cell.reciprocal_length_c_esd      ? 
_cell.pdbx_unique_axis             ? 
# 
_symmetry.entry_id                         6JK4 
_symmetry.cell_setting                     ? 
_symmetry.Int_Tables_number                152 
_symmetry.space_group_name_Hall            ? 
_symmetry.space_group_name_H-M             'P 31 2 1' 
_symmetry.pdbx_full_space_group_name_H-M   ? 
# 
_exptl.absorpt_coefficient_mu     ? 
_exptl.absorpt_correction_T_max   ? 
_exptl.absorpt_correction_T_min   ? 
_exptl.absorpt_correction_type    ? 
_exptl.absorpt_process_details    ? 
_exptl.entry_id                   6JK4 
_exptl.crystals_number            1 
_exptl.details                    ? 
_exptl.method                     'X-RAY DIFFRACTION' 
_exptl.method_details             ? 
# 
_exptl_crystal.colour                      ? 
_exptl_crystal.density_diffrn              ? 
_exptl_crystal.density_Matthews            2.04 
_exptl_crystal.density_method              ? 
_exptl_crystal.density_percent_sol         39.72 
_exptl_crystal.description                 ? 
_exptl_crystal.F_000                       ? 
_exptl_crystal.id                          1 
_exptl_crystal.preparation                 ? 
_exptl_crystal.size_max                    ? 
_exptl_crystal.size_mid                    ? 
_exptl_crystal.size_min                    ? 
_exptl_crystal.size_rad                    ? 
_exptl_crystal.colour_lustre               ? 
_exptl_crystal.colour_modifier             ? 
_exptl_crystal.colour_primary              ? 
_exptl_crystal.density_meas                ? 
_exptl_crystal.density_meas_esd            ? 
_exptl_crystal.density_meas_gt             ? 
_exptl_crystal.density_meas_lt             ? 
_exptl_crystal.density_meas_temp           ? 
_exptl_crystal.density_meas_temp_esd       ? 
_exptl_crystal.density_meas_temp_gt        ? 
_exptl_crystal.density_meas_temp_lt        ? 
_exptl_crystal.pdbx_crystal_image_url      ? 
_exptl_crystal.pdbx_crystal_image_format   ? 
_exptl_crystal.pdbx_mosaicity              ? 
_exptl_crystal.pdbx_mosaicity_esd          ? 
# 
_exptl_crystal_grow.apparatus       ? 
_exptl_crystal_grow.atmosphere      ? 
_exptl_crystal_grow.crystal_id      1 
_exptl_crystal_grow.details         ? 
_exptl_crystal_grow.method          'VAPOR DIFFUSION, HANGING DROP' 
_exptl_crystal_grow.method_ref      ? 
_exptl_crystal_grow.pH              4.0 
_exptl_crystal_grow.pressure        ? 
_exptl_crystal_grow.pressure_esd    ? 
_exptl_crystal_grow.seeding         ? 
_exptl_crystal_grow.seeding_ref     ? 
_exptl_crystal_grow.temp            293 
_exptl_crystal_grow.temp_details    ? 
_exptl_crystal_grow.temp_esd        ? 
_exptl_crystal_grow.time            ? 
_exptl_crystal_grow.pdbx_details    
;0.1 M sodium acetate, 0.25 M ammonium sulfate, 8% PEG 3350

The Crystal was soaked in crystallizaion solution containing 2mM CaCl2 and pH adjusted to 7.0 before data collection.
;
_exptl_crystal_grow.pdbx_pH_range   ? 
# 
_diffrn.ambient_environment              ? 
_diffrn.ambient_temp                     100 
_diffrn.ambient_temp_details             ? 
_diffrn.ambient_temp_esd                 ? 
_diffrn.crystal_id                       1 
_diffrn.crystal_support                  ? 
_diffrn.crystal_treatment                ? 
_diffrn.details                          ? 
_diffrn.id                               1 
_diffrn.ambient_pressure                 ? 
_diffrn.ambient_pressure_esd             ? 
_diffrn.ambient_pressure_gt              ? 
_diffrn.ambient_pressure_lt              ? 
_diffrn.ambient_temp_gt                  ? 
_diffrn.ambient_temp_lt                  ? 
_diffrn.pdbx_serial_crystal_experiment   N 
# 
_diffrn_detector.details                      ? 
_diffrn_detector.detector                     CCD 
_diffrn_detector.diffrn_id                    1 
_diffrn_detector.type                         'ADSC QUANTUM 210' 
_diffrn_detector.area_resol_mean              ? 
_diffrn_detector.dtime                        ? 
_diffrn_detector.pdbx_frames_total            ? 
_diffrn_detector.pdbx_collection_time_total   ? 
_diffrn_detector.pdbx_collection_date         2005-05-29 
_diffrn_detector.pdbx_frequency               ? 
# 
_diffrn_radiation.collimation                      ? 
_diffrn_radiation.diffrn_id                        1 
_diffrn_radiation.filter_edge                      ? 
_diffrn_radiation.inhomogeneity                    ? 
_diffrn_radiation.monochromator                    ? 
_diffrn_radiation.polarisn_norm                    ? 
_diffrn_radiation.polarisn_ratio                   ? 
_diffrn_radiation.probe                            ? 
_diffrn_radiation.type                             ? 
_diffrn_radiation.xray_symbol                      ? 
_diffrn_radiation.wavelength_id                    1 
_diffrn_radiation.pdbx_monochromatic_or_laue_m_l   M 
_diffrn_radiation.pdbx_wavelength_list             ? 
_diffrn_radiation.pdbx_wavelength                  ? 
_diffrn_radiation.pdbx_diffrn_protocol             'SINGLE WAVELENGTH' 
_diffrn_radiation.pdbx_analyzer                    ? 
_diffrn_radiation.pdbx_scattering_type             x-ray 
# 
_diffrn_radiation_wavelength.id           1 
_diffrn_radiation_wavelength.wavelength   1.0 
_diffrn_radiation_wavelength.wt           1.0 
# 
_diffrn_source.current                     ? 
_diffrn_source.details                     ? 
_diffrn_source.diffrn_id                   1 
_diffrn_source.power                       ? 
_diffrn_source.size                        ? 
_diffrn_source.source                      SYNCHROTRON 
_diffrn_source.target                      ? 
_diffrn_source.type                        'PHOTON FACTORY BEAMLINE AR-NW12A' 
_diffrn_source.voltage                     ? 
_diffrn_source.take-off_angle              ? 
_diffrn_source.pdbx_wavelength_list        1.0 
_diffrn_source.pdbx_wavelength             ? 
_diffrn_source.pdbx_synchrotron_beamline   AR-NW12A 
_diffrn_source.pdbx_synchrotron_site       'Photon Factory' 
# 
_reflns.B_iso_Wilson_estimate            ? 
_reflns.entry_id                         6JK4 
_reflns.data_reduction_details           ? 
_reflns.data_reduction_method            ? 
_reflns.d_resolution_high                1.06 
_reflns.d_resolution_low                 21.567 
_reflns.details                          ? 
_reflns.limit_h_max                      ? 
_reflns.limit_h_min                      ? 
_reflns.limit_k_max                      ? 
_reflns.limit_k_min                      ? 
_reflns.limit_l_max                      ? 
_reflns.limit_l_min                      ? 
_reflns.number_all                       ? 
_reflns.number_obs                       56672 
_reflns.observed_criterion               ? 
_reflns.observed_criterion_F_max         ? 
_reflns.observed_criterion_F_min         ? 
_reflns.observed_criterion_I_max         ? 
_reflns.observed_criterion_I_min         ? 
_reflns.observed_criterion_sigma_F       ? 
_reflns.observed_criterion_sigma_I       ? 
_reflns.percent_possible_obs             99.7 
_reflns.R_free_details                   ? 
_reflns.Rmerge_F_all                     ? 
_reflns.Rmerge_F_obs                     ? 
_reflns.Friedel_coverage                 ? 
_reflns.number_gt                        ? 
_reflns.threshold_expression             ? 
_reflns.pdbx_redundancy                  10.5 
_reflns.pdbx_Rmerge_I_obs                0.045 
_reflns.pdbx_Rmerge_I_all                ? 
_reflns.pdbx_Rsym_value                  0.045 
_reflns.pdbx_netI_over_av_sigmaI         ? 
_reflns.pdbx_netI_over_sigmaI            10.1 
_reflns.pdbx_res_netI_over_av_sigmaI_2   ? 
_reflns.pdbx_res_netI_over_sigmaI_2      ? 
_reflns.pdbx_chi_squared                 ? 
_reflns.pdbx_scaling_rejects             ? 
_reflns.pdbx_d_res_high_opt              ? 
_reflns.pdbx_d_res_low_opt               ? 
_reflns.pdbx_d_res_opt_method            ? 
_reflns.phase_calculation_details        ? 
_reflns.pdbx_Rrim_I_all                  0.048 
_reflns.pdbx_Rpim_I_all                  ? 
_reflns.pdbx_d_opt                       ? 
_reflns.pdbx_number_measured_all         ? 
_reflns.pdbx_diffrn_id                   1 
_reflns.pdbx_ordinal                     1 
_reflns.pdbx_CC_half                     ? 
_reflns.pdbx_R_split                     ? 
# 
_reflns_shell.d_res_high                  1.06 
_reflns_shell.d_res_low                   1.12 
_reflns_shell.meanI_over_sigI_all         ? 
_reflns_shell.meanI_over_sigI_obs         3.4 
_reflns_shell.number_measured_all         ? 
_reflns_shell.number_measured_obs         ? 
_reflns_shell.number_possible             ? 
_reflns_shell.number_unique_all           ? 
_reflns_shell.number_unique_obs           8207 
_reflns_shell.percent_possible_all        100 
_reflns_shell.percent_possible_obs        ? 
_reflns_shell.Rmerge_F_all                ? 
_reflns_shell.Rmerge_F_obs                ? 
_reflns_shell.Rmerge_I_all                ? 
_reflns_shell.Rmerge_I_obs                0.229 
_reflns_shell.meanI_over_sigI_gt          ? 
_reflns_shell.meanI_over_uI_all           ? 
_reflns_shell.meanI_over_uI_gt            ? 
_reflns_shell.number_measured_gt          ? 
_reflns_shell.number_unique_gt            ? 
_reflns_shell.percent_possible_gt         ? 
_reflns_shell.Rmerge_F_gt                 ? 
_reflns_shell.Rmerge_I_gt                 ? 
_reflns_shell.pdbx_redundancy             10.3 
_reflns_shell.pdbx_Rsym_value             0.229 
_reflns_shell.pdbx_chi_squared            ? 
_reflns_shell.pdbx_netI_over_sigmaI_all   ? 
_reflns_shell.pdbx_netI_over_sigmaI_obs   ? 
_reflns_shell.pdbx_Rrim_I_all             0.241 
_reflns_shell.pdbx_Rpim_I_all             ? 
_reflns_shell.pdbx_rejects                ? 
_reflns_shell.pdbx_ordinal                1 
_reflns_shell.pdbx_diffrn_id              1 
_reflns_shell.pdbx_CC_half                ? 
_reflns_shell.pdbx_R_split                ? 
# 
_refine.aniso_B[1][1]                            0.00 
_refine.aniso_B[1][2]                            0.00 
_refine.aniso_B[1][3]                            0.00 
_refine.aniso_B[2][2]                            0.00 
_refine.aniso_B[2][3]                            -0.00 
_refine.aniso_B[3][3]                            -0.00 
_refine.B_iso_max                                ? 
_refine.B_iso_mean                               9.774 
_refine.B_iso_min                                ? 
_refine.correlation_coeff_Fo_to_Fc               0.972 
_refine.correlation_coeff_Fo_to_Fc_free          0.962 
_refine.details                                  'HYDROGENS HAVE BEEN ADDED IN THE RIDING POSITIONS' 
_refine.diff_density_max                         ? 
_refine.diff_density_max_esd                     ? 
_refine.diff_density_min                         ? 
_refine.diff_density_min_esd                     ? 
_refine.diff_density_rms                         ? 
_refine.diff_density_rms_esd                     ? 
_refine.entry_id                                 6JK4 
_refine.pdbx_refine_id                           'X-RAY DIFFRACTION' 
_refine.ls_abs_structure_details                 ? 
_refine.ls_abs_structure_Flack                   ? 
_refine.ls_abs_structure_Flack_esd               ? 
_refine.ls_abs_structure_Rogers                  ? 
_refine.ls_abs_structure_Rogers_esd              ? 
_refine.ls_d_res_high                            1.06 
_refine.ls_d_res_low                             19.04 
_refine.ls_extinction_coef                       ? 
_refine.ls_extinction_coef_esd                   ? 
_refine.ls_extinction_expression                 ? 
_refine.ls_extinction_method                     ? 
_refine.ls_goodness_of_fit_all                   ? 
_refine.ls_goodness_of_fit_all_esd               ? 
_refine.ls_goodness_of_fit_obs                   ? 
_refine.ls_goodness_of_fit_obs_esd               ? 
_refine.ls_hydrogen_treatment                    ? 
_refine.ls_matrix_type                           ? 
_refine.ls_number_constraints                    ? 
_refine.ls_number_parameters                     ? 
_refine.ls_number_reflns_all                     ? 
_refine.ls_number_reflns_obs                     53860 
_refine.ls_number_reflns_R_free                  2873 
_refine.ls_number_reflns_R_work                  ? 
_refine.ls_number_restraints                     ? 
_refine.ls_percent_reflns_obs                    99.65 
_refine.ls_percent_reflns_R_free                 5.1 
_refine.ls_R_factor_all                          ? 
_refine.ls_R_factor_obs                          0.15502 
_refine.ls_R_factor_R_free                       0.17418 
_refine.ls_R_factor_R_free_error                 ? 
_refine.ls_R_factor_R_free_error_details         ? 
_refine.ls_R_factor_R_work                       0.15401 
_refine.ls_R_Fsqd_factor_obs                     ? 
_refine.ls_R_I_factor_obs                        ? 
_refine.ls_redundancy_reflns_all                 ? 
_refine.ls_redundancy_reflns_obs                 ? 
_refine.ls_restrained_S_all                      ? 
_refine.ls_restrained_S_obs                      ? 
_refine.ls_shift_over_esd_max                    ? 
_refine.ls_shift_over_esd_mean                   ? 
_refine.ls_structure_factor_coef                 ? 
_refine.ls_weighting_details                     ? 
_refine.ls_weighting_scheme                      ? 
_refine.ls_wR_factor_all                         ? 
_refine.ls_wR_factor_obs                         ? 
_refine.ls_wR_factor_R_free                      ? 
_refine.ls_wR_factor_R_work                      ? 
_refine.occupancy_max                            ? 
_refine.occupancy_min                            ? 
_refine.solvent_model_details                    MASK 
_refine.solvent_model_param_bsol                 ? 
_refine.solvent_model_param_ksol                 ? 
_refine.ls_R_factor_gt                           ? 
_refine.ls_goodness_of_fit_gt                    ? 
_refine.ls_goodness_of_fit_ref                   ? 
_refine.ls_shift_over_su_max                     ? 
_refine.ls_shift_over_su_max_lt                  ? 
_refine.ls_shift_over_su_mean                    ? 
_refine.ls_shift_over_su_mean_lt                 ? 
_refine.pdbx_ls_sigma_I                          ? 
_refine.pdbx_ls_sigma_F                          ? 
_refine.pdbx_ls_sigma_Fsqd                       ? 
_refine.pdbx_data_cutoff_high_absF               ? 
_refine.pdbx_data_cutoff_high_rms_absF           ? 
_refine.pdbx_data_cutoff_low_absF                ? 
_refine.pdbx_isotropic_thermal_model             ? 
_refine.pdbx_ls_cross_valid_method               THROUGHOUT 
_refine.pdbx_method_to_determine_struct          'MOLECULAR REPLACEMENT' 
_refine.pdbx_starting_model                      2ZIB 
_refine.pdbx_stereochemistry_target_values       'MAXIMUM LIKELIHOOD' 
_refine.pdbx_R_Free_selection_details            RANDOM 
_refine.pdbx_stereochem_target_val_spec_case     ? 
_refine.pdbx_overall_ESU_R                       0.027 
_refine.pdbx_overall_ESU_R_Free                  0.029 
_refine.pdbx_solvent_vdw_probe_radii             1.20 
_refine.pdbx_solvent_ion_probe_radii             0.80 
_refine.pdbx_solvent_shrinkage_radii             0.80 
_refine.pdbx_real_space_R                        ? 
_refine.pdbx_density_correlation                 ? 
_refine.pdbx_pd_number_of_powder_patterns        ? 
_refine.pdbx_pd_number_of_points                 ? 
_refine.pdbx_pd_meas_number_of_points            ? 
_refine.pdbx_pd_proc_ls_prof_R_factor            ? 
_refine.pdbx_pd_proc_ls_prof_wR_factor           ? 
_refine.pdbx_pd_Marquardt_correlation_coeff      ? 
_refine.pdbx_pd_Fsqrd_R_factor                   ? 
_refine.pdbx_pd_ls_matrix_band_width             ? 
_refine.pdbx_overall_phase_error                 ? 
_refine.pdbx_overall_SU_R_free_Cruickshank_DPI   ? 
_refine.pdbx_overall_SU_R_free_Blow_DPI          ? 
_refine.pdbx_overall_SU_R_Blow_DPI               ? 
_refine.pdbx_TLS_residual_ADP_flag               ? 
_refine.pdbx_diffrn_id                           1 
_refine.overall_SU_B                             0.324 
_refine.overall_SU_ML                            0.017 
_refine.overall_SU_R_Cruickshank_DPI             ? 
_refine.overall_SU_R_free                        ? 
_refine.overall_FOM_free_R_set                   ? 
_refine.overall_FOM_work_R_set                   ? 
_refine.pdbx_average_fsc_overall                 ? 
_refine.pdbx_average_fsc_work                    ? 
_refine.pdbx_average_fsc_free                    ? 
# 
_refine_hist.pdbx_refine_id                   'X-RAY DIFFRACTION' 
_refine_hist.cycle_id                         1 
_refine_hist.pdbx_number_atoms_protein        983 
_refine_hist.pdbx_number_atoms_nucleic_acid   0 
_refine_hist.pdbx_number_atoms_ligand         1 
_refine_hist.number_atoms_solvent             289 
_refine_hist.number_atoms_total               1273 
_refine_hist.d_res_high                       1.06 
_refine_hist.d_res_low                        19.04 
# 
loop_
_refine_ls_restr.pdbx_refine_id 
_refine_ls_restr.criterion 
_refine_ls_restr.dev_ideal 
_refine_ls_restr.dev_ideal_target 
_refine_ls_restr.number 
_refine_ls_restr.rejects 
_refine_ls_restr.type 
_refine_ls_restr.weight 
_refine_ls_restr.pdbx_restraint_function 
'X-RAY DIFFRACTION' ? 0.017  0.014  1029 ? r_bond_refined_d             ? ? 
'X-RAY DIFFRACTION' ? 0.001  0.017  859  ? r_bond_other_d               ? ? 
'X-RAY DIFFRACTION' ? 1.931  1.648  1408 ? r_angle_refined_deg          ? ? 
'X-RAY DIFFRACTION' ? 2.453  1.645  2021 ? r_angle_other_deg            ? ? 
'X-RAY DIFFRACTION' ? 7.308  5.000  127  ? r_dihedral_angle_1_deg       ? ? 
'X-RAY DIFFRACTION' ? 36.844 24.773 44   ? r_dihedral_angle_2_deg       ? ? 
'X-RAY DIFFRACTION' ? 11.003 15.000 161  ? r_dihedral_angle_3_deg       ? ? 
'X-RAY DIFFRACTION' ? 13.983 15.000 1    ? r_dihedral_angle_4_deg       ? ? 
'X-RAY DIFFRACTION' ? 0.120  0.200  137  ? r_chiral_restr               ? ? 
'X-RAY DIFFRACTION' ? 0.012  0.020  1135 ? r_gen_planes_refined         ? ? 
'X-RAY DIFFRACTION' ? 0.001  0.020  209  ? r_gen_planes_other           ? ? 
'X-RAY DIFFRACTION' ? ?      ?      ?    ? r_nbd_refined                ? ? 
'X-RAY DIFFRACTION' ? ?      ?      ?    ? r_nbd_other                  ? ? 
'X-RAY DIFFRACTION' ? ?      ?      ?    ? r_nbtor_refined              ? ? 
'X-RAY DIFFRACTION' ? ?      ?      ?    ? r_nbtor_other                ? ? 
'X-RAY DIFFRACTION' ? ?      ?      ?    ? r_xyhbond_nbd_refined        ? ? 
'X-RAY DIFFRACTION' ? ?      ?      ?    ? r_xyhbond_nbd_other          ? ? 
'X-RAY DIFFRACTION' ? ?      ?      ?    ? r_metal_ion_refined          ? ? 
'X-RAY DIFFRACTION' ? ?      ?      ?    ? r_metal_ion_other            ? ? 
'X-RAY DIFFRACTION' ? ?      ?      ?    ? r_symmetry_vdw_refined       ? ? 
'X-RAY DIFFRACTION' ? ?      ?      ?    ? r_symmetry_vdw_other         ? ? 
'X-RAY DIFFRACTION' ? ?      ?      ?    ? r_symmetry_hbond_refined     ? ? 
'X-RAY DIFFRACTION' ? ?      ?      ?    ? r_symmetry_hbond_other       ? ? 
'X-RAY DIFFRACTION' ? ?      ?      ?    ? r_symmetry_metal_ion_refined ? ? 
'X-RAY DIFFRACTION' ? ?      ?      ?    ? r_symmetry_metal_ion_other   ? ? 
'X-RAY DIFFRACTION' ? 0.929  0.708  505  ? r_mcbond_it                  ? ? 
'X-RAY DIFFRACTION' ? 0.908  0.707  504  ? r_mcbond_other               ? ? 
'X-RAY DIFFRACTION' ? 1.382  1.068  630  ? r_mcangle_it                 ? ? 
'X-RAY DIFFRACTION' ? 1.381  1.068  631  ? r_mcangle_other              ? ? 
'X-RAY DIFFRACTION' ? 1.667  0.867  524  ? r_scbond_it                  ? ? 
'X-RAY DIFFRACTION' ? 1.667  0.868  525  ? r_scbond_other               ? ? 
'X-RAY DIFFRACTION' ? ?      ?      ?    ? r_scangle_it                 ? ? 
'X-RAY DIFFRACTION' ? 2.374  1.252  778  ? r_scangle_other              ? ? 
'X-RAY DIFFRACTION' ? 4.181  11.140 1339 ? r_long_range_B_refined       ? ? 
'X-RAY DIFFRACTION' ? 3.571  9.514  1252 ? r_long_range_B_other         ? ? 
'X-RAY DIFFRACTION' ? ?      ?      ?    ? r_rigid_bond_restr           ? ? 
'X-RAY DIFFRACTION' ? ?      ?      ?    ? r_sphericity_free            ? ? 
'X-RAY DIFFRACTION' ? ?      ?      ?    ? r_sphericity_bonded          ? ? 
# 
_refine_ls_shell.pdbx_refine_id                   'X-RAY DIFFRACTION' 
_refine_ls_shell.d_res_high                       1.060 
_refine_ls_shell.d_res_low                        1.087 
_refine_ls_shell.number_reflns_all                ? 
_refine_ls_shell.number_reflns_obs                ? 
_refine_ls_shell.number_reflns_R_free             198 
_refine_ls_shell.number_reflns_R_work             3944 
_refine_ls_shell.percent_reflns_obs               100.00 
_refine_ls_shell.percent_reflns_R_free            ? 
_refine_ls_shell.R_factor_all                     ? 
_refine_ls_shell.R_factor_obs                     ? 
_refine_ls_shell.R_factor_R_free                  0.227 
_refine_ls_shell.R_factor_R_free_error            ? 
_refine_ls_shell.R_factor_R_work                  0.213 
_refine_ls_shell.redundancy_reflns_all            ? 
_refine_ls_shell.redundancy_reflns_obs            ? 
_refine_ls_shell.wR_factor_all                    ? 
_refine_ls_shell.wR_factor_obs                    ? 
_refine_ls_shell.wR_factor_R_free                 ? 
_refine_ls_shell.wR_factor_R_work                 ? 
_refine_ls_shell.pdbx_total_number_of_bins_used   20 
_refine_ls_shell.pdbx_phase_error                 ? 
_refine_ls_shell.pdbx_fsc_work                    ? 
_refine_ls_shell.pdbx_fsc_free                    ? 
# 
_struct.entry_id                     6JK4 
_struct.title                        'Ca2+-dependent type II antifreeze protein' 
_struct.pdbx_model_details           ? 
_struct.pdbx_formula_weight          ? 
_struct.pdbx_formula_weight_method   ? 
_struct.pdbx_model_type_details      ? 
_struct.pdbx_CASP_flag               N 
# 
_struct_keywords.entry_id        6JK4 
_struct_keywords.text            'antifreeze protein, C-type lectin, ice-binding protein' 
_struct_keywords.pdbx_keywords   'ANTIFREEZE PROTEIN' 
# 
loop_
_struct_asym.id 
_struct_asym.pdbx_blank_PDB_chainid_flag 
_struct_asym.pdbx_modified 
_struct_asym.entity_id 
_struct_asym.details 
A N N 1 ? 
B N N 2 ? 
C N N 3 ? 
# 
_struct_ref.id                         1 
_struct_ref.db_name                    UNP 
_struct_ref.db_code                    P84493_9TELE 
_struct_ref.pdbx_db_accession          P84493 
_struct_ref.pdbx_db_isoform            ? 
_struct_ref.entity_id                  1 
_struct_ref.pdbx_seq_one_letter_code   
;ADECPTDWKLFNGTCYLFNPSVLHWADAQESCMKEGASLASIHSLEQYTFVKELTTAALTPSWLGGGDCQVSTRWFWMDG
TSMDFTDWCYAQPDTTLTECCIQMNVGVGKCWDDTPCTHLHSSICAKTST
;
_struct_ref.pdbx_align_begin           18 
# 
_struct_ref_seq.align_id                      1 
_struct_ref_seq.ref_id                        1 
_struct_ref_seq.pdbx_PDB_id_code              6JK4 
_struct_ref_seq.pdbx_strand_id                A 
_struct_ref_seq.seq_align_beg                 7 
_struct_ref_seq.pdbx_seq_align_beg_ins_code   ? 
_struct_ref_seq.seq_align_end                 136 
_struct_ref_seq.pdbx_seq_align_end_ins_code   ? 
_struct_ref_seq.pdbx_db_accession             P84493 
_struct_ref_seq.db_align_beg                  18 
_struct_ref_seq.pdbx_db_align_beg_ins_code    ? 
_struct_ref_seq.db_align_end                  147 
_struct_ref_seq.pdbx_db_align_end_ins_code    ? 
_struct_ref_seq.pdbx_auth_seq_align_beg       1 
_struct_ref_seq.pdbx_auth_seq_align_end       130 
# 
loop_
_struct_ref_seq_dif.align_id 
_struct_ref_seq_dif.pdbx_pdb_id_code 
_struct_ref_seq_dif.mon_id 
_struct_ref_seq_dif.pdbx_pdb_strand_id 
_struct_ref_seq_dif.seq_num 
_struct_ref_seq_dif.pdbx_pdb_ins_code 
_struct_ref_seq_dif.pdbx_seq_db_name 
_struct_ref_seq_dif.pdbx_seq_db_accession_code 
_struct_ref_seq_dif.db_mon_id 
_struct_ref_seq_dif.pdbx_seq_db_seq_num 
_struct_ref_seq_dif.details 
_struct_ref_seq_dif.pdbx_auth_seq_num 
_struct_ref_seq_dif.pdbx_ordinal 
1 6JK4 HIS A 1  ? UNP P84493 ?   ?  'expression tag'      -5 1 
1 6JK4 HIS A 2  ? UNP P84493 ?   ?  'expression tag'      -4 2 
1 6JK4 HIS A 3  ? UNP P84493 ?   ?  'expression tag'      -3 3 
1 6JK4 HIS A 4  ? UNP P84493 ?   ?  'expression tag'      -2 4 
1 6JK4 HIS A 5  ? UNP P84493 ?   ?  'expression tag'      -1 5 
1 6JK4 HIS A 6  ? UNP P84493 ?   ?  'expression tag'      0  6 
1 6JK4 ASP A 18 ? UNP P84493 ASN 29 'engineered mutation' 12 7 
# 
_pdbx_struct_assembly.id                   1 
_pdbx_struct_assembly.details              author_and_software_defined_assembly 
_pdbx_struct_assembly.method_details       PISA 
_pdbx_struct_assembly.oligomeric_details   monomeric 
_pdbx_struct_assembly.oligomeric_count     1 
# 
loop_
_pdbx_struct_assembly_prop.biol_id 
_pdbx_struct_assembly_prop.type 
_pdbx_struct_assembly_prop.value 
_pdbx_struct_assembly_prop.details 
1 'ABSA (A^2)' 90   ? 
1 MORE         -13  ? 
1 'SSA (A^2)'  6580 ? 
# 
_pdbx_struct_assembly_gen.assembly_id       1 
_pdbx_struct_assembly_gen.oper_expression   1 
_pdbx_struct_assembly_gen.asym_id_list      A,B,C 
# 
_pdbx_struct_assembly_auth_evidence.id                     1 
_pdbx_struct_assembly_auth_evidence.assembly_id            1 
_pdbx_struct_assembly_auth_evidence.experimental_support   none 
_pdbx_struct_assembly_auth_evidence.details                ? 
# 
_pdbx_struct_oper_list.id                   1 
_pdbx_struct_oper_list.type                 'identity operation' 
_pdbx_struct_oper_list.name                 1_555 
_pdbx_struct_oper_list.symmetry_operation   x,y,z 
_pdbx_struct_oper_list.matrix[1][1]         1.0000000000 
_pdbx_struct_oper_list.matrix[1][2]         0.0000000000 
_pdbx_struct_oper_list.matrix[1][3]         0.0000000000 
_pdbx_struct_oper_list.vector[1]            0.0000000000 
_pdbx_struct_oper_list.matrix[2][1]         0.0000000000 
_pdbx_struct_oper_list.matrix[2][2]         1.0000000000 
_pdbx_struct_oper_list.matrix[2][3]         0.0000000000 
_pdbx_struct_oper_list.vector[2]            0.0000000000 
_pdbx_struct_oper_list.matrix[3][1]         0.0000000000 
_pdbx_struct_oper_list.matrix[3][2]         0.0000000000 
_pdbx_struct_oper_list.matrix[3][3]         1.0000000000 
_pdbx_struct_oper_list.vector[3]            0.0000000000 
# 
loop_
_struct_conf.conf_type_id 
_struct_conf.id 
_struct_conf.pdbx_PDB_helix_id 
_struct_conf.beg_label_comp_id 
_struct_conf.beg_label_asym_id 
_struct_conf.beg_label_seq_id 
_struct_conf.pdbx_beg_PDB_ins_code 
_struct_conf.end_label_comp_id 
_struct_conf.end_label_asym_id 
_struct_conf.end_label_seq_id 
_struct_conf.pdbx_end_PDB_ins_code 
_struct_conf.beg_auth_comp_id 
_struct_conf.beg_auth_asym_id 
_struct_conf.beg_auth_seq_id 
_struct_conf.end_auth_comp_id 
_struct_conf.end_auth_asym_id 
_struct_conf.end_auth_seq_id 
_struct_conf.pdbx_PDB_helix_class 
_struct_conf.details 
_struct_conf.pdbx_PDB_helix_length 
HELX_P HELX_P1 AA1 HIS A 30  ? GLU A 41  ? HIS A 24 GLU A 35 1 ? 12 
HELX_P HELX_P2 AA2 SER A 50  ? GLU A 59  ? SER A 44 GLU A 53 1 ? 10 
HELX_P HELX_P3 AA3 THR A 102 ? GLU A 105 ? THR A 96 GLU A 99 5 ? 4  
# 
_struct_conf_type.id          HELX_P 
_struct_conf_type.criteria    ? 
_struct_conf_type.reference   ? 
# 
loop_
_struct_conn.id 
_struct_conn.conn_type_id 
_struct_conn.pdbx_leaving_atom_flag 
_struct_conn.pdbx_PDB_id 
_struct_conn.ptnr1_label_asym_id 
_struct_conn.ptnr1_label_comp_id 
_struct_conn.ptnr1_label_seq_id 
_struct_conn.ptnr1_label_atom_id 
_struct_conn.pdbx_ptnr1_label_alt_id 
_struct_conn.pdbx_ptnr1_PDB_ins_code 
_struct_conn.pdbx_ptnr1_standard_comp_id 
_struct_conn.ptnr1_symmetry 
_struct_conn.ptnr2_label_asym_id 
_struct_conn.ptnr2_label_comp_id 
_struct_conn.ptnr2_label_seq_id 
_struct_conn.ptnr2_label_atom_id 
_struct_conn.pdbx_ptnr2_label_alt_id 
_struct_conn.pdbx_ptnr2_PDB_ins_code 
_struct_conn.ptnr1_auth_asym_id 
_struct_conn.ptnr1_auth_comp_id 
_struct_conn.ptnr1_auth_seq_id 
_struct_conn.ptnr2_auth_asym_id 
_struct_conn.ptnr2_auth_comp_id 
_struct_conn.ptnr2_auth_seq_id 
_struct_conn.ptnr2_symmetry 
_struct_conn.pdbx_ptnr3_label_atom_id 
_struct_conn.pdbx_ptnr3_label_seq_id 
_struct_conn.pdbx_ptnr3_label_comp_id 
_struct_conn.pdbx_ptnr3_label_asym_id 
_struct_conn.pdbx_ptnr3_label_alt_id 
_struct_conn.pdbx_ptnr3_PDB_ins_code 
_struct_conn.details 
_struct_conn.pdbx_dist_value 
_struct_conn.pdbx_value_order 
_struct_conn.pdbx_role 
disulf1 disulf ? ? A CYS 10  SG  ? ? ? 1_555 A CYS 21  SG ? ? A CYS 4   A CYS 15  1_555 ? ? ? ? ? ? ? 2.060 ? ? 
disulf2 disulf ? ? A CYS 38  SG  ? ? ? 1_555 A CYS 131 SG ? ? A CYS 32  A CYS 125 1_555 ? ? ? ? ? ? ? 2.048 ? ? 
disulf3 disulf ? ? A CYS 75  SG  ? ? ? 1_555 A CYS 106 SG ? ? A CYS 69  A CYS 100 1_555 ? ? ? ? ? ? ? 2.041 ? ? 
disulf4 disulf ? ? A CYS 95  SG  ? ? ? 1_555 A CYS 117 SG ? ? A CYS 89  A CYS 111 1_555 ? ? ? ? ? ? ? 2.076 ? ? 
disulf5 disulf ? ? A CYS 107 SG  ? ? ? 1_555 A CYS 123 SG ? ? A CYS 101 A CYS 117 1_555 ? ? ? ? ? ? ? 2.049 ? ? 
metalc1 metalc ? ? A GLN 98  OE1 ? ? ? 1_555 B CA  .   CA ? ? A GLN 92  A CA  201 1_555 ? ? ? ? ? ? ? 2.391 ? ? 
metalc2 metalc ? ? A ASP 100 OD2 ? ? ? 1_555 B CA  .   CA ? ? A ASP 94  A CA  201 1_555 ? ? ? ? ? ? ? 2.335 ? ? 
metalc3 metalc ? ? A GLU 105 OE1 ? ? ? 1_555 B CA  .   CA ? ? A GLU 99  A CA  201 1_555 ? ? ? ? ? ? ? 2.366 ? ? 
metalc4 metalc ? ? A ASP 119 OD1 ? ? ? 1_555 B CA  .   CA ? ? A ASP 113 A CA  201 1_555 ? ? ? ? ? ? ? 2.491 ? ? 
metalc5 metalc ? ? A ASP 120 O   ? ? ? 1_555 B CA  .   CA ? ? A ASP 114 A CA  201 1_555 ? ? ? ? ? ? ? 2.309 ? ? 
metalc6 metalc ? ? A ASP 120 OD1 ? ? ? 1_555 B CA  .   CA ? ? A ASP 114 A CA  201 1_555 ? ? ? ? ? ? ? 2.415 ? ? 
metalc7 metalc ? ? B CA  .   CA  ? ? ? 1_555 C HOH .   O  ? ? A CA  201 A HOH 422 1_555 ? ? ? ? ? ? ? 2.409 ? ? 
# 
loop_
_struct_conn_type.id 
_struct_conn_type.criteria 
_struct_conn_type.reference 
disulf ? ? 
metalc ? ? 
# 
loop_
_pdbx_struct_conn_angle.id 
_pdbx_struct_conn_angle.ptnr1_label_atom_id 
_pdbx_struct_conn_angle.ptnr1_label_alt_id 
_pdbx_struct_conn_angle.ptnr1_label_asym_id 
_pdbx_struct_conn_angle.ptnr1_label_comp_id 
_pdbx_struct_conn_angle.ptnr1_label_seq_id 
_pdbx_struct_conn_angle.ptnr1_auth_atom_id 
_pdbx_struct_conn_angle.ptnr1_auth_asym_id 
_pdbx_struct_conn_angle.ptnr1_auth_comp_id 
_pdbx_struct_conn_angle.ptnr1_auth_seq_id 
_pdbx_struct_conn_angle.ptnr1_PDB_ins_code 
_pdbx_struct_conn_angle.ptnr1_symmetry 
_pdbx_struct_conn_angle.ptnr2_label_atom_id 
_pdbx_struct_conn_angle.ptnr2_label_alt_id 
_pdbx_struct_conn_angle.ptnr2_label_asym_id 
_pdbx_struct_conn_angle.ptnr2_label_comp_id 
_pdbx_struct_conn_angle.ptnr2_label_seq_id 
_pdbx_struct_conn_angle.ptnr2_auth_atom_id 
_pdbx_struct_conn_angle.ptnr2_auth_asym_id 
_pdbx_struct_conn_angle.ptnr2_auth_comp_id 
_pdbx_struct_conn_angle.ptnr2_auth_seq_id 
_pdbx_struct_conn_angle.ptnr2_PDB_ins_code 
_pdbx_struct_conn_angle.ptnr2_symmetry 
_pdbx_struct_conn_angle.ptnr3_label_atom_id 
_pdbx_struct_conn_angle.ptnr3_label_alt_id 
_pdbx_struct_conn_angle.ptnr3_label_asym_id 
_pdbx_struct_conn_angle.ptnr3_label_comp_id 
_pdbx_struct_conn_angle.ptnr3_label_seq_id 
_pdbx_struct_conn_angle.ptnr3_auth_atom_id 
_pdbx_struct_conn_angle.ptnr3_auth_asym_id 
_pdbx_struct_conn_angle.ptnr3_auth_comp_id 
_pdbx_struct_conn_angle.ptnr3_auth_seq_id 
_pdbx_struct_conn_angle.ptnr3_PDB_ins_code 
_pdbx_struct_conn_angle.ptnr3_symmetry 
_pdbx_struct_conn_angle.value 
_pdbx_struct_conn_angle.value_esd 
1  OE1 ? A GLN 98  ? A GLN 92  ? 1_555 CA ? B CA . ? A CA 201 ? 1_555 OD2 ? A ASP 100 ? A ASP 94  ? 1_555 80.7  ? 
2  OE1 ? A GLN 98  ? A GLN 92  ? 1_555 CA ? B CA . ? A CA 201 ? 1_555 OE1 ? A GLU 105 ? A GLU 99  ? 1_555 157.6 ? 
3  OD2 ? A ASP 100 ? A ASP 94  ? 1_555 CA ? B CA . ? A CA 201 ? 1_555 OE1 ? A GLU 105 ? A GLU 99  ? 1_555 77.2  ? 
4  OE1 ? A GLN 98  ? A GLN 92  ? 1_555 CA ? B CA . ? A CA 201 ? 1_555 OD1 ? A ASP 119 ? A ASP 113 ? 1_555 74.0  ? 
5  OD2 ? A ASP 100 ? A ASP 94  ? 1_555 CA ? B CA . ? A CA 201 ? 1_555 OD1 ? A ASP 119 ? A ASP 113 ? 1_555 144.2 ? 
6  OE1 ? A GLU 105 ? A GLU 99  ? 1_555 CA ? B CA . ? A CA 201 ? 1_555 OD1 ? A ASP 119 ? A ASP 113 ? 1_555 124.2 ? 
7  OE1 ? A GLN 98  ? A GLN 92  ? 1_555 CA ? B CA . ? A CA 201 ? 1_555 O   ? A ASP 120 ? A ASP 114 ? 1_555 119.6 ? 
8  OD2 ? A ASP 100 ? A ASP 94  ? 1_555 CA ? B CA . ? A CA 201 ? 1_555 O   ? A ASP 120 ? A ASP 114 ? 1_555 146.5 ? 
9  OE1 ? A GLU 105 ? A GLU 99  ? 1_555 CA ? B CA . ? A CA 201 ? 1_555 O   ? A ASP 120 ? A ASP 114 ? 1_555 81.4  ? 
10 OD1 ? A ASP 119 ? A ASP 113 ? 1_555 CA ? B CA . ? A CA 201 ? 1_555 O   ? A ASP 120 ? A ASP 114 ? 1_555 69.2  ? 
11 OE1 ? A GLN 98  ? A GLN 92  ? 1_555 CA ? B CA . ? A CA 201 ? 1_555 OD1 ? A ASP 120 ? A ASP 114 ? 1_555 73.2  ? 
12 OD2 ? A ASP 100 ? A ASP 94  ? 1_555 CA ? B CA . ? A CA 201 ? 1_555 OD1 ? A ASP 120 ? A ASP 114 ? 1_555 85.7  ? 
13 OE1 ? A GLU 105 ? A GLU 99  ? 1_555 CA ? B CA . ? A CA 201 ? 1_555 OD1 ? A ASP 120 ? A ASP 114 ? 1_555 107.6 ? 
14 OD1 ? A ASP 119 ? A ASP 113 ? 1_555 CA ? B CA . ? A CA 201 ? 1_555 OD1 ? A ASP 120 ? A ASP 114 ? 1_555 110.0 ? 
15 O   ? A ASP 120 ? A ASP 114 ? 1_555 CA ? B CA . ? A CA 201 ? 1_555 OD1 ? A ASP 120 ? A ASP 114 ? 1_555 76.6  ? 
16 OE1 ? A GLN 98  ? A GLN 92  ? 1_555 CA ? B CA . ? A CA 201 ? 1_555 O   ? C HOH .   ? A HOH 422 ? 1_555 91.6  ? 
17 OD2 ? A ASP 100 ? A ASP 94  ? 1_555 CA ? B CA . ? A CA 201 ? 1_555 O   ? C HOH .   ? A HOH 422 ? 1_555 83.6  ? 
18 OE1 ? A GLU 105 ? A GLU 99  ? 1_555 CA ? B CA . ? A CA 201 ? 1_555 O   ? C HOH .   ? A HOH 422 ? 1_555 83.2  ? 
19 OD1 ? A ASP 119 ? A ASP 113 ? 1_555 CA ? B CA . ? A CA 201 ? 1_555 O   ? C HOH .   ? A HOH 422 ? 1_555 72.5  ? 
20 O   ? A ASP 120 ? A ASP 114 ? 1_555 CA ? B CA . ? A CA 201 ? 1_555 O   ? C HOH .   ? A HOH 422 ? 1_555 119.1 ? 
21 OD1 ? A ASP 120 ? A ASP 114 ? 1_555 CA ? B CA . ? A CA 201 ? 1_555 O   ? C HOH .   ? A HOH 422 ? 1_555 162.7 ? 
# 
loop_
_pdbx_modification_feature.ordinal 
_pdbx_modification_feature.label_comp_id 
_pdbx_modification_feature.label_asym_id 
_pdbx_modification_feature.label_seq_id 
_pdbx_modification_feature.label_alt_id 
_pdbx_modification_feature.modified_residue_label_comp_id 
_pdbx_modification_feature.modified_residue_label_asym_id 
_pdbx_modification_feature.modified_residue_label_seq_id 
_pdbx_modification_feature.modified_residue_label_alt_id 
_pdbx_modification_feature.auth_comp_id 
_pdbx_modification_feature.auth_asym_id 
_pdbx_modification_feature.auth_seq_id 
_pdbx_modification_feature.PDB_ins_code 
_pdbx_modification_feature.symmetry 
_pdbx_modification_feature.modified_residue_auth_comp_id 
_pdbx_modification_feature.modified_residue_auth_asym_id 
_pdbx_modification_feature.modified_residue_auth_seq_id 
_pdbx_modification_feature.modified_residue_PDB_ins_code 
_pdbx_modification_feature.modified_residue_symmetry 
_pdbx_modification_feature.comp_id_linking_atom 
_pdbx_modification_feature.modified_residue_id_linking_atom 
_pdbx_modification_feature.modified_residue_id 
_pdbx_modification_feature.ref_pcm_id 
_pdbx_modification_feature.ref_comp_id 
_pdbx_modification_feature.type 
_pdbx_modification_feature.category 
1 CYS A 10  ? CYS A 21  ? CYS A 4   ? 1_555 CYS A 15  ? 1_555 SG SG . . . None 'Disulfide bridge' 
2 CYS A 38  ? CYS A 131 ? CYS A 32  ? 1_555 CYS A 125 ? 1_555 SG SG . . . None 'Disulfide bridge' 
3 CYS A 75  ? CYS A 106 ? CYS A 69  ? 1_555 CYS A 100 ? 1_555 SG SG . . . None 'Disulfide bridge' 
4 CYS A 95  ? CYS A 117 ? CYS A 89  ? 1_555 CYS A 111 ? 1_555 SG SG . . . None 'Disulfide bridge' 
5 CYS A 107 ? CYS A 123 ? CYS A 101 ? 1_555 CYS A 117 ? 1_555 SG SG . . . None 'Disulfide bridge' 
# 
_struct_mon_prot_cis.pdbx_id                1 
_struct_mon_prot_cis.label_comp_id          GLN 
_struct_mon_prot_cis.label_seq_id           98 
_struct_mon_prot_cis.label_asym_id          A 
_struct_mon_prot_cis.label_alt_id           . 
_struct_mon_prot_cis.pdbx_PDB_ins_code      ? 
_struct_mon_prot_cis.auth_comp_id           GLN 
_struct_mon_prot_cis.auth_seq_id            92 
_struct_mon_prot_cis.auth_asym_id           A 
_struct_mon_prot_cis.pdbx_label_comp_id_2   PRO 
_struct_mon_prot_cis.pdbx_label_seq_id_2    99 
_struct_mon_prot_cis.pdbx_label_asym_id_2   A 
_struct_mon_prot_cis.pdbx_PDB_ins_code_2    ? 
_struct_mon_prot_cis.pdbx_auth_comp_id_2    PRO 
_struct_mon_prot_cis.pdbx_auth_seq_id_2     93 
_struct_mon_prot_cis.pdbx_auth_asym_id_2    A 
_struct_mon_prot_cis.pdbx_PDB_model_num     1 
_struct_mon_prot_cis.pdbx_omega_angle       -12.30 
# 
loop_
_struct_sheet.id 
_struct_sheet.type 
_struct_sheet.number_strands 
_struct_sheet.details 
AA1 ? 5 ? 
AA2 ? 5 ? 
# 
loop_
_struct_sheet_order.sheet_id 
_struct_sheet_order.range_id_1 
_struct_sheet_order.range_id_2 
_struct_sheet_order.offset 
_struct_sheet_order.sense 
AA1 1 2 ? anti-parallel 
AA1 2 3 ? anti-parallel 
AA1 3 4 ? parallel      
AA1 4 5 ? anti-parallel 
AA2 1 2 ? anti-parallel 
AA2 2 3 ? parallel      
AA2 3 4 ? anti-parallel 
AA2 4 5 ? anti-parallel 
# 
loop_
_struct_sheet_range.sheet_id 
_struct_sheet_range.id 
_struct_sheet_range.beg_label_comp_id 
_struct_sheet_range.beg_label_asym_id 
_struct_sheet_range.beg_label_seq_id 
_struct_sheet_range.pdbx_beg_PDB_ins_code 
_struct_sheet_range.end_label_comp_id 
_struct_sheet_range.end_label_asym_id 
_struct_sheet_range.end_label_seq_id 
_struct_sheet_range.pdbx_end_PDB_ins_code 
_struct_sheet_range.beg_auth_comp_id 
_struct_sheet_range.beg_auth_asym_id 
_struct_sheet_range.beg_auth_seq_id 
_struct_sheet_range.end_auth_comp_id 
_struct_sheet_range.end_auth_asym_id 
_struct_sheet_range.end_auth_seq_id 
AA1 1 LYS A 15  ? PHE A 17  ? LYS A 9   PHE A 11  
AA1 2 THR A 20  ? LEU A 29  ? THR A 14  LEU A 23  
AA1 3 HIS A 127 ? LYS A 133 ? HIS A 121 LYS A 127 
AA1 4 SER A 68  ? GLY A 73  ? SER A 62  GLY A 67  
AA1 5 PHE A 82  ? TRP A 83  ? PHE A 76  TRP A 77  
AA2 1 SER A 44  ? LEU A 45  ? SER A 38  LEU A 39  
AA2 2 HIS A 127 ? LYS A 133 ? HIS A 121 LYS A 127 
AA2 3 SER A 68  ? GLY A 73  ? SER A 62  GLY A 67  
AA2 4 CYS A 107 ? VAL A 112 ? CYS A 101 VAL A 106 
AA2 5 CYS A 117 ? THR A 121 ? CYS A 111 THR A 115 
# 
loop_
_pdbx_struct_sheet_hbond.sheet_id 
_pdbx_struct_sheet_hbond.range_id_1 
_pdbx_struct_sheet_hbond.range_id_2 
_pdbx_struct_sheet_hbond.range_1_label_atom_id 
_pdbx_struct_sheet_hbond.range_1_label_comp_id 
_pdbx_struct_sheet_hbond.range_1_label_asym_id 
_pdbx_struct_sheet_hbond.range_1_label_seq_id 
_pdbx_struct_sheet_hbond.range_1_PDB_ins_code 
_pdbx_struct_sheet_hbond.range_1_auth_atom_id 
_pdbx_struct_sheet_hbond.range_1_auth_comp_id 
_pdbx_struct_sheet_hbond.range_1_auth_asym_id 
_pdbx_struct_sheet_hbond.range_1_auth_seq_id 
_pdbx_struct_sheet_hbond.range_2_label_atom_id 
_pdbx_struct_sheet_hbond.range_2_label_comp_id 
_pdbx_struct_sheet_hbond.range_2_label_asym_id 
_pdbx_struct_sheet_hbond.range_2_label_seq_id 
_pdbx_struct_sheet_hbond.range_2_PDB_ins_code 
_pdbx_struct_sheet_hbond.range_2_auth_atom_id 
_pdbx_struct_sheet_hbond.range_2_auth_comp_id 
_pdbx_struct_sheet_hbond.range_2_auth_asym_id 
_pdbx_struct_sheet_hbond.range_2_auth_seq_id 
AA1 1 2 N LYS A 15  ? N LYS A 9   O TYR A 22  ? O TYR A 16  
AA1 2 3 N CYS A 21  ? N CYS A 15  O LYS A 133 ? O LYS A 127 
AA1 3 4 O SER A 128 ? O SER A 122 N TRP A 69  ? N TRP A 63  
AA1 4 5 N GLY A 73  ? N GLY A 67  O PHE A 82  ? O PHE A 76  
AA2 1 2 N SER A 44  ? N SER A 38  O ALA A 132 ? O ALA A 126 
AA2 2 3 O SER A 128 ? O SER A 122 N TRP A 69  ? N TRP A 63  
AA2 3 4 N SER A 68  ? N SER A 62  O MET A 110 ? O MET A 104 
AA2 4 5 N CYS A 107 ? N CYS A 101 O THR A 121 ? O THR A 115 
# 
_struct_site.id                   AC1 
_struct_site.pdbx_evidence_code   Software 
_struct_site.pdbx_auth_asym_id    A 
_struct_site.pdbx_auth_comp_id    CA 
_struct_site.pdbx_auth_seq_id     201 
_struct_site.pdbx_auth_ins_code   ? 
_struct_site.pdbx_num_residues    6 
_struct_site.details              'binding site for residue CA A 201' 
# 
loop_
_struct_site_gen.id 
_struct_site_gen.site_id 
_struct_site_gen.pdbx_num_res 
_struct_site_gen.label_comp_id 
_struct_site_gen.label_asym_id 
_struct_site_gen.label_seq_id 
_struct_site_gen.pdbx_auth_ins_code 
_struct_site_gen.auth_comp_id 
_struct_site_gen.auth_asym_id 
_struct_site_gen.auth_seq_id 
_struct_site_gen.label_atom_id 
_struct_site_gen.label_alt_id 
_struct_site_gen.symmetry 
_struct_site_gen.details 
1 AC1 6 GLN A 98  ? GLN A 92  . ? 1_555 ? 
2 AC1 6 ASP A 100 ? ASP A 94  . ? 1_555 ? 
3 AC1 6 GLU A 105 ? GLU A 99  . ? 1_555 ? 
4 AC1 6 ASP A 119 ? ASP A 113 . ? 1_555 ? 
5 AC1 6 ASP A 120 ? ASP A 114 . ? 1_555 ? 
6 AC1 6 HOH C .   ? HOH A 422 . ? 1_555 ? 
# 
_pdbx_entry_details.entry_id                   6JK4 
_pdbx_entry_details.compound_details           ? 
_pdbx_entry_details.source_details             ? 
_pdbx_entry_details.nonpolymer_details         ? 
_pdbx_entry_details.sequence_details           ? 
_pdbx_entry_details.has_ligand_of_interest     ? 
_pdbx_entry_details.has_protein_modification   Y 
# 
_pdbx_validate_rmsd_bond.id                        1 
_pdbx_validate_rmsd_bond.PDB_model_num             1 
_pdbx_validate_rmsd_bond.auth_atom_id_1            CG 
_pdbx_validate_rmsd_bond.auth_asym_id_1            A 
_pdbx_validate_rmsd_bond.auth_comp_id_1            MET 
_pdbx_validate_rmsd_bond.auth_seq_id_1             104 
_pdbx_validate_rmsd_bond.PDB_ins_code_1            ? 
_pdbx_validate_rmsd_bond.label_alt_id_1            ? 
_pdbx_validate_rmsd_bond.auth_atom_id_2            SD 
_pdbx_validate_rmsd_bond.auth_asym_id_2            A 
_pdbx_validate_rmsd_bond.auth_comp_id_2            MET 
_pdbx_validate_rmsd_bond.auth_seq_id_2             104 
_pdbx_validate_rmsd_bond.PDB_ins_code_2            ? 
_pdbx_validate_rmsd_bond.label_alt_id_2            B 
_pdbx_validate_rmsd_bond.bond_value                1.521 
_pdbx_validate_rmsd_bond.bond_target_value         1.807 
_pdbx_validate_rmsd_bond.bond_deviation            -0.286 
_pdbx_validate_rmsd_bond.bond_standard_deviation   0.026 
_pdbx_validate_rmsd_bond.linker_flag               N 
# 
loop_
_pdbx_validate_torsion.id 
_pdbx_validate_torsion.PDB_model_num 
_pdbx_validate_torsion.auth_comp_id 
_pdbx_validate_torsion.auth_asym_id 
_pdbx_validate_torsion.auth_seq_id 
_pdbx_validate_torsion.PDB_ins_code 
_pdbx_validate_torsion.label_alt_id 
_pdbx_validate_torsion.phi 
_pdbx_validate_torsion.psi 
1 1 ASP A 7  ? ? 88.76   -27.22 
2 1 THR A 55 ? ? -96.80  30.30  
3 1 THR A 56 ? ? 76.17   169.87 
4 1 THR A 73 ? ? 79.22   -7.11  
5 1 ASP A 84 ? ? -127.11 -78.91 
# 
loop_
_pdbx_struct_special_symmetry.id 
_pdbx_struct_special_symmetry.PDB_model_num 
_pdbx_struct_special_symmetry.auth_asym_id 
_pdbx_struct_special_symmetry.auth_comp_id 
_pdbx_struct_special_symmetry.auth_seq_id 
_pdbx_struct_special_symmetry.PDB_ins_code 
_pdbx_struct_special_symmetry.label_asym_id 
_pdbx_struct_special_symmetry.label_comp_id 
_pdbx_struct_special_symmetry.label_seq_id 
1 1 A HOH 353 ? C HOH . 
2 1 A HOH 475 ? C HOH . 
3 1 A HOH 586 ? C HOH . 
# 
loop_
_pdbx_distant_solvent_atoms.id 
_pdbx_distant_solvent_atoms.PDB_model_num 
_pdbx_distant_solvent_atoms.auth_atom_id 
_pdbx_distant_solvent_atoms.label_alt_id 
_pdbx_distant_solvent_atoms.auth_asym_id 
_pdbx_distant_solvent_atoms.auth_comp_id 
_pdbx_distant_solvent_atoms.auth_seq_id 
_pdbx_distant_solvent_atoms.PDB_ins_code 
_pdbx_distant_solvent_atoms.neighbor_macromolecule_distance 
_pdbx_distant_solvent_atoms.neighbor_ligand_distance 
1 1 O ? A HOH 586 ? 6.08 . 
2 1 O ? A HOH 587 ? 6.13 . 
3 1 O ? A HOH 588 ? 6.52 . 
4 1 O ? A HOH 589 ? 6.61 . 
# 
loop_
_pdbx_unobs_or_zero_occ_residues.id 
_pdbx_unobs_or_zero_occ_residues.PDB_model_num 
_pdbx_unobs_or_zero_occ_residues.polymer_flag 
_pdbx_unobs_or_zero_occ_residues.occupancy_flag 
_pdbx_unobs_or_zero_occ_residues.auth_asym_id 
_pdbx_unobs_or_zero_occ_residues.auth_comp_id 
_pdbx_unobs_or_zero_occ_residues.auth_seq_id 
_pdbx_unobs_or_zero_occ_residues.PDB_ins_code 
_pdbx_unobs_or_zero_occ_residues.label_asym_id 
_pdbx_unobs_or_zero_occ_residues.label_comp_id 
_pdbx_unobs_or_zero_occ_residues.label_seq_id 
1  1 Y 1 A HIS -5  ? A HIS 1   
2  1 Y 1 A HIS -4  ? A HIS 2   
3  1 Y 1 A HIS -3  ? A HIS 3   
4  1 Y 1 A HIS -2  ? A HIS 4   
5  1 Y 1 A HIS -1  ? A HIS 5   
6  1 Y 1 A HIS 0   ? A HIS 6   
7  1 Y 1 A ALA 1   ? A ALA 7   
8  1 Y 1 A ASP 2   ? A ASP 8   
9  1 Y 1 A SER 129 ? A SER 135 
10 1 Y 1 A THR 130 ? A THR 136 
# 
loop_
_chem_comp_atom.comp_id 
_chem_comp_atom.atom_id 
_chem_comp_atom.type_symbol 
_chem_comp_atom.pdbx_aromatic_flag 
_chem_comp_atom.pdbx_stereo_config 
_chem_comp_atom.pdbx_ordinal 
ALA N    N  N N 1   
ALA CA   C  N S 2   
ALA C    C  N N 3   
ALA O    O  N N 4   
ALA CB   C  N N 5   
ALA OXT  O  N N 6   
ALA H    H  N N 7   
ALA H2   H  N N 8   
ALA HA   H  N N 9   
ALA HB1  H  N N 10  
ALA HB2  H  N N 11  
ALA HB3  H  N N 12  
ALA HXT  H  N N 13  
ARG N    N  N N 14  
ARG CA   C  N S 15  
ARG C    C  N N 16  
ARG O    O  N N 17  
ARG CB   C  N N 18  
ARG CG   C  N N 19  
ARG CD   C  N N 20  
ARG NE   N  N N 21  
ARG CZ   C  N N 22  
ARG NH1  N  N N 23  
ARG NH2  N  N N 24  
ARG OXT  O  N N 25  
ARG H    H  N N 26  
ARG H2   H  N N 27  
ARG HA   H  N N 28  
ARG HB2  H  N N 29  
ARG HB3  H  N N 30  
ARG HG2  H  N N 31  
ARG HG3  H  N N 32  
ARG HD2  H  N N 33  
ARG HD3  H  N N 34  
ARG HE   H  N N 35  
ARG HH11 H  N N 36  
ARG HH12 H  N N 37  
ARG HH21 H  N N 38  
ARG HH22 H  N N 39  
ARG HXT  H  N N 40  
ASN N    N  N N 41  
ASN CA   C  N S 42  
ASN C    C  N N 43  
ASN O    O  N N 44  
ASN CB   C  N N 45  
ASN CG   C  N N 46  
ASN OD1  O  N N 47  
ASN ND2  N  N N 48  
ASN OXT  O  N N 49  
ASN H    H  N N 50  
ASN H2   H  N N 51  
ASN HA   H  N N 52  
ASN HB2  H  N N 53  
ASN HB3  H  N N 54  
ASN HD21 H  N N 55  
ASN HD22 H  N N 56  
ASN HXT  H  N N 57  
ASP N    N  N N 58  
ASP CA   C  N S 59  
ASP C    C  N N 60  
ASP O    O  N N 61  
ASP CB   C  N N 62  
ASP CG   C  N N 63  
ASP OD1  O  N N 64  
ASP OD2  O  N N 65  
ASP OXT  O  N N 66  
ASP H    H  N N 67  
ASP H2   H  N N 68  
ASP HA   H  N N 69  
ASP HB2  H  N N 70  
ASP HB3  H  N N 71  
ASP HD2  H  N N 72  
ASP HXT  H  N N 73  
CA  CA   CA N N 74  
CYS N    N  N N 75  
CYS CA   C  N R 76  
CYS C    C  N N 77  
CYS O    O  N N 78  
CYS CB   C  N N 79  
CYS SG   S  N N 80  
CYS OXT  O  N N 81  
CYS H    H  N N 82  
CYS H2   H  N N 83  
CYS HA   H  N N 84  
CYS HB2  H  N N 85  
CYS HB3  H  N N 86  
CYS HG   H  N N 87  
CYS HXT  H  N N 88  
GLN N    N  N N 89  
GLN CA   C  N S 90  
GLN C    C  N N 91  
GLN O    O  N N 92  
GLN CB   C  N N 93  
GLN CG   C  N N 94  
GLN CD   C  N N 95  
GLN OE1  O  N N 96  
GLN NE2  N  N N 97  
GLN OXT  O  N N 98  
GLN H    H  N N 99  
GLN H2   H  N N 100 
GLN HA   H  N N 101 
GLN HB2  H  N N 102 
GLN HB3  H  N N 103 
GLN HG2  H  N N 104 
GLN HG3  H  N N 105 
GLN HE21 H  N N 106 
GLN HE22 H  N N 107 
GLN HXT  H  N N 108 
GLU N    N  N N 109 
GLU CA   C  N S 110 
GLU C    C  N N 111 
GLU O    O  N N 112 
GLU CB   C  N N 113 
GLU CG   C  N N 114 
GLU CD   C  N N 115 
GLU OE1  O  N N 116 
GLU OE2  O  N N 117 
GLU OXT  O  N N 118 
GLU H    H  N N 119 
GLU H2   H  N N 120 
GLU HA   H  N N 121 
GLU HB2  H  N N 122 
GLU HB3  H  N N 123 
GLU HG2  H  N N 124 
GLU HG3  H  N N 125 
GLU HE2  H  N N 126 
GLU HXT  H  N N 127 
GLY N    N  N N 128 
GLY CA   C  N N 129 
GLY C    C  N N 130 
GLY O    O  N N 131 
GLY OXT  O  N N 132 
GLY H    H  N N 133 
GLY H2   H  N N 134 
GLY HA2  H  N N 135 
GLY HA3  H  N N 136 
GLY HXT  H  N N 137 
HIS N    N  N N 138 
HIS CA   C  N S 139 
HIS C    C  N N 140 
HIS O    O  N N 141 
HIS CB   C  N N 142 
HIS CG   C  Y N 143 
HIS ND1  N  Y N 144 
HIS CD2  C  Y N 145 
HIS CE1  C  Y N 146 
HIS NE2  N  Y N 147 
HIS OXT  O  N N 148 
HIS H    H  N N 149 
HIS H2   H  N N 150 
HIS HA   H  N N 151 
HIS HB2  H  N N 152 
HIS HB3  H  N N 153 
HIS HD1  H  N N 154 
HIS HD2  H  N N 155 
HIS HE1  H  N N 156 
HIS HE2  H  N N 157 
HIS HXT  H  N N 158 
HOH O    O  N N 159 
HOH H1   H  N N 160 
HOH H2   H  N N 161 
ILE N    N  N N 162 
ILE CA   C  N S 163 
ILE C    C  N N 164 
ILE O    O  N N 165 
ILE CB   C  N S 166 
ILE CG1  C  N N 167 
ILE CG2  C  N N 168 
ILE CD1  C  N N 169 
ILE OXT  O  N N 170 
ILE H    H  N N 171 
ILE H2   H  N N 172 
ILE HA   H  N N 173 
ILE HB   H  N N 174 
ILE HG12 H  N N 175 
ILE HG13 H  N N 176 
ILE HG21 H  N N 177 
ILE HG22 H  N N 178 
ILE HG23 H  N N 179 
ILE HD11 H  N N 180 
ILE HD12 H  N N 181 
ILE HD13 H  N N 182 
ILE HXT  H  N N 183 
LEU N    N  N N 184 
LEU CA   C  N S 185 
LEU C    C  N N 186 
LEU O    O  N N 187 
LEU CB   C  N N 188 
LEU CG   C  N N 189 
LEU CD1  C  N N 190 
LEU CD2  C  N N 191 
LEU OXT  O  N N 192 
LEU H    H  N N 193 
LEU H2   H  N N 194 
LEU HA   H  N N 195 
LEU HB2  H  N N 196 
LEU HB3  H  N N 197 
LEU HG   H  N N 198 
LEU HD11 H  N N 199 
LEU HD12 H  N N 200 
LEU HD13 H  N N 201 
LEU HD21 H  N N 202 
LEU HD22 H  N N 203 
LEU HD23 H  N N 204 
LEU HXT  H  N N 205 
LYS N    N  N N 206 
LYS CA   C  N S 207 
LYS C    C  N N 208 
LYS O    O  N N 209 
LYS CB   C  N N 210 
LYS CG   C  N N 211 
LYS CD   C  N N 212 
LYS CE   C  N N 213 
LYS NZ   N  N N 214 
LYS OXT  O  N N 215 
LYS H    H  N N 216 
LYS H2   H  N N 217 
LYS HA   H  N N 218 
LYS HB2  H  N N 219 
LYS HB3  H  N N 220 
LYS HG2  H  N N 221 
LYS HG3  H  N N 222 
LYS HD2  H  N N 223 
LYS HD3  H  N N 224 
LYS HE2  H  N N 225 
LYS HE3  H  N N 226 
LYS HZ1  H  N N 227 
LYS HZ2  H  N N 228 
LYS HZ3  H  N N 229 
LYS HXT  H  N N 230 
MET N    N  N N 231 
MET CA   C  N S 232 
MET C    C  N N 233 
MET O    O  N N 234 
MET CB   C  N N 235 
MET CG   C  N N 236 
MET SD   S  N N 237 
MET CE   C  N N 238 
MET OXT  O  N N 239 
MET H    H  N N 240 
MET H2   H  N N 241 
MET HA   H  N N 242 
MET HB2  H  N N 243 
MET HB3  H  N N 244 
MET HG2  H  N N 245 
MET HG3  H  N N 246 
MET HE1  H  N N 247 
MET HE2  H  N N 248 
MET HE3  H  N N 249 
MET HXT  H  N N 250 
PHE N    N  N N 251 
PHE CA   C  N S 252 
PHE C    C  N N 253 
PHE O    O  N N 254 
PHE CB   C  N N 255 
PHE CG   C  Y N 256 
PHE CD1  C  Y N 257 
PHE CD2  C  Y N 258 
PHE CE1  C  Y N 259 
PHE CE2  C  Y N 260 
PHE CZ   C  Y N 261 
PHE OXT  O  N N 262 
PHE H    H  N N 263 
PHE H2   H  N N 264 
PHE HA   H  N N 265 
PHE HB2  H  N N 266 
PHE HB3  H  N N 267 
PHE HD1  H  N N 268 
PHE HD2  H  N N 269 
PHE HE1  H  N N 270 
PHE HE2  H  N N 271 
PHE HZ   H  N N 272 
PHE HXT  H  N N 273 
PRO N    N  N N 274 
PRO CA   C  N S 275 
PRO C    C  N N 276 
PRO O    O  N N 277 
PRO CB   C  N N 278 
PRO CG   C  N N 279 
PRO CD   C  N N 280 
PRO OXT  O  N N 281 
PRO H    H  N N 282 
PRO HA   H  N N 283 
PRO HB2  H  N N 284 
PRO HB3  H  N N 285 
PRO HG2  H  N N 286 
PRO HG3  H  N N 287 
PRO HD2  H  N N 288 
PRO HD3  H  N N 289 
PRO HXT  H  N N 290 
SER N    N  N N 291 
SER CA   C  N S 292 
SER C    C  N N 293 
SER O    O  N N 294 
SER CB   C  N N 295 
SER OG   O  N N 296 
SER OXT  O  N N 297 
SER H    H  N N 298 
SER H2   H  N N 299 
SER HA   H  N N 300 
SER HB2  H  N N 301 
SER HB3  H  N N 302 
SER HG   H  N N 303 
SER HXT  H  N N 304 
THR N    N  N N 305 
THR CA   C  N S 306 
THR C    C  N N 307 
THR O    O  N N 308 
THR CB   C  N R 309 
THR OG1  O  N N 310 
THR CG2  C  N N 311 
THR OXT  O  N N 312 
THR H    H  N N 313 
THR H2   H  N N 314 
THR HA   H  N N 315 
THR HB   H  N N 316 
THR HG1  H  N N 317 
THR HG21 H  N N 318 
THR HG22 H  N N 319 
THR HG23 H  N N 320 
THR HXT  H  N N 321 
TRP N    N  N N 322 
TRP CA   C  N S 323 
TRP C    C  N N 324 
TRP O    O  N N 325 
TRP CB   C  N N 326 
TRP CG   C  Y N 327 
TRP CD1  C  Y N 328 
TRP CD2  C  Y N 329 
TRP NE1  N  Y N 330 
TRP CE2  C  Y N 331 
TRP CE3  C  Y N 332 
TRP CZ2  C  Y N 333 
TRP CZ3  C  Y N 334 
TRP CH2  C  Y N 335 
TRP OXT  O  N N 336 
TRP H    H  N N 337 
TRP H2   H  N N 338 
TRP HA   H  N N 339 
TRP HB2  H  N N 340 
TRP HB3  H  N N 341 
TRP HD1  H  N N 342 
TRP HE1  H  N N 343 
TRP HE3  H  N N 344 
TRP HZ2  H  N N 345 
TRP HZ3  H  N N 346 
TRP HH2  H  N N 347 
TRP HXT  H  N N 348 
TYR N    N  N N 349 
TYR CA   C  N S 350 
TYR C    C  N N 351 
TYR O    O  N N 352 
TYR CB   C  N N 353 
TYR CG   C  Y N 354 
TYR CD1  C  Y N 355 
TYR CD2  C  Y N 356 
TYR CE1  C  Y N 357 
TYR CE2  C  Y N 358 
TYR CZ   C  Y N 359 
TYR OH   O  N N 360 
TYR OXT  O  N N 361 
TYR H    H  N N 362 
TYR H2   H  N N 363 
TYR HA   H  N N 364 
TYR HB2  H  N N 365 
TYR HB3  H  N N 366 
TYR HD1  H  N N 367 
TYR HD2  H  N N 368 
TYR HE1  H  N N 369 
TYR HE2  H  N N 370 
TYR HH   H  N N 371 
TYR HXT  H  N N 372 
VAL N    N  N N 373 
VAL CA   C  N S 374 
VAL C    C  N N 375 
VAL O    O  N N 376 
VAL CB   C  N N 377 
VAL CG1  C  N N 378 
VAL CG2  C  N N 379 
VAL OXT  O  N N 380 
VAL H    H  N N 381 
VAL H2   H  N N 382 
VAL HA   H  N N 383 
VAL HB   H  N N 384 
VAL HG11 H  N N 385 
VAL HG12 H  N N 386 
VAL HG13 H  N N 387 
VAL HG21 H  N N 388 
VAL HG22 H  N N 389 
VAL HG23 H  N N 390 
VAL HXT  H  N N 391 
# 
loop_
_chem_comp_bond.comp_id 
_chem_comp_bond.atom_id_1 
_chem_comp_bond.atom_id_2 
_chem_comp_bond.value_order 
_chem_comp_bond.pdbx_aromatic_flag 
_chem_comp_bond.pdbx_stereo_config 
_chem_comp_bond.pdbx_ordinal 
ALA N   CA   sing N N 1   
ALA N   H    sing N N 2   
ALA N   H2   sing N N 3   
ALA CA  C    sing N N 4   
ALA CA  CB   sing N N 5   
ALA CA  HA   sing N N 6   
ALA C   O    doub N N 7   
ALA C   OXT  sing N N 8   
ALA CB  HB1  sing N N 9   
ALA CB  HB2  sing N N 10  
ALA CB  HB3  sing N N 11  
ALA OXT HXT  sing N N 12  
ARG N   CA   sing N N 13  
ARG N   H    sing N N 14  
ARG N   H2   sing N N 15  
ARG CA  C    sing N N 16  
ARG CA  CB   sing N N 17  
ARG CA  HA   sing N N 18  
ARG C   O    doub N N 19  
ARG C   OXT  sing N N 20  
ARG CB  CG   sing N N 21  
ARG CB  HB2  sing N N 22  
ARG CB  HB3  sing N N 23  
ARG CG  CD   sing N N 24  
ARG CG  HG2  sing N N 25  
ARG CG  HG3  sing N N 26  
ARG CD  NE   sing N N 27  
ARG CD  HD2  sing N N 28  
ARG CD  HD3  sing N N 29  
ARG NE  CZ   sing N N 30  
ARG NE  HE   sing N N 31  
ARG CZ  NH1  sing N N 32  
ARG CZ  NH2  doub N N 33  
ARG NH1 HH11 sing N N 34  
ARG NH1 HH12 sing N N 35  
ARG NH2 HH21 sing N N 36  
ARG NH2 HH22 sing N N 37  
ARG OXT HXT  sing N N 38  
ASN N   CA   sing N N 39  
ASN N   H    sing N N 40  
ASN N   H2   sing N N 41  
ASN CA  C    sing N N 42  
ASN CA  CB   sing N N 43  
ASN CA  HA   sing N N 44  
ASN C   O    doub N N 45  
ASN C   OXT  sing N N 46  
ASN CB  CG   sing N N 47  
ASN CB  HB2  sing N N 48  
ASN CB  HB3  sing N N 49  
ASN CG  OD1  doub N N 50  
ASN CG  ND2  sing N N 51  
ASN ND2 HD21 sing N N 52  
ASN ND2 HD22 sing N N 53  
ASN OXT HXT  sing N N 54  
ASP N   CA   sing N N 55  
ASP N   H    sing N N 56  
ASP N   H2   sing N N 57  
ASP CA  C    sing N N 58  
ASP CA  CB   sing N N 59  
ASP CA  HA   sing N N 60  
ASP C   O    doub N N 61  
ASP C   OXT  sing N N 62  
ASP CB  CG   sing N N 63  
ASP CB  HB2  sing N N 64  
ASP CB  HB3  sing N N 65  
ASP CG  OD1  doub N N 66  
ASP CG  OD2  sing N N 67  
ASP OD2 HD2  sing N N 68  
ASP OXT HXT  sing N N 69  
CYS N   CA   sing N N 70  
CYS N   H    sing N N 71  
CYS N   H2   sing N N 72  
CYS CA  C    sing N N 73  
CYS CA  CB   sing N N 74  
CYS CA  HA   sing N N 75  
CYS C   O    doub N N 76  
CYS C   OXT  sing N N 77  
CYS CB  SG   sing N N 78  
CYS CB  HB2  sing N N 79  
CYS CB  HB3  sing N N 80  
CYS SG  HG   sing N N 81  
CYS OXT HXT  sing N N 82  
GLN N   CA   sing N N 83  
GLN N   H    sing N N 84  
GLN N   H2   sing N N 85  
GLN CA  C    sing N N 86  
GLN CA  CB   sing N N 87  
GLN CA  HA   sing N N 88  
GLN C   O    doub N N 89  
GLN C   OXT  sing N N 90  
GLN CB  CG   sing N N 91  
GLN CB  HB2  sing N N 92  
GLN CB  HB3  sing N N 93  
GLN CG  CD   sing N N 94  
GLN CG  HG2  sing N N 95  
GLN CG  HG3  sing N N 96  
GLN CD  OE1  doub N N 97  
GLN CD  NE2  sing N N 98  
GLN NE2 HE21 sing N N 99  
GLN NE2 HE22 sing N N 100 
GLN OXT HXT  sing N N 101 
GLU N   CA   sing N N 102 
GLU N   H    sing N N 103 
GLU N   H2   sing N N 104 
GLU CA  C    sing N N 105 
GLU CA  CB   sing N N 106 
GLU CA  HA   sing N N 107 
GLU C   O    doub N N 108 
GLU C   OXT  sing N N 109 
GLU CB  CG   sing N N 110 
GLU CB  HB2  sing N N 111 
GLU CB  HB3  sing N N 112 
GLU CG  CD   sing N N 113 
GLU CG  HG2  sing N N 114 
GLU CG  HG3  sing N N 115 
GLU CD  OE1  doub N N 116 
GLU CD  OE2  sing N N 117 
GLU OE2 HE2  sing N N 118 
GLU OXT HXT  sing N N 119 
GLY N   CA   sing N N 120 
GLY N   H    sing N N 121 
GLY N   H2   sing N N 122 
GLY CA  C    sing N N 123 
GLY CA  HA2  sing N N 124 
GLY CA  HA3  sing N N 125 
GLY C   O    doub N N 126 
GLY C   OXT  sing N N 127 
GLY OXT HXT  sing N N 128 
HIS N   CA   sing N N 129 
HIS N   H    sing N N 130 
HIS N   H2   sing N N 131 
HIS CA  C    sing N N 132 
HIS CA  CB   sing N N 133 
HIS CA  HA   sing N N 134 
HIS C   O    doub N N 135 
HIS C   OXT  sing N N 136 
HIS CB  CG   sing N N 137 
HIS CB  HB2  sing N N 138 
HIS CB  HB3  sing N N 139 
HIS CG  ND1  sing Y N 140 
HIS CG  CD2  doub Y N 141 
HIS ND1 CE1  doub Y N 142 
HIS ND1 HD1  sing N N 143 
HIS CD2 NE2  sing Y N 144 
HIS CD2 HD2  sing N N 145 
HIS CE1 NE2  sing Y N 146 
HIS CE1 HE1  sing N N 147 
HIS NE2 HE2  sing N N 148 
HIS OXT HXT  sing N N 149 
HOH O   H1   sing N N 150 
HOH O   H2   sing N N 151 
ILE N   CA   sing N N 152 
ILE N   H    sing N N 153 
ILE N   H2   sing N N 154 
ILE CA  C    sing N N 155 
ILE CA  CB   sing N N 156 
ILE CA  HA   sing N N 157 
ILE C   O    doub N N 158 
ILE C   OXT  sing N N 159 
ILE CB  CG1  sing N N 160 
ILE CB  CG2  sing N N 161 
ILE CB  HB   sing N N 162 
ILE CG1 CD1  sing N N 163 
ILE CG1 HG12 sing N N 164 
ILE CG1 HG13 sing N N 165 
ILE CG2 HG21 sing N N 166 
ILE CG2 HG22 sing N N 167 
ILE CG2 HG23 sing N N 168 
ILE CD1 HD11 sing N N 169 
ILE CD1 HD12 sing N N 170 
ILE CD1 HD13 sing N N 171 
ILE OXT HXT  sing N N 172 
LEU N   CA   sing N N 173 
LEU N   H    sing N N 174 
LEU N   H2   sing N N 175 
LEU CA  C    sing N N 176 
LEU CA  CB   sing N N 177 
LEU CA  HA   sing N N 178 
LEU C   O    doub N N 179 
LEU C   OXT  sing N N 180 
LEU CB  CG   sing N N 181 
LEU CB  HB2  sing N N 182 
LEU CB  HB3  sing N N 183 
LEU CG  CD1  sing N N 184 
LEU CG  CD2  sing N N 185 
LEU CG  HG   sing N N 186 
LEU CD1 HD11 sing N N 187 
LEU CD1 HD12 sing N N 188 
LEU CD1 HD13 sing N N 189 
LEU CD2 HD21 sing N N 190 
LEU CD2 HD22 sing N N 191 
LEU CD2 HD23 sing N N 192 
LEU OXT HXT  sing N N 193 
LYS N   CA   sing N N 194 
LYS N   H    sing N N 195 
LYS N   H2   sing N N 196 
LYS CA  C    sing N N 197 
LYS CA  CB   sing N N 198 
LYS CA  HA   sing N N 199 
LYS C   O    doub N N 200 
LYS C   OXT  sing N N 201 
LYS CB  CG   sing N N 202 
LYS CB  HB2  sing N N 203 
LYS CB  HB3  sing N N 204 
LYS CG  CD   sing N N 205 
LYS CG  HG2  sing N N 206 
LYS CG  HG3  sing N N 207 
LYS CD  CE   sing N N 208 
LYS CD  HD2  sing N N 209 
LYS CD  HD3  sing N N 210 
LYS CE  NZ   sing N N 211 
LYS CE  HE2  sing N N 212 
LYS CE  HE3  sing N N 213 
LYS NZ  HZ1  sing N N 214 
LYS NZ  HZ2  sing N N 215 
LYS NZ  HZ3  sing N N 216 
LYS OXT HXT  sing N N 217 
MET N   CA   sing N N 218 
MET N   H    sing N N 219 
MET N   H2   sing N N 220 
MET CA  C    sing N N 221 
MET CA  CB   sing N N 222 
MET CA  HA   sing N N 223 
MET C   O    doub N N 224 
MET C   OXT  sing N N 225 
MET CB  CG   sing N N 226 
MET CB  HB2  sing N N 227 
MET CB  HB3  sing N N 228 
MET CG  SD   sing N N 229 
MET CG  HG2  sing N N 230 
MET CG  HG3  sing N N 231 
MET SD  CE   sing N N 232 
MET CE  HE1  sing N N 233 
MET CE  HE2  sing N N 234 
MET CE  HE3  sing N N 235 
MET OXT HXT  sing N N 236 
PHE N   CA   sing N N 237 
PHE N   H    sing N N 238 
PHE N   H2   sing N N 239 
PHE CA  C    sing N N 240 
PHE CA  CB   sing N N 241 
PHE CA  HA   sing N N 242 
PHE C   O    doub N N 243 
PHE C   OXT  sing N N 244 
PHE CB  CG   sing N N 245 
PHE CB  HB2  sing N N 246 
PHE CB  HB3  sing N N 247 
PHE CG  CD1  doub Y N 248 
PHE CG  CD2  sing Y N 249 
PHE CD1 CE1  sing Y N 250 
PHE CD1 HD1  sing N N 251 
PHE CD2 CE2  doub Y N 252 
PHE CD2 HD2  sing N N 253 
PHE CE1 CZ   doub Y N 254 
PHE CE1 HE1  sing N N 255 
PHE CE2 CZ   sing Y N 256 
PHE CE2 HE2  sing N N 257 
PHE CZ  HZ   sing N N 258 
PHE OXT HXT  sing N N 259 
PRO N   CA   sing N N 260 
PRO N   CD   sing N N 261 
PRO N   H    sing N N 262 
PRO CA  C    sing N N 263 
PRO CA  CB   sing N N 264 
PRO CA  HA   sing N N 265 
PRO C   O    doub N N 266 
PRO C   OXT  sing N N 267 
PRO CB  CG   sing N N 268 
PRO CB  HB2  sing N N 269 
PRO CB  HB3  sing N N 270 
PRO CG  CD   sing N N 271 
PRO CG  HG2  sing N N 272 
PRO CG  HG3  sing N N 273 
PRO CD  HD2  sing N N 274 
PRO CD  HD3  sing N N 275 
PRO OXT HXT  sing N N 276 
SER N   CA   sing N N 277 
SER N   H    sing N N 278 
SER N   H2   sing N N 279 
SER CA  C    sing N N 280 
SER CA  CB   sing N N 281 
SER CA  HA   sing N N 282 
SER C   O    doub N N 283 
SER C   OXT  sing N N 284 
SER CB  OG   sing N N 285 
SER CB  HB2  sing N N 286 
SER CB  HB3  sing N N 287 
SER OG  HG   sing N N 288 
SER OXT HXT  sing N N 289 
THR N   CA   sing N N 290 
THR N   H    sing N N 291 
THR N   H2   sing N N 292 
THR CA  C    sing N N 293 
THR CA  CB   sing N N 294 
THR CA  HA   sing N N 295 
THR C   O    doub N N 296 
THR C   OXT  sing N N 297 
THR CB  OG1  sing N N 298 
THR CB  CG2  sing N N 299 
THR CB  HB   sing N N 300 
THR OG1 HG1  sing N N 301 
THR CG2 HG21 sing N N 302 
THR CG2 HG22 sing N N 303 
THR CG2 HG23 sing N N 304 
THR OXT HXT  sing N N 305 
TRP N   CA   sing N N 306 
TRP N   H    sing N N 307 
TRP N   H2   sing N N 308 
TRP CA  C    sing N N 309 
TRP CA  CB   sing N N 310 
TRP CA  HA   sing N N 311 
TRP C   O    doub N N 312 
TRP C   OXT  sing N N 313 
TRP CB  CG   sing N N 314 
TRP CB  HB2  sing N N 315 
TRP CB  HB3  sing N N 316 
TRP CG  CD1  doub Y N 317 
TRP CG  CD2  sing Y N 318 
TRP CD1 NE1  sing Y N 319 
TRP CD1 HD1  sing N N 320 
TRP CD2 CE2  doub Y N 321 
TRP CD2 CE3  sing Y N 322 
TRP NE1 CE2  sing Y N 323 
TRP NE1 HE1  sing N N 324 
TRP CE2 CZ2  sing Y N 325 
TRP CE3 CZ3  doub Y N 326 
TRP CE3 HE3  sing N N 327 
TRP CZ2 CH2  doub Y N 328 
TRP CZ2 HZ2  sing N N 329 
TRP CZ3 CH2  sing Y N 330 
TRP CZ3 HZ3  sing N N 331 
TRP CH2 HH2  sing N N 332 
TRP OXT HXT  sing N N 333 
TYR N   CA   sing N N 334 
TYR N   H    sing N N 335 
TYR N   H2   sing N N 336 
TYR CA  C    sing N N 337 
TYR CA  CB   sing N N 338 
TYR CA  HA   sing N N 339 
TYR C   O    doub N N 340 
TYR C   OXT  sing N N 341 
TYR CB  CG   sing N N 342 
TYR CB  HB2  sing N N 343 
TYR CB  HB3  sing N N 344 
TYR CG  CD1  doub Y N 345 
TYR CG  CD2  sing Y N 346 
TYR CD1 CE1  sing Y N 347 
TYR CD1 HD1  sing N N 348 
TYR CD2 CE2  doub Y N 349 
TYR CD2 HD2  sing N N 350 
TYR CE1 CZ   doub Y N 351 
TYR CE1 HE1  sing N N 352 
TYR CE2 CZ   sing Y N 353 
TYR CE2 HE2  sing N N 354 
TYR CZ  OH   sing N N 355 
TYR OH  HH   sing N N 356 
TYR OXT HXT  sing N N 357 
VAL N   CA   sing N N 358 
VAL N   H    sing N N 359 
VAL N   H2   sing N N 360 
VAL CA  C    sing N N 361 
VAL CA  CB   sing N N 362 
VAL CA  HA   sing N N 363 
VAL C   O    doub N N 364 
VAL C   OXT  sing N N 365 
VAL CB  CG1  sing N N 366 
VAL CB  CG2  sing N N 367 
VAL CB  HB   sing N N 368 
VAL CG1 HG11 sing N N 369 
VAL CG1 HG12 sing N N 370 
VAL CG1 HG13 sing N N 371 
VAL CG2 HG21 sing N N 372 
VAL CG2 HG22 sing N N 373 
VAL CG2 HG23 sing N N 374 
VAL OXT HXT  sing N N 375 
# 
_pdbx_initial_refinement_model.id               1 
_pdbx_initial_refinement_model.entity_id_list   ? 
_pdbx_initial_refinement_model.type             'experimental model' 
_pdbx_initial_refinement_model.source_name      PDB 
_pdbx_initial_refinement_model.accession_code   2ZIB 
_pdbx_initial_refinement_model.details          ? 
# 
_atom_sites.entry_id                    6JK4 
_atom_sites.fract_transf_matrix[1][1]   0.00161050 
_atom_sites.fract_transf_matrix[1][2]   -0.01453497 
_atom_sites.fract_transf_matrix[1][3]   -0.00962757 
_atom_sites.fract_transf_matrix[2][1]   -0.01077141 
_atom_sites.fract_transf_matrix[2][2]   -0.00278356 
_atom_sites.fract_transf_matrix[2][3]   -0.01351883 
_atom_sites.fract_transf_matrix[3][1]   0.01283751 
_atom_sites.fract_transf_matrix[3][2]   0.00949210 
_atom_sites.fract_transf_matrix[3][3]   -0.01218300 
_atom_sites.fract_transf_vector[1]      0.612750 
_atom_sites.fract_transf_vector[2]      0.101400 
_atom_sites.fract_transf_vector[3]      0.056937 
# 
loop_
_atom_type.symbol 
C  
CA 
N  
O  
S  
# 
loop_
_atom_site.group_PDB 
_atom_site.id 
_atom_site.type_symbol 
_atom_site.label_atom_id 
_atom_site.label_alt_id 
_atom_site.label_comp_id 
_atom_site.label_asym_id 
_atom_site.label_entity_id 
_atom_site.label_seq_id 
_atom_site.pdbx_PDB_ins_code 
_atom_site.Cartn_x 
_atom_site.Cartn_y 
_atom_site.Cartn_z 
_atom_site.occupancy 
_atom_site.B_iso_or_equiv 
_atom_site.pdbx_formal_charge 
_atom_site.auth_seq_id 
_atom_site.auth_comp_id 
_atom_site.auth_asym_id 
_atom_site.auth_atom_id 
_atom_site.pdbx_PDB_model_num 
ATOM   1    N  N   . GLU A 1 9   ? -4.178  21.890  3.828   1.00 31.00 ? 3   GLU A N   1 
ATOM   2    C  CA  . GLU A 1 9   ? -4.851  21.070  4.878   1.00 27.02 ? 3   GLU A CA  1 
ATOM   3    C  C   . GLU A 1 9   ? -4.032  19.814  5.210   1.00 20.12 ? 3   GLU A C   1 
ATOM   4    O  O   . GLU A 1 9   ? -4.475  18.998  6.085   1.00 26.32 ? 3   GLU A O   1 
ATOM   5    C  CB  . GLU A 1 9   ? -6.234  20.597  4.431   1.00 31.78 ? 3   GLU A CB  1 
ATOM   6    C  CG  . GLU A 1 9   ? -7.244  20.571  5.540   1.00 36.62 ? 3   GLU A CG  1 
ATOM   7    C  CD  . GLU A 1 9   ? -8.567  19.991  5.084   1.00 43.39 ? 3   GLU A CD  1 
ATOM   8    O  OE1 . GLU A 1 9   ? -8.596  18.767  4.799   1.00 45.16 ? 3   GLU A OE1 1 
ATOM   9    O  OE2 . GLU A 1 9   ? -9.548  20.765  4.985   1.00 49.47 ? 3   GLU A OE2 1 
ATOM   10   N  N   . CYS A 1 10  ? -2.975  19.520  4.456   1.00 12.94 ? 4   CYS A N   1 
ATOM   11   C  CA  . CYS A 1 10  ? -2.054  18.514  4.874   1.00 10.52 ? 4   CYS A CA  1 
ATOM   12   C  C   . CYS A 1 10  ? -0.734  19.149  5.308   1.00 9.72  ? 4   CYS A C   1 
ATOM   13   O  O   . CYS A 1 10  ? -0.397  20.245  4.827   1.00 11.68 ? 4   CYS A O   1 
ATOM   14   C  CB  . CYS A 1 10  ? -1.784  17.525  3.755   1.00 9.85  ? 4   CYS A CB  1 
ATOM   15   S  SG  . CYS A 1 10  ? -3.212  16.540  3.293   1.00 9.13  ? 4   CYS A SG  1 
ATOM   16   N  N   . PRO A 1 11  ? 0.039   18.479  6.177   1.00 8.92  ? 5   PRO A N   1 
ATOM   17   C  CA  . PRO A 1 11  ? 1.372   18.985  6.487   1.00 9.41  ? 5   PRO A CA  1 
ATOM   18   C  C   . PRO A 1 11  ? 2.260   19.045  5.254   1.00 9.41  ? 5   PRO A C   1 
ATOM   19   O  O   . PRO A 1 11  ? 2.042   18.298  4.296   1.00 10.24 ? 5   PRO A O   1 
ATOM   20   C  CB  . PRO A 1 11  ? 1.910   17.950  7.493   1.00 9.71  ? 5   PRO A CB  1 
ATOM   21   C  CG  . PRO A 1 11  ? 0.670   17.306  8.069   1.00 11.08 ? 5   PRO A CG  1 
ATOM   22   C  CD  . PRO A 1 11  ? -0.325  17.289  6.928   1.00 9.53  ? 5   PRO A CD  1 
ATOM   23   N  N   . THR A 1 12  ? 3.265   19.934  5.308   1.00 10.66 ? 6   THR A N   1 
ATOM   24   C  CA  . THR A 1 12  ? 4.225   20.060  4.234   1.00 12.53 ? 6   THR A CA  1 
ATOM   25   C  C   . THR A 1 12  ? 4.737   18.659  3.861   1.00 10.91 ? 6   THR A C   1 
ATOM   26   O  O   . THR A 1 12  ? 5.086   17.880  4.701   1.00 12.37 ? 6   THR A O   1 
ATOM   27   C  CB  . THR A 1 12  ? 5.344   21.037  4.646   1.00 14.41 ? 6   THR A CB  1 
ATOM   28   O  OG1 . THR A 1 12  ? 4.714   22.270  4.994   1.00 16.84 ? 6   THR A OG1 1 
ATOM   29   C  CG2 . THR A 1 12  ? 6.349   21.249  3.534   1.00 15.65 ? 6   THR A CG2 1 
ATOM   30   N  N   . ASP A 1 13  ? 4.828   18.415  2.532   1.00 9.54  ? 7   ASP A N   1 
ATOM   31   C  CA  . ASP A 1 13  ? 5.243   17.240  1.834   1.00 10.05 ? 7   ASP A CA  1 
ATOM   32   C  C   . ASP A 1 13  ? 4.055   16.295  1.585   1.00 8.69  ? 7   ASP A C   1 
ATOM   33   O  O   . ASP A 1 13  ? 4.126   15.489  0.664   1.00 9.93  ? 7   ASP A O   1 
ATOM   34   C  CB  . ASP A 1 13  ? 6.387   16.448  2.475   1.00 11.32 ? 7   ASP A CB  1 
ATOM   35   C  CG  . ASP A 1 13  ? 7.672   17.215  2.640   1.00 13.86 ? 7   ASP A CG  1 
ATOM   36   O  OD1 . ASP A 1 13  ? 7.868   18.159  1.834   1.00 16.76 ? 7   ASP A OD1 1 
ATOM   37   O  OD2 . ASP A 1 13  ? 8.446   16.879  3.556   1.00 16.45 ? 7   ASP A OD2 1 
ATOM   38   N  N   . TRP A 1 14  ? 3.034   16.341  2.433   1.00 7.42  ? 8   TRP A N   1 
ATOM   39   C  CA  . TRP A 1 14  ? 1.899   15.401  2.300   1.00 6.47  ? 8   TRP A CA  1 
ATOM   40   C  C   . TRP A 1 14  ? 0.920   15.958  1.274   1.00 7.00  ? 8   TRP A C   1 
ATOM   41   O  O   . TRP A 1 14  ? 0.803   17.188  1.153   1.00 8.93  ? 8   TRP A O   1 
ATOM   42   C  CB  . TRP A 1 14  ? 1.254   15.186  3.683   1.00 7.02  ? 8   TRP A CB  1 
ATOM   43   C  CG  . TRP A 1 14  ? 2.159   14.450  4.632   1.00 6.93  ? 8   TRP A CG  1 
ATOM   44   C  CD1 . TRP A 1 14  ? 3.322   14.910  5.208   1.00 8.18  ? 8   TRP A CD1 1 
ATOM   45   C  CD2 . TRP A 1 14  ? 1.997   13.091  5.086   1.00 7.07  ? 8   TRP A CD2 1 
ATOM   46   N  NE1 . TRP A 1 14  ? 3.897   13.933  5.987   1.00 8.24  ? 8   TRP A NE1 1 
ATOM   47   C  CE2 . TRP A 1 14  ? 3.106   12.802  5.922   1.00 7.90  ? 8   TRP A CE2 1 
ATOM   48   C  CE3 . TRP A 1 14  ? 1.049   12.072  4.847   1.00 7.05  ? 8   TRP A CE3 1 
ATOM   49   C  CZ2 . TRP A 1 14  ? 3.287   11.544  6.506   1.00 8.18  ? 8   TRP A CZ2 1 
ATOM   50   C  CZ3 . TRP A 1 14  ? 1.234   10.830  5.435   1.00 7.84  ? 8   TRP A CZ3 1 
ATOM   51   C  CH2 . TRP A 1 14  ? 2.349   10.560  6.236   1.00 8.51  ? 8   TRP A CH2 1 
ATOM   52   N  N   . LYS A 1 15  ? 0.206   15.049  0.612   1.00 6.86  ? 9   LYS A N   1 
ATOM   53   C  CA  . LYS A 1 15  ? -0.690  15.476  -0.485  1.00 7.72  ? 9   LYS A CA  1 
ATOM   54   C  C   . LYS A 1 15  ? -2.125  15.023  -0.204  1.00 7.25  ? 9   LYS A C   1 
ATOM   55   O  O   . LYS A 1 15  ? -2.362  13.855  0.123   1.00 7.23  ? 9   LYS A O   1 
ATOM   56   C  CB  . LYS A 1 15  ? -0.120  14.992  -1.817  1.00 10.86 ? 9   LYS A CB  1 
ATOM   57   C  CG  . LYS A 1 15  ? 1.067   15.911  -2.201  1.00 13.66 ? 9   LYS A CG  1 
ATOM   58   C  CD  . LYS A 1 15  ? 1.518   15.774  -3.581  1.00 15.04 ? 9   LYS A CD  1 
ATOM   59   C  CE  . LYS A 1 15  ? 2.861   16.437  -3.812  1.00 16.37 ? 9   LYS A CE  1 
ATOM   60   N  NZ  . LYS A 1 15  ? 3.186   16.448  -5.253  1.00 20.27 ? 9   LYS A NZ  1 
ATOM   61   N  N   . LEU A 1 16  ? -3.032  15.974  -0.353  1.00 7.87  ? 10  LEU A N   1 
ATOM   62   C  CA  . LEU A 1 16  ? -4.441  15.781  0.002   1.00 7.38  ? 10  LEU A CA  1 
ATOM   63   C  C   . LEU A 1 16  ? -5.212  15.144  -1.164  1.00 7.41  ? 10  LEU A C   1 
ATOM   64   O  O   . LEU A 1 16  ? -5.116  15.591  -2.324  1.00 7.96  ? 10  LEU A O   1 
ATOM   65   C  CB  . LEU A 1 16  ? -5.064  17.152  0.300   1.00 8.85  ? 10  LEU A CB  1 
ATOM   66   C  CG  . LEU A 1 16  ? -6.544  17.127  0.673   1.00 9.78  ? 10  LEU A CG  1 
ATOM   67   C  CD1 . LEU A 1 16  ? -6.799  16.406  1.996   1.00 9.91  ? 10  LEU A CD1 1 
ATOM   68   C  CD2 . LEU A 1 16  ? -7.068  18.552  0.726   1.00 12.15 ? 10  LEU A CD2 1 
ATOM   69   N  N   . PHE A 1 17  ? -6.017  14.121  -0.835  1.00 6.67  ? 11  PHE A N   1 
ATOM   70   C  CA  . PHE A 1 17  ? -7.043  13.647  -1.799  1.00 6.92  ? 11  PHE A CA  1 
ATOM   71   C  C   . PHE A 1 17  ? -8.281  13.263  -0.972  1.00 7.45  ? 11  PHE A C   1 
ATOM   72   O  O   . PHE A 1 17  ? -8.170  12.397  -0.083  1.00 7.26  ? 11  PHE A O   1 
ATOM   73   C  CB  . PHE A 1 17  ? -6.617  12.482  -2.695  1.00 7.57  ? 11  PHE A CB  1 
ATOM   74   C  CG  . PHE A 1 17  ? -7.748  12.072  -3.618  1.00 7.55  ? 11  PHE A CG  1 
ATOM   75   C  CD1 . PHE A 1 17  ? -8.128  12.856  -4.709  1.00 9.67  ? 11  PHE A CD1 1 
ATOM   76   C  CD2 . PHE A 1 17  ? -8.487  10.918  -3.364  1.00 8.94  ? 11  PHE A CD2 1 
ATOM   77   C  CE1 . PHE A 1 17  ? -9.244  12.507  -5.470  1.00 11.17 ? 11  PHE A CE1 1 
ATOM   78   C  CE2 . PHE A 1 17  ? -9.602  10.579  -4.121  1.00 9.32  ? 11  PHE A CE2 1 
ATOM   79   C  CZ  . PHE A 1 17  ? -9.979  11.386  -5.164  1.00 9.97  ? 11  PHE A CZ  1 
ATOM   80   N  N   . ASP A 1 18  ? -9.392  13.973  -1.209  1.00 8.54  ? 12  ASP A N   1 
ATOM   81   C  CA  . ASP A 1 18  ? -10.693 13.690  -0.601  1.00 10.31 ? 12  ASP A CA  1 
ATOM   82   C  C   . ASP A 1 18  ? -10.567 13.346  0.891   1.00 10.50 ? 12  ASP A C   1 
ATOM   83   O  O   . ASP A 1 18  ? -11.042 12.279  1.331   1.00 11.10 ? 12  ASP A O   1 
ATOM   84   C  CB  . ASP A 1 18  ? -11.349 12.518  -1.319  1.00 12.73 ? 12  ASP A CB  1 
ATOM   85   C  CG  . ASP A 1 18  ? -12.745 12.159  -0.840  1.00 17.12 ? 12  ASP A CG  1 
ATOM   86   O  OD1 . ASP A 1 18  ? -13.446 13.080  -0.378  1.00 21.59 ? 12  ASP A OD1 1 
ATOM   87   O  OD2 . ASP A 1 18  ? -13.045 10.929  -0.818  1.00 24.66 ? 12  ASP A OD2 1 
ATOM   88   N  N   . GLY A 1 19  ? -9.959  14.239  1.660   1.00 9.58  ? 13  GLY A N   1 
ATOM   89   C  CA  . GLY A 1 19  ? -10.007 14.173  3.129   1.00 9.75  ? 13  GLY A CA  1 
ATOM   90   C  C   . GLY A 1 19  ? -8.852  13.407  3.759   1.00 7.96  ? 13  GLY A C   1 
ATOM   91   O  O   . GLY A 1 19  ? -8.814  13.371  4.994   1.00 9.51  ? 13  GLY A O   1 
ATOM   92   N  N   . THR A 1 20  ? -7.961  12.790  2.985   1.00 7.18  ? 14  THR A N   1 
ATOM   93   C  CA  . THR A 1 20  ? -6.844  12.023  3.496   1.00 6.52  ? 14  THR A CA  1 
ATOM   94   C  C   . THR A 1 20  ? -5.546  12.585  2.948   1.00 6.05  ? 14  THR A C   1 
ATOM   95   O  O   . THR A 1 20  ? -5.481  13.024  1.778   1.00 6.69  ? 14  THR A O   1 
ATOM   96   C  CB  . THR A 1 20  ? -7.039  10.541  3.186   1.00 6.57  ? 14  THR A CB  1 
ATOM   97   O  OG1 . THR A 1 20  ? -8.201  10.076  3.888   1.00 8.57  ? 14  THR A OG1 1 
ATOM   98   C  CG2 . THR A 1 20  ? -5.869  9.684   3.587   1.00 7.29  ? 14  THR A CG2 1 
ATOM   99   N  N   . CYS A 1 21  ? -4.503  12.611  3.779   1.00 5.92  ? 15  CYS A N   1 
ATOM   100  C  CA  . CYS A 1 21  ? -3.171  13.070  3.410   1.00 5.98  ? 15  CYS A CA  1 
ATOM   101  C  C   . CYS A 1 21  ? -2.276  11.867  3.119   1.00 6.00  ? 15  CYS A C   1 
ATOM   102  O  O   . CYS A 1 21  ? -2.244  10.921  3.937   1.00 6.63  ? 15  CYS A O   1 
ATOM   103  C  CB  . CYS A 1 21  ? -2.566  13.879  4.548   1.00 6.99  ? 15  CYS A CB  1 
ATOM   104  S  SG  . CYS A 1 21  ? -3.522  15.362  4.954   1.00 8.25  ? 15  CYS A SG  1 
ATOM   105  N  N   . TYR A 1 22  ? -1.537  11.941  2.008   1.00 6.15  ? 16  TYR A N   1 
ATOM   106  C  CA  . TYR A 1 22  ? -0.726  10.808  1.547   1.00 6.13  ? 16  TYR A CA  1 
ATOM   107  C  C   . TYR A 1 22  ? 0.733   11.239  1.382   1.00 6.09  ? 16  TYR A C   1 
ATOM   108  O  O   . TYR A 1 22  ? 1.046   12.407  1.064   1.00 7.49  ? 16  TYR A O   1 
ATOM   109  C  CB  . TYR A 1 22  ? -1.228  10.303  0.209   1.00 6.45  ? 16  TYR A CB  1 
ATOM   110  C  CG  . TYR A 1 22  ? -2.632  9.743   0.204   1.00 6.46  ? 16  TYR A CG  1 
ATOM   111  C  CD1 . TYR A 1 22  ? -3.751  10.573  0.065   1.00 6.54  ? 16  TYR A CD1 1 
ATOM   112  C  CD2 . TYR A 1 22  ? -2.871  8.394   0.389   1.00 6.53  ? 16  TYR A CD2 1 
ATOM   113  C  CE1 . TYR A 1 22  ? -5.034  10.062  0.091   1.00 6.68  ? 16  TYR A CE1 1 
ATOM   114  C  CE2 . TYR A 1 22  ? -4.148  7.866   0.412   1.00 6.59  ? 16  TYR A CE2 1 
ATOM   115  C  CZ  . TYR A 1 22  ? -5.227  8.698   0.238   1.00 6.27  ? 16  TYR A CZ  1 
ATOM   116  O  OH  . TYR A 1 22  ? -6.523  8.210   0.264   1.00 7.62  ? 16  TYR A OH  1 
ATOM   117  N  N   . LEU A 1 23  ? 1.653   10.289  1.551   1.00 6.38  ? 17  LEU A N   1 
ATOM   118  C  CA  . LEU A 1 23  ? 3.066   10.544  1.359   1.00 6.48  ? 17  LEU A CA  1 
ATOM   119  C  C   . LEU A 1 23  ? 3.717   9.315   0.773   1.00 6.57  ? 17  LEU A C   1 
ATOM   120  O  O   . LEU A 1 23  ? 3.573   8.209   1.328   1.00 7.97  ? 17  LEU A O   1 
ATOM   121  C  CB  . LEU A 1 23  ? 3.731   10.876  2.688   1.00 7.24  ? 17  LEU A CB  1 
ATOM   122  C  CG  . LEU A 1 23  ? 5.219   11.228  2.606   1.00 8.70  ? 17  LEU A CG  1 
ATOM   123  C  CD1 . LEU A 1 23  ? 5.433   12.597  1.979   1.00 11.26 ? 17  LEU A CD1 1 
ATOM   124  C  CD2 . LEU A 1 23  ? 5.849   11.206  3.995   1.00 11.39 ? 17  LEU A CD2 1 
ATOM   125  N  N   . PHE A 1 24  ? 4.516   9.511   -0.288  1.00 6.41  ? 18  PHE A N   1 
ATOM   126  C  CA  . PHE A 1 24  ? 5.359   8.413   -0.806  1.00 6.48  ? 18  PHE A CA  1 
ATOM   127  C  C   . PHE A 1 24  ? 6.679   8.404   -0.032  1.00 6.45  ? 18  PHE A C   1 
ATOM   128  O  O   . PHE A 1 24  ? 7.362   9.443   0.103   1.00 7.52  ? 18  PHE A O   1 
ATOM   129  C  CB  . PHE A 1 24  ? 5.651   8.683   -2.274  1.00 6.81  ? 18  PHE A CB  1 
ATOM   130  C  CG  . PHE A 1 24  ? 6.520   7.658   -2.957  1.00 6.98  ? 18  PHE A CG  1 
ATOM   131  C  CD1 . PHE A 1 24  ? 6.133   6.338   -3.050  1.00 6.99  ? 18  PHE A CD1 1 
ATOM   132  C  CD2 . PHE A 1 24  ? 7.720   8.021   -3.559  1.00 7.56  ? 18  PHE A CD2 1 
ATOM   133  C  CE1 . PHE A 1 24  ? 6.900   5.424   -3.732  1.00 7.82  ? 18  PHE A CE1 1 
ATOM   134  C  CE2 . PHE A 1 24  ? 8.498   7.091   -4.208  1.00 8.32  ? 18  PHE A CE2 1 
ATOM   135  C  CZ  . PHE A 1 24  ? 8.073   5.799   -4.349  1.00 8.03  ? 18  PHE A CZ  1 
ATOM   136  N  N   . ASN A 1 25  ? 7.018   7.237   0.505   1.00 6.28  ? 19  ASN A N   1 
ATOM   137  C  CA  . ASN A 1 25  ? 8.334   6.990   1.103   1.00 6.66  ? 19  ASN A CA  1 
ATOM   138  C  C   . ASN A 1 25  ? 9.154   6.201   0.136   1.00 6.73  ? 19  ASN A C   1 
ATOM   139  O  O   . ASN A 1 25  ? 8.925   5.026   -0.074  1.00 6.42  ? 19  ASN A O   1 
ATOM   140  C  CB  . ASN A 1 25  ? 8.199   6.222   2.395   1.00 6.34  ? 19  ASN A CB  1 
ATOM   141  C  CG  . ASN A 1 25  ? 9.539   6.043   3.043   1.00 6.95  ? 19  ASN A CG  1 
ATOM   142  O  OD1 . ASN A 1 25  ? 10.568  6.582   2.583   1.00 7.88  ? 19  ASN A OD1 1 
ATOM   143  N  ND2 . ASN A 1 25  ? 9.585   5.289   4.132   1.00 8.20  ? 19  ASN A ND2 1 
ATOM   144  N  N   . PRO A 1 26  ? 10.162  6.837   -0.521  1.00 7.05  ? 20  PRO A N   1 
ATOM   145  C  CA  . PRO A 1 26  ? 10.942  6.114   -1.504  1.00 7.66  ? 20  PRO A CA  1 
ATOM   146  C  C   . PRO A 1 26  ? 11.887  5.081   -0.897  1.00 7.97  ? 20  PRO A C   1 
ATOM   147  O  O   . PRO A 1 26  ? 12.317  4.172   -1.610  1.00 9.01  ? 20  PRO A O   1 
ATOM   148  C  CB  . PRO A 1 26  ? 11.734  7.202   -2.260  1.00 8.42  ? 20  PRO A CB  1 
ATOM   149  C  CG  . PRO A 1 26  ? 11.143  8.530   -1.888  1.00 9.87  ? 20  PRO A CG  1 
ATOM   150  C  CD  . PRO A 1 26  ? 10.494  8.262   -0.535  1.00 8.64  ? 20  PRO A CD  1 
ATOM   151  N  N   . SER A 1 27  ? 12.228  5.256   0.371   1.00 7.36  ? 21  SER A N   1 
ATOM   152  C  CA  . SER A 1 27  ? 13.230  4.363   1.006   1.00 8.41  ? 21  SER A CA  1 
ATOM   153  C  C   . SER A 1 27  ? 12.775  2.919   0.880   1.00 7.41  ? 21  SER A C   1 
ATOM   154  O  O   . SER A 1 27  ? 11.647  2.633   1.308   1.00 7.72  ? 21  SER A O   1 
ATOM   155  C  CB  . SER A 1 27  ? 13.391  4.732   2.445   1.00 10.37 ? 21  SER A CB  1 
ATOM   156  O  OG  . SER A 1 27  ? 13.864  6.028   2.581   1.00 13.28 ? 21  SER A OG  1 
ATOM   157  N  N   . VAL A 1 28  ? 13.632  2.025   0.394   1.00 8.11  ? 22  VAL A N   1 
ATOM   158  C  CA  . VAL A 1 28  ? 13.207  0.654   0.283   1.00 7.94  ? 22  VAL A CA  1 
ATOM   159  C  C   . VAL A 1 28  ? 13.330  -0.050  1.635   1.00 7.54  ? 22  VAL A C   1 
ATOM   160  O  O   . VAL A 1 28  ? 14.418  -0.020  2.262   1.00 8.53  ? 22  VAL A O   1 
ATOM   161  C  CB  . VAL A 1 28  ? 13.911  -0.105  -0.856  1.00 9.22  ? 22  VAL A CB  1 
ATOM   162  C  CG1 . VAL A 1 28  ? 13.545  0.517   -2.222  1.00 9.08  ? 22  VAL A CG1 1 
ATOM   163  C  CG2 . VAL A 1 28  ? 15.407  -0.231  -0.688  1.00 9.78  ? 22  VAL A CG2 1 
ATOM   164  N  N   . LEU A 1 29  ? 12.205  -0.591  2.112   1.00 6.91  ? 23  LEU A N   1 
ATOM   165  C  CA  . LEU A 1 29  ? 12.118  -1.141  3.482   1.00 7.09  ? 23  LEU A CA  1 
ATOM   166  C  C   . LEU A 1 29  ? 11.261  -2.402  3.425   1.00 6.96  ? 23  LEU A C   1 
ATOM   167  O  O   . LEU A 1 29  ? 10.322  -2.486  2.579   1.00 6.66  ? 23  LEU A O   1 
ATOM   168  C  CB  . LEU A 1 29  ? 11.391  -0.102  4.365   1.00 6.91  ? 23  LEU A CB  1 
ATOM   169  C  CG  . LEU A 1 29  ? 12.124  1.214   4.639   1.00 7.41  ? 23  LEU A CG  1 
ATOM   170  C  CD1 . LEU A 1 29  ? 11.219  2.215   5.368   1.00 8.10  ? 23  LEU A CD1 1 
ATOM   171  C  CD2 . LEU A 1 29  ? 13.433  1.013   5.418   1.00 7.58  ? 23  LEU A CD2 1 
ATOM   172  N  N   . HIS A 1 30  ? 11.413  -3.276  4.429   1.00 6.77  ? 24  HIS A N   1 
ATOM   173  C  CA  . HIS A 1 30  ? 10.434  -4.387  4.516   1.00 6.61  ? 24  HIS A CA  1 
ATOM   174  C  C   . HIS A 1 30  ? 9.097   -3.797  5.037   1.00 5.88  ? 24  HIS A C   1 
ATOM   175  O  O   . HIS A 1 30  ? 9.018   -2.643  5.485   1.00 5.96  ? 24  HIS A O   1 
ATOM   176  C  CB  . HIS A 1 30  ? 10.993  -5.607  5.280   1.00 6.89  ? 24  HIS A CB  1 
ATOM   177  C  CG  . HIS A 1 30  ? 11.248  -5.432  6.744   1.00 6.73  ? 24  HIS A CG  1 
ATOM   178  N  ND1 . HIS A 1 30  ? 12.254  -6.109  7.445   1.00 10.02 ? 24  HIS A ND1 1 
ATOM   179  C  CD2 . HIS A 1 30  ? 10.566  -4.697  7.658   1.00 6.66  ? 24  HIS A CD2 1 
ATOM   180  C  CE1 . HIS A 1 30  ? 12.156  -5.775  8.722   1.00 7.13  ? 24  HIS A CE1 1 
ATOM   181  N  NE2 . HIS A 1 30  ? 11.133  -4.906  8.880   1.00 9.13  ? 24  HIS A NE2 1 
ATOM   182  N  N   . TRP A 1 31  ? 8.061   -4.635  4.986   1.00 5.84  ? 25  TRP A N   1 
ATOM   183  C  CA  . TRP A 1 31  ? 6.702   -4.093  5.243   1.00 5.52  ? 25  TRP A CA  1 
ATOM   184  C  C   . TRP A 1 31  ? 6.603   -3.481  6.655   1.00 5.27  ? 25  TRP A C   1 
ATOM   185  O  O   . TRP A 1 31  ? 6.013   -2.416  6.841   1.00 5.68  ? 25  TRP A O   1 
ATOM   186  C  CB  . TRP A 1 31  ? 5.675   -5.202  5.026   1.00 5.52  ? 25  TRP A CB  1 
ATOM   187  C  CG  . TRP A 1 31  ? 4.264   -4.717  5.156   1.00 5.35  ? 25  TRP A CG  1 
ATOM   188  C  CD1 . TRP A 1 31  ? 3.423   -4.360  4.132   1.00 5.04  ? 25  TRP A CD1 1 
ATOM   189  C  CD2 . TRP A 1 31  ? 3.491   -4.579  6.370   1.00 5.03  ? 25  TRP A CD2 1 
ATOM   190  N  NE1 . TRP A 1 31  ? 2.170   -4.038  4.620   1.00 5.38  ? 25  TRP A NE1 1 
ATOM   191  C  CE2 . TRP A 1 31  ? 2.198   -4.137  5.999   1.00 5.41  ? 25  TRP A CE2 1 
ATOM   192  C  CE3 . TRP A 1 31  ? 3.768   -4.777  7.736   1.00 5.68  ? 25  TRP A CE3 1 
ATOM   193  C  CZ2 . TRP A 1 31  ? 1.197   -3.895  6.955   1.00 5.69  ? 25  TRP A CZ2 1 
ATOM   194  C  CZ3 . TRP A 1 31  ? 2.784   -4.534  8.673   1.00 6.01  ? 25  TRP A CZ3 1 
ATOM   195  C  CH2 . TRP A 1 31  ? 1.511   -4.095  8.289   1.00 6.18  ? 25  TRP A CH2 1 
ATOM   196  N  N   . ALA A 1 32  ? 7.166   -4.154  7.653   1.00 5.51  ? 26  ALA A N   1 
ATOM   197  C  CA  . ALA A 1 32  ? 7.087   -3.688  9.011   1.00 5.53  ? 26  ALA A CA  1 
ATOM   198  C  C   . ALA A 1 32  ? 7.892   -2.392  9.207   1.00 6.04  ? 26  ALA A C   1 
ATOM   199  O  O   . ALA A 1 32  ? 7.446   -1.500  9.895   1.00 6.00  ? 26  ALA A O   1 
ATOM   200  C  CB  . ALA A 1 32  ? 7.490   -4.770  9.962   1.00 6.00  ? 26  ALA A CB  1 
ATOM   201  N  N   . ASP A 1 33  ? 9.104   -2.310  8.614   1.00 6.40  ? 27  ASP A N   1 
ATOM   202  C  CA  . ASP A 1 33  ? 9.843   -1.064  8.696   1.00 6.13  ? 27  ASP A CA  1 
ATOM   203  C  C   . ASP A 1 33  ? 9.051   0.070   8.044   1.00 5.78  ? 27  ASP A C   1 
ATOM   204  O  O   . ASP A 1 33  ? 9.077   1.188   8.493   1.00 5.99  ? 27  ASP A O   1 
ATOM   205  C  CB  . ASP A 1 33  ? 11.214  -1.176  8.048   1.00 6.61  ? 27  ASP A CB  1 
ATOM   206  C  CG  . ASP A 1 33  ? 12.317  -1.729  8.934   1.00 7.33  ? 27  ASP A CG  1 
ATOM   207  O  OD1 . ASP A 1 33  ? 12.138  -1.861  10.173  1.00 8.27  ? 27  ASP A OD1 1 
ATOM   208  O  OD2 . ASP A 1 33  ? 13.448  -2.010  8.368   1.00 8.46  ? 27  ASP A OD2 1 
ATOM   209  N  N   . ALA A 1 34  ? 8.401   -0.230  6.910   1.00 5.76  ? 28  ALA A N   1 
ATOM   210  C  CA  . ALA A 1 34  ? 7.623   0.800   6.203   1.00 5.55  ? 28  ALA A CA  1 
ATOM   211  C  C   . ALA A 1 34  ? 6.423   1.244   7.059   1.00 5.61  ? 28  ALA A C   1 
ATOM   212  O  O   . ALA A 1 34  ? 6.175   2.431   7.155   1.00 5.89  ? 28  ALA A O   1 
ATOM   213  C  CB  . ALA A 1 34  ? 7.180   0.250   4.875   1.00 5.73  ? 28  ALA A CB  1 
ATOM   214  N  N   . GLN A 1 35  ? 5.737   0.280   7.708   1.00 5.50  ? 29  GLN A N   1 
ATOM   215  C  CA  . GLN A 1 35  ? 4.631   0.655   8.593   1.00 5.11  ? 29  GLN A CA  1 
ATOM   216  C  C   . GLN A 1 35  ? 5.130   1.524   9.735   1.00 4.96  ? 29  GLN A C   1 
ATOM   217  O  O   . GLN A 1 35  ? 4.519   2.513   10.087  1.00 5.77  ? 29  GLN A O   1 
ATOM   218  C  CB  . GLN A 1 35  ? 3.921   -0.609  9.076   1.00 5.37  ? 29  GLN A CB  1 
ATOM   219  C  CG  . GLN A 1 35  ? 2.785   -0.378  10.058  1.00 5.49  ? 29  GLN A CG  1 
ATOM   220  C  CD  . GLN A 1 35  ? 1.576   0.322   9.459   1.00 5.56  ? 29  GLN A CD  1 
ATOM   221  O  OE1 . GLN A 1 35  ? 1.483   0.517   8.256   1.00 6.38  ? 29  GLN A OE1 1 
ATOM   222  N  NE2 . GLN A 1 35  ? 0.621   0.719   10.294  1.00 7.86  ? 29  GLN A NE2 1 
ATOM   223  N  N   . GLU A 1 36  ? 6.246   1.109   10.360  1.00 5.52  ? 30  GLU A N   1 
ATOM   224  C  CA  . GLU A 1 36  ? 6.825   1.859   11.487  1.00 6.04  ? 30  GLU A CA  1 
ATOM   225  C  C   . GLU A 1 36  ? 7.203   3.280   11.042  1.00 6.15  ? 30  GLU A C   1 
ATOM   226  O  O   . GLU A 1 36  ? 7.040   4.220   11.808  1.00 6.52  ? 30  GLU A O   1 
ATOM   227  C  CB  . GLU A 1 36  ? 8.023   1.092   12.048  1.00 7.32  ? 30  GLU A CB  1 
ATOM   228  C  CG  . GLU A 1 36  ? 7.594   -0.166  12.794  1.00 8.43  ? 30  GLU A CG  1 
ATOM   229  C  CD  . GLU A 1 36  ? 8.734   -1.082  13.190  1.00 10.47 ? 30  GLU A CD  1 
ATOM   230  O  OE1 . GLU A 1 36  ? 8.502   -2.256  13.460  1.00 11.36 ? 30  GLU A OE1 1 
ATOM   231  O  OE2 . GLU A 1 36  ? 9.886   -0.639  13.160  1.00 15.93 ? 30  GLU A OE2 1 
ATOM   232  N  N   . SER A 1 37  ? 7.754   3.430   9.827   1.00 6.13  ? 31  SER A N   1 
ATOM   233  C  CA  . SER A 1 37  ? 8.114   4.746   9.330   1.00 6.63  ? 31  SER A CA  1 
ATOM   234  C  C   . SER A 1 37  ? 6.874   5.620   9.138   1.00 5.83  ? 31  SER A C   1 
ATOM   235  O  O   . SER A 1 37  ? 6.881   6.786   9.498   1.00 6.96  ? 31  SER A O   1 
ATOM   236  C  CB  . SER A 1 37  ? 8.906   4.602   8.048   1.00 6.81  ? 31  SER A CB  1 
ATOM   237  O  OG  . SER A 1 37  ? 9.328   5.860   7.564   1.00 8.71  ? 31  SER A OG  1 
ATOM   238  N  N   . CYS A 1 38  ? 5.787   5.046   8.595   1.00 5.50  ? 32  CYS A N   1 
ATOM   239  C  CA  . CYS A 1 38  ? 4.538   5.811   8.548   1.00 5.47  ? 32  CYS A CA  1 
ATOM   240  C  C   . CYS A 1 38  ? 4.101   6.230   9.960   1.00 5.20  ? 32  CYS A C   1 
ATOM   241  O  O   . CYS A 1 38  ? 3.706   7.360   10.192  1.00 5.71  ? 32  CYS A O   1 
ATOM   242  C  CB  . CYS A 1 38  ? 3.413   4.992   7.902   1.00 5.67  ? 32  CYS A CB  1 
ATOM   243  S  SG  . CYS A 1 38  ? 3.672   4.512   6.168   1.00 5.96  ? 32  CYS A SG  1 
ATOM   244  N  N   . MET A 1 39  ? 4.175   5.290   10.896  1.00 5.70  ? 33  MET A N   1 
ATOM   245  C  CA  . MET A 1 39  ? 3.666   5.527   12.251  1.00 6.05  ? 33  MET A CA  1 
ATOM   246  C  C   . MET A 1 39  ? 4.438   6.618   12.988  1.00 6.04  ? 33  MET A C   1 
ATOM   247  O  O   . MET A 1 39  ? 3.869   7.291   13.826  1.00 6.34  ? 33  MET A O   1 
ATOM   248  C  CB  . MET A 1 39  ? 3.659   4.231   13.084  1.00 6.14  ? 33  MET A CB  1 
ATOM   249  C  CG  . MET A 1 39  ? 2.645   3.213   12.579  1.00 6.79  ? 33  MET A CG  1 
ATOM   250  S  SD  . MET A 1 39  ? 2.682   1.681   13.437  1.00 10.60 ? 33  MET A SD  1 
ATOM   251  C  CE  . MET A 1 39  ? 1.766   2.264   14.900  1.00 12.28 ? 33  MET A CE  1 
ATOM   252  N  N   . LYS A 1 40  ? 5.727   6.731   12.661  1.00 6.48  ? 34  LYS A N   1 
ATOM   253  C  CA  . LYS A 1 40  ? 6.556   7.807   13.286  1.00 7.53  ? 34  LYS A CA  1 
ATOM   254  C  C   . LYS A 1 40  ? 5.947   9.200   12.990  1.00 6.62  ? 34  LYS A C   1 
ATOM   255  O  O   . LYS A 1 40  ? 6.082   10.123  13.828  1.00 8.24  ? 34  LYS A O   1 
ATOM   256  C  CB  . LYS A 1 40  ? 7.986   7.684   12.774  1.00 9.62  ? 34  LYS A CB  1 
ATOM   257  C  CG  . LYS A 1 40  ? 8.983   8.731   13.249  1.00 13.55 ? 34  LYS A CG  1 
ATOM   258  C  CD  . LYS A 1 40  ? 10.297  8.459   12.527  1.00 18.85 ? 34  LYS A CD  1 
ATOM   259  C  CE  . LYS A 1 40  ? 11.124  9.712   12.492  1.00 24.80 ? 34  LYS A CE  1 
ATOM   260  N  NZ  . LYS A 1 40  ? 11.693  9.923   13.811  1.00 28.10 ? 34  LYS A NZ  1 
ATOM   261  N  N   . GLU A 1 41  ? 5.281   9.363   11.829  1.00 7.31  ? 35  GLU A N   1 
ATOM   262  C  CA  . GLU A 1 41  ? 4.608   10.616  11.472  1.00 8.18  ? 35  GLU A CA  1 
ATOM   263  C  C   . GLU A 1 41  ? 3.096   10.488  11.547  1.00 7.67  ? 35  GLU A C   1 
ATOM   264  O  O   . GLU A 1 41  ? 2.380   11.139  10.761  1.00 8.15  ? 35  GLU A O   1 
ATOM   265  C  CB  . GLU A 1 41  ? 5.066   11.102  10.119  1.00 11.24 ? 35  GLU A CB  1 
ATOM   266  C  CG  . GLU A 1 41  ? 6.553   11.410  10.057  1.00 13.85 ? 35  GLU A CG  1 
ATOM   267  C  CD  . GLU A 1 41  ? 7.151   12.412  11.059  1.00 17.91 ? 35  GLU A CD  1 
ATOM   268  O  OE1 . GLU A 1 41  ? 6.439   13.308  11.547  1.00 21.33 ? 35  GLU A OE1 1 
ATOM   269  O  OE2 . GLU A 1 41  ? 8.330   12.235  11.435  1.00 25.76 ? 35  GLU A OE2 1 
ATOM   270  N  N   . GLY A 1 42  ? 2.607   9.648   12.452  1.00 6.36  ? 36  GLY A N   1 
ATOM   271  C  CA  . GLY A 1 42  ? 1.152   9.607   12.692  1.00 6.74  ? 36  GLY A CA  1 
ATOM   272  C  C   . GLY A 1 42  ? 0.369   9.000   11.545  1.00 5.97  ? 36  GLY A C   1 
ATOM   273  O  O   . GLY A 1 42  ? -0.831  9.274   11.410  1.00 6.59  ? 36  GLY A O   1 
ATOM   274  N  N   . ALA A 1 43  ? 1.014   8.127   10.785  1.00 5.72  ? 37  ALA A N   1 
ATOM   275  C  CA  . ALA A 1 43  ? 0.312   7.565   9.607   1.00 5.81  ? 37  ALA A CA  1 
ATOM   276  C  C   . ALA A 1 43  ? 0.382   6.029   9.634   1.00 5.42  ? 37  ALA A C   1 
ATOM   277  O  O   . ALA A 1 43  ? 1.070   5.406   10.459  1.00 6.63  ? 37  ALA A O   1 
ATOM   278  C  CB  . ALA A 1 43  ? 0.902   8.127   8.321   1.00 6.22  ? 37  ALA A CB  1 
ATOM   279  N  N   . SER A 1 44  ? -0.329  5.450   8.666   1.00 5.95  ? 38  SER A N   1 
ATOM   280  C  CA  . SER A 1 44  ? -0.282  3.997   8.430   1.00 5.34  ? 38  SER A CA  1 
ATOM   281  C  C   . SER A 1 44  ? 0.051   3.804   6.945   1.00 4.69  ? 38  SER A C   1 
ATOM   282  O  O   . SER A 1 44  ? -0.227  4.687   6.130   1.00 5.48  ? 38  SER A O   1 
ATOM   283  C  CB  . SER A 1 44  ? -1.665  3.382   8.688   1.00 6.69  ? 38  SER A CB  1 
ATOM   284  O  OG  . SER A 1 44  ? -1.700  2.007   8.408   1.00 7.64  ? 38  SER A OG  1 
ATOM   285  N  N   . LEU A 1 45  ? 0.589   2.649   6.598   1.00 4.57  ? 39  LEU A N   1 
ATOM   286  C  CA  . LEU A 1 45  ? 0.573   2.289   5.210   1.00 4.97  ? 39  LEU A CA  1 
ATOM   287  C  C   . LEU A 1 45  ? -0.858  2.351   4.709   1.00 4.66  ? 39  LEU A C   1 
ATOM   288  O  O   . LEU A 1 45  ? -1.825  1.963   5.417   1.00 5.63  ? 39  LEU A O   1 
ATOM   289  C  CB  . LEU A 1 45  ? 1.145   0.887   5.035   1.00 5.41  ? 39  LEU A CB  1 
ATOM   290  C  CG  . LEU A 1 45  ? 2.640   0.739   5.231   1.00 5.64  ? 39  LEU A CG  1 
ATOM   291  C  CD1 . LEU A 1 45  ? 3.014   -0.727  5.305   1.00 5.85  ? 39  LEU A CD1 1 
ATOM   292  C  CD2 . LEU A 1 45  ? 3.438   1.458   4.114   1.00 5.83  ? 39  LEU A CD2 1 
ATOM   293  N  N   . ALA A 1 46  ? -1.032  2.841   3.476   1.00 4.82  ? 40  ALA A N   1 
ATOM   294  C  CA  . ALA A 1 46  ? -2.353  3.225   2.981   1.00 5.19  ? 40  ALA A CA  1 
ATOM   295  C  C   . ALA A 1 46  ? -3.238  2.018   2.620   1.00 4.79  ? 40  ALA A C   1 
ATOM   296  O  O   . ALA A 1 46  ? -2.759  0.951   2.284   1.00 5.64  ? 40  ALA A O   1 
ATOM   297  C  CB  . ALA A 1 46  ? -2.177  4.075   1.735   1.00 5.69  ? 40  ALA A CB  1 
ATOM   298  N  N   . SER A 1 47  ? -4.541  2.328   2.625   1.00 4.85  ? 41  SER A N   1 
ATOM   299  C  CA  . SER A 1 47  ? -5.551  1.424   2.042   1.00 5.02  ? 41  SER A CA  1 
ATOM   300  C  C   . SER A 1 47  ? -6.054  2.100   0.746   1.00 5.27  ? 41  SER A C   1 
ATOM   301  O  O   . SER A 1 47  ? -5.746  3.306   0.482   1.00 6.90  ? 41  SER A O   1 
ATOM   302  C  CB  . SER A 1 47  ? -6.690  1.140   2.997   1.00 5.57  ? 41  SER A CB  1 
ATOM   303  O  OG  . SER A 1 47  ? -7.391  2.359   3.266   1.00 5.94  ? 41  SER A OG  1 
ATOM   304  N  N   . ILE A 1 48  ? -6.809  1.343   -0.075  1.00 5.36  ? 42  ILE A N   1 
ATOM   305  C  CA  . ILE A 1 48  ? -7.369  1.861   -1.361  1.00 5.75  ? 42  ILE A CA  1 
ATOM   306  C  C   . ILE A 1 48  ? -8.825  1.390   -1.451  1.00 5.39  ? 42  ILE A C   1 
ATOM   307  O  O   . ILE A 1 48  ? -9.083  0.170   -1.241  1.00 6.19  ? 42  ILE A O   1 
ATOM   308  C  CB  . ILE A 1 48  ? -6.591  1.351   -2.585  1.00 7.20  ? 42  ILE A CB  1 
ATOM   309  C  CG1 . ILE A 1 48  ? -5.083  1.623   -2.499  1.00 7.69  ? 42  ILE A CG1 1 
ATOM   310  C  CG2 . ILE A 1 48  ? -7.221  1.905   -3.845  1.00 7.48  ? 42  ILE A CG2 1 
ATOM   311  C  CD1 . ILE A 1 48  ? -4.673  3.032   -2.662  1.00 8.54  ? 42  ILE A CD1 1 
ATOM   312  N  N   . HIS A 1 49  ? -9.753  2.317   -1.756  1.00 5.58  ? 43  HIS A N   1 
ATOM   313  C  CA  . HIS A 1 49  ? -11.193 1.960   -1.771  1.00 5.90  ? 43  HIS A CA  1 
ATOM   314  C  C   . HIS A 1 49  ? -11.913 2.424   -3.021  1.00 6.84  ? 43  HIS A C   1 
ATOM   315  O  O   . HIS A 1 49  ? -13.135 2.155   -3.111  1.00 7.86  ? 43  HIS A O   1 
ATOM   316  C  CB  . HIS A 1 49  ? -11.893 2.568   -0.530  1.00 6.63  ? 43  HIS A CB  1 
ATOM   317  C  CG  . HIS A 1 49  ? -11.296 2.010   0.725   1.00 6.34  ? 43  HIS A CG  1 
ATOM   318  N  ND1 . HIS A 1 49  ? -11.586 0.739   1.185   1.00 6.68  ? 43  HIS A ND1 1 
ATOM   319  C  CD2 . HIS A 1 49  ? -10.287 2.477   1.509   1.00 6.48  ? 43  HIS A CD2 1 
ATOM   320  C  CE1 . HIS A 1 49  ? -10.831 0.477   2.241   1.00 6.79  ? 43  HIS A CE1 1 
ATOM   321  N  NE2 . HIS A 1 49  ? -10.079 1.525   2.463   1.00 6.66  ? 43  HIS A NE2 1 
ATOM   322  N  N   . SER A 1 50  ? -11.241 3.108   -3.944  1.00 7.54  ? 44  SER A N   1 
ATOM   323  C  CA  . SER A 1 50  ? -11.944 3.532   -5.181  1.00 9.52  ? 44  SER A CA  1 
ATOM   324  C  C   . SER A 1 50  ? -10.904 3.615   -6.276  1.00 8.88  ? 44  SER A C   1 
ATOM   325  O  O   . SER A 1 50  ? -9.680  3.829   -6.011  1.00 8.38  ? 44  SER A O   1 
ATOM   326  C  CB  . SER A 1 50  ? -12.646 4.840   -5.031  1.00 9.34  ? 44  SER A CB  1 
ATOM   327  O  OG  . SER A 1 50  ? -11.737 5.920   -4.904  1.00 9.21  ? 44  SER A OG  1 
ATOM   328  N  N   . LEU A 1 51  ? -11.391 3.586   -7.539  1.00 10.20 ? 45  LEU A N   1 
ATOM   329  C  CA  A LEU A 1 51  ? -10.563 3.947   -8.658  0.50 10.02 ? 45  LEU A CA  1 
ATOM   330  C  CA  B LEU A 1 51  ? -10.517 3.936   -8.660  0.50 10.21 ? 45  LEU A CA  1 
ATOM   331  C  C   . LEU A 1 51  ? -9.732  5.383   -8.695  1.00 9.06  ? 45  LEU A C   1 
ATOM   332  O  O   . LEU A 1 51  ? -8.576  5.424   -8.862  1.00 9.52  ? 45  LEU A O   1 
ATOM   333  C  CB  A LEU A 1 51  ? -11.519 3.926   -9.841  0.50 10.24 ? 45  LEU A CB  1 
ATOM   334  C  CB  B LEU A 1 51  ? -11.257 3.802   -9.988  0.50 10.48 ? 45  LEU A CB  1 
ATOM   335  C  CG  A LEU A 1 51  ? -10.869 4.171   -11.183 0.50 10.34 ? 45  LEU A CG  1 
ATOM   336  C  CG  B LEU A 1 51  ? -11.413 2.375   -10.508 0.50 11.38 ? 45  LEU A CG  1 
ATOM   337  C  CD1 A LEU A 1 51  ? -9.717  3.203   -11.331 0.50 10.65 ? 45  LEU A CD1 1 
ATOM   338  C  CD1 B LEU A 1 51  ? -12.300 2.383   -11.740 0.50 12.44 ? 45  LEU A CD1 1 
ATOM   339  C  CD2 A LEU A 1 51  ? -11.903 3.991   -12.276 0.50 10.73 ? 45  LEU A CD2 1 
ATOM   340  C  CD2 B LEU A 1 51  ? -10.087 1.682   -10.807 0.50 12.45 ? 45  LEU A CD2 1 
ATOM   341  N  N   . GLU A 1 52  ? -10.502 6.365   -8.193  1.00 9.36  ? 46  GLU A N   1 
ATOM   342  C  CA  . GLU A 1 52  ? -9.916  7.708   -8.070  1.00 9.19  ? 46  GLU A CA  1 
ATOM   343  C  C   . GLU A 1 52  ? -8.843  7.708   -6.967  1.00 8.08  ? 46  GLU A C   1 
ATOM   344  O  O   . GLU A 1 52  ? -7.807  8.351   -7.131  1.00 9.11  ? 46  GLU A O   1 
ATOM   345  C  CB  . GLU A 1 52  ? -10.986 8.769   -7.838  1.00 10.93 ? 46  GLU A CB  1 
ATOM   346  C  CG  . GLU A 1 52  ? -10.552 10.110  -8.284  1.00 15.71 ? 46  GLU A CG  1 
ATOM   347  C  CD  . GLU A 1 52  ? -10.291 10.287  -9.774  1.00 17.61 ? 46  GLU A CD  1 
ATOM   348  O  OE1 . GLU A 1 52  ? -10.761 9.539   -10.600 1.00 20.31 ? 46  GLU A OE1 1 
ATOM   349  O  OE2 . GLU A 1 52  ? -9.538  11.166  -10.040 1.00 22.99 ? 46  GLU A OE2 1 
ATOM   350  N  N   . GLN A 1 53  ? -9.113  7.070   -5.821  1.00 7.68  ? 47  GLN A N   1 
ATOM   351  C  CA  . GLN A 1 53  ? -8.056  7.016   -4.780  1.00 7.12  ? 47  GLN A CA  1 
ATOM   352  C  C   . GLN A 1 53  ? -6.823  6.287   -5.348  1.00 6.33  ? 47  GLN A C   1 
ATOM   353  O  O   . GLN A 1 53  ? -5.671  6.711   -5.117  1.00 6.70  ? 47  GLN A O   1 
ATOM   354  C  CB  . GLN A 1 53  ? -8.528  6.226   -3.550  1.00 7.98  ? 47  GLN A CB  1 
ATOM   355  C  CG  . GLN A 1 53  ? -9.483  6.958   -2.604  1.00 8.67  ? 47  GLN A CG  1 
ATOM   356  C  CD  . GLN A 1 53  ? -9.949  6.044   -1.476  1.00 8.51  ? 47  GLN A CD  1 
ATOM   357  O  OE1 . GLN A 1 53  ? -9.315  4.999   -1.219  1.00 7.61  ? 47  GLN A OE1 1 
ATOM   358  N  NE2 . GLN A 1 53  ? -11.030 6.454   -0.779  1.00 9.47  ? 47  GLN A NE2 1 
ATOM   359  N  N   . TYR A 1 54  ? -7.096  5.187   -6.057  1.00 6.12  ? 48  TYR A N   1 
ATOM   360  C  CA  . TYR A 1 54  ? -5.987  4.341   -6.578  1.00 6.64  ? 48  TYR A CA  1 
ATOM   361  C  C   . TYR A 1 54  ? -5.118  5.158   -7.566  1.00 7.01  ? 48  TYR A C   1 
ATOM   362  O  O   . TYR A 1 54  ? -3.892  5.127   -7.493  1.00 7.47  ? 48  TYR A O   1 
ATOM   363  C  CB  . TYR A 1 54  ? -6.619  3.140   -7.271  1.00 7.05  ? 48  TYR A CB  1 
ATOM   364  C  CG  . TYR A 1 54  ? -5.668  2.058   -7.717  1.00 7.79  ? 48  TYR A CG  1 
ATOM   365  C  CD1 . TYR A 1 54  ? -4.468  1.784   -7.061  1.00 8.10  ? 48  TYR A CD1 1 
ATOM   366  C  CD2 . TYR A 1 54  ? -6.033  1.260   -8.807  1.00 8.79  ? 48  TYR A CD2 1 
ATOM   367  C  CE1 . TYR A 1 54  ? -3.671  0.721   -7.489  1.00 8.88  ? 48  TYR A CE1 1 
ATOM   368  C  CE2 . TYR A 1 54  ? -5.236  0.216   -9.251  1.00 9.47  ? 48  TYR A CE2 1 
ATOM   369  C  CZ  . TYR A 1 54  ? -4.069  -0.064  -8.563  1.00 8.58  ? 48  TYR A CZ  1 
ATOM   370  O  OH  . TYR A 1 54  ? -3.269  -1.120  -8.936  1.00 9.97  ? 48  TYR A OH  1 
ATOM   371  N  N   . THR A 1 55  ? -5.780  5.863   -8.485  1.00 7.51  ? 49  THR A N   1 
ATOM   372  C  CA  . THR A 1 55  ? -5.040  6.690   -9.433  1.00 9.04  ? 49  THR A CA  1 
ATOM   373  C  C   . THR A 1 55  ? -4.240  7.780   -8.738  1.00 8.07  ? 49  THR A C   1 
ATOM   374  O  O   . THR A 1 55  ? -3.074  8.033   -9.098  1.00 9.22  ? 49  THR A O   1 
ATOM   375  C  CB  . THR A 1 55  ? -5.977  7.219   -10.511 1.00 11.79 ? 49  THR A CB  1 
ATOM   376  O  OG1 . THR A 1 55  ? -6.590  6.097   -11.172 1.00 14.20 ? 49  THR A OG1 1 
ATOM   377  C  CG2 . THR A 1 55  ? -5.326  8.102   -11.530 1.00 15.49 ? 49  THR A CG2 1 
ATOM   378  N  N   . PHE A 1 56  ? -4.836  8.419   -7.735  1.00 7.59  ? 50  PHE A N   1 
ATOM   379  C  CA  . PHE A 1 56  ? -4.121  9.452   -6.994  1.00 7.15  ? 50  PHE A CA  1 
ATOM   380  C  C   . PHE A 1 56  ? -2.857  8.876   -6.363  1.00 6.61  ? 50  PHE A C   1 
ATOM   381  O  O   . PHE A 1 56  ? -1.790  9.460   -6.443  1.00 7.47  ? 50  PHE A O   1 
ATOM   382  C  CB  . PHE A 1 56  ? -5.043  10.037  -5.920  1.00 7.65  ? 50  PHE A CB  1 
ATOM   383  C  CG  . PHE A 1 56  ? -4.391  11.175  -5.163  1.00 7.72  ? 50  PHE A CG  1 
ATOM   384  C  CD1 . PHE A 1 56  ? -4.474  12.480  -5.628  1.00 7.96  ? 50  PHE A CD1 1 
ATOM   385  C  CD2 . PHE A 1 56  ? -3.693  10.939  -3.985  1.00 8.09  ? 50  PHE A CD2 1 
ATOM   386  C  CE1 . PHE A 1 56  ? -3.849  13.516  -4.968  1.00 9.57  ? 50  PHE A CE1 1 
ATOM   387  C  CE2 . PHE A 1 56  ? -3.089  11.998  -3.331  1.00 8.80  ? 50  PHE A CE2 1 
ATOM   388  C  CZ  . PHE A 1 56  ? -3.169  13.271  -3.800  1.00 9.60  ? 50  PHE A CZ  1 
ATOM   389  N  N   . VAL A 1 57  ? -2.997  7.714   -5.710  1.00 6.41  ? 51  VAL A N   1 
ATOM   390  C  CA  . VAL A 1 57  ? -1.873  7.087   -5.048  1.00 6.38  ? 51  VAL A CA  1 
ATOM   391  C  C   . VAL A 1 57  ? -0.803  6.698   -6.076  1.00 6.48  ? 51  VAL A C   1 
ATOM   392  O  O   . VAL A 1 57  ? 0.390   6.954   -5.873  1.00 7.31  ? 51  VAL A O   1 
ATOM   393  C  CB  . VAL A 1 57  ? -2.328  5.925   -4.163  1.00 6.61  ? 51  VAL A CB  1 
ATOM   394  C  CG1 . VAL A 1 57  ? -1.126  5.081   -3.715  1.00 6.81  ? 51  VAL A CG1 1 
ATOM   395  C  CG2 . VAL A 1 57  ? -3.131  6.467   -2.983  1.00 7.23  ? 51  VAL A CG2 1 
ATOM   396  N  N   . LYS A 1 58  ? -1.202  6.094   -7.207  1.00 7.20  ? 52  LYS A N   1 
ATOM   397  C  CA  . LYS A 1 58  ? -0.179  5.742   -8.231  1.00 7.85  ? 52  LYS A CA  1 
ATOM   398  C  C   . LYS A 1 58  ? 0.622   6.984   -8.671  1.00 7.95  ? 52  LYS A C   1 
ATOM   399  O  O   . LYS A 1 58  ? 1.793   6.871   -8.924  1.00 8.37  ? 52  LYS A O   1 
ATOM   400  C  CB  . LYS A 1 58  ? -0.847  5.072   -9.429  1.00 8.65  ? 52  LYS A CB  1 
ATOM   401  C  CG  . LYS A 1 58  ? -1.201  3.625   -9.189  1.00 9.37  ? 52  LYS A CG  1 
ATOM   402  C  CD  . LYS A 1 58  ? -1.699  2.894   -10.406 1.00 9.84  ? 52  LYS A CD  1 
ATOM   403  C  CE  . LYS A 1 58  ? -3.138  3.201   -10.698 1.00 9.86  ? 52  LYS A CE  1 
ATOM   404  N  NZ  . LYS A 1 58  ? -3.603  2.560   -11.969 1.00 10.66 ? 52  LYS A NZ  1 
ATOM   405  N  N   . GLU A 1 59  ? -0.074  8.099   -8.762  1.00 8.58  ? 53  GLU A N   1 
ATOM   406  C  CA  . GLU A 1 59  ? 0.578   9.351   -9.216  1.00 9.09  ? 53  GLU A CA  1 
ATOM   407  C  C   . GLU A 1 59  ? 1.608   9.874   -8.223  1.00 8.91  ? 53  GLU A C   1 
ATOM   408  O  O   . GLU A 1 59  ? 2.343   10.790  -8.574  1.00 12.36 ? 53  GLU A O   1 
ATOM   409  C  CB  . GLU A 1 59  ? -0.483  10.389  -9.591  1.00 11.69 ? 53  GLU A CB  1 
ATOM   410  C  CG  . GLU A 1 59  ? -1.190  10.003  -10.876 1.00 15.98 ? 53  GLU A CG  1 
ATOM   411  C  CD  . GLU A 1 59  ? -2.383  10.834  -11.344 1.00 19.37 ? 53  GLU A CD  1 
ATOM   412  O  OE1 . GLU A 1 59  ? -2.945  10.496  -12.402 1.00 24.36 ? 53  GLU A OE1 1 
ATOM   413  O  OE2 . GLU A 1 59  ? -2.755  11.803  -10.653 1.00 27.70 ? 53  GLU A OE2 1 
ATOM   414  N  N   . LEU A 1 60  ? 1.653   9.348   -6.991  1.00 7.88  ? 54  LEU A N   1 
ATOM   415  C  CA  . LEU A 1 60  ? 2.698   9.727   -5.992  1.00 8.10  ? 54  LEU A CA  1 
ATOM   416  C  C   . LEU A 1 60  ? 4.003   8.945   -6.126  1.00 7.43  ? 54  LEU A C   1 
ATOM   417  O  O   . LEU A 1 60  ? 4.961   9.293   -5.481  1.00 8.82  ? 54  LEU A O   1 
ATOM   418  C  CB  . LEU A 1 60  ? 2.183   9.470   -4.575  1.00 8.66  ? 54  LEU A CB  1 
ATOM   419  C  CG  . LEU A 1 60  ? 0.925   10.230  -4.215  1.00 9.66  ? 54  LEU A CG  1 
ATOM   420  C  CD1 . LEU A 1 60  ? 0.424   9.820   -2.850  1.00 11.36 ? 54  LEU A CD1 1 
ATOM   421  C  CD2 . LEU A 1 60  ? 1.141   11.729  -4.220  1.00 12.08 ? 54  LEU A CD2 1 
ATOM   422  N  N   . THR A 1 61  ? 3.982   7.880   -6.951  1.00 7.81  ? 55  THR A N   1 
ATOM   423  C  CA  . THR A 1 61  ? 5.038   6.846   -6.884  1.00 8.38  ? 55  THR A CA  1 
ATOM   424  C  C   . THR A 1 61  ? 6.170   7.029   -7.913  1.00 8.80  ? 55  THR A C   1 
ATOM   425  O  O   . THR A 1 61  ? 6.839   6.040   -8.272  1.00 9.42  ? 55  THR A O   1 
ATOM   426  C  CB  . THR A 1 61  ? 4.439   5.450   -6.935  1.00 7.56  ? 55  THR A CB  1 
ATOM   427  O  OG1 . THR A 1 61  ? 3.778   5.213   -8.176  1.00 7.81  ? 55  THR A OG1 1 
ATOM   428  C  CG2 . THR A 1 61  ? 3.497   5.220   -5.770  1.00 7.00  ? 55  THR A CG2 1 
ATOM   429  N  N   . THR A 1 62  ? 6.438   8.278   -8.268  1.00 10.42 ? 56  THR A N   1 
ATOM   430  C  CA  . THR A 1 62  ? 7.508   8.683   -9.230  1.00 9.83  ? 56  THR A CA  1 
ATOM   431  C  C   . THR A 1 62  ? 7.021   8.374   -10.637 1.00 10.31 ? 56  THR A C   1 
ATOM   432  O  O   . THR A 1 62  ? 6.000   7.669   -10.867 1.00 10.85 ? 56  THR A O   1 
ATOM   433  C  CB  . THR A 1 62  ? 8.905   8.097   -8.995  1.00 9.20  ? 56  THR A CB  1 
ATOM   434  O  OG1 . THR A 1 62  ? 9.061   6.846   -9.671  1.00 10.83 ? 56  THR A OG1 1 
ATOM   435  C  CG2 . THR A 1 62  ? 9.298   8.029   -7.541  1.00 10.86 ? 56  THR A CG2 1 
ATOM   436  N  N   . ALA A 1 63  ? 7.765   8.866   -11.608 1.00 10.15 ? 57  ALA A N   1 
ATOM   437  C  CA  . ALA A 1 63  ? 7.424   8.581   -13.008 1.00 10.56 ? 57  ALA A CA  1 
ATOM   438  C  C   . ALA A 1 63  ? 7.531   7.091   -13.287 1.00 10.14 ? 57  ALA A C   1 
ATOM   439  O  O   . ALA A 1 63  ? 6.815   6.599   -14.185 1.00 9.99  ? 57  ALA A O   1 
ATOM   440  C  CB  . ALA A 1 63  ? 8.277   9.404   -13.962 1.00 11.53 ? 57  ALA A CB  1 
ATOM   441  N  N   . ALA A 1 64  ? 8.349   6.386   -12.515 1.00 10.21 ? 58  ALA A N   1 
ATOM   442  C  CA  . ALA A 1 64  ? 8.560   4.962   -12.689 1.00 10.10 ? 58  ALA A CA  1 
ATOM   443  C  C   . ALA A 1 64  ? 7.392   4.115   -12.154 1.00 9.38  ? 58  ALA A C   1 
ATOM   444  O  O   . ALA A 1 64  ? 7.445   2.920   -12.303 1.00 9.99  ? 58  ALA A O   1 
ATOM   445  C  CB  . ALA A 1 64  ? 9.868   4.544   -12.030 1.00 11.75 ? 58  ALA A CB  1 
ATOM   446  N  N   . LEU A 1 65  ? 6.432   4.727   -11.426 1.00 8.85  ? 59  LEU A N   1 
ATOM   447  C  CA  . LEU A 1 65  ? 5.364   3.974   -10.683 1.00 8.50  ? 59  LEU A CA  1 
ATOM   448  C  C   . LEU A 1 65  ? 6.029   2.796   -9.985  1.00 7.61  ? 59  LEU A C   1 
ATOM   449  O  O   . LEU A 1 65  ? 5.810   1.584   -10.359 1.00 7.96  ? 59  LEU A O   1 
ATOM   450  C  CB  . LEU A 1 65  ? 4.224   3.495   -11.549 1.00 8.44  ? 59  LEU A CB  1 
ATOM   451  C  CG  . LEU A 1 65  ? 3.101   4.495   -11.779 1.00 10.35 ? 59  LEU A CG  1 
ATOM   452  C  CD1 . LEU A 1 65  ? 3.545   5.660   -12.679 1.00 12.27 ? 59  LEU A CD1 1 
ATOM   453  C  CD2 . LEU A 1 65  ? 1.878   3.805   -12.343 1.00 9.84  ? 59  LEU A CD2 1 
ATOM   454  N  N   . THR A 1 66  ? 6.817   3.177   -9.015  1.00 8.33  ? 60  THR A N   1 
ATOM   455  C  CA  . THR A 1 66  ? 7.684   2.230   -8.315  1.00 8.21  ? 60  THR A CA  1 
ATOM   456  C  C   . THR A 1 66  ? 6.837   1.240   -7.521  1.00 7.34  ? 60  THR A C   1 
ATOM   457  O  O   . THR A 1 66  ? 5.913   1.670   -6.799  1.00 7.19  ? 60  THR A O   1 
ATOM   458  C  CB  . THR A 1 66  ? 8.609   3.002   -7.360  1.00 9.14  ? 60  THR A CB  1 
ATOM   459  O  OG1 . THR A 1 66  ? 9.279   3.999   -8.159  1.00 10.97 ? 60  THR A OG1 1 
ATOM   460  C  CG2 . THR A 1 66  ? 9.615   2.109   -6.676  1.00 10.78 ? 60  THR A CG2 1 
ATOM   461  N  N   . PRO A 1 67  ? 7.154   -0.063  -7.607  1.00 6.82  ? 61  PRO A N   1 
ATOM   462  C  CA  . PRO A 1 67  ? 6.528   -1.087  -6.740  1.00 6.51  ? 61  PRO A CA  1 
ATOM   463  C  C   . PRO A 1 67  ? 6.578   -0.611  -5.280  1.00 6.39  ? 61  PRO A C   1 
ATOM   464  O  O   . PRO A 1 67  ? 7.648   -0.193  -4.767  1.00 7.61  ? 61  PRO A O   1 
ATOM   465  C  CB  . PRO A 1 67  ? 7.434   -2.296  -6.981  1.00 7.37  ? 61  PRO A CB  1 
ATOM   466  C  CG  . PRO A 1 67  ? 7.809   -2.127  -8.444  1.00 7.52  ? 61  PRO A CG  1 
ATOM   467  C  CD  . PRO A 1 67  ? 8.103   -0.635  -8.584  1.00 7.56  ? 61  PRO A CD  1 
ATOM   468  N  N   . SER A 1 68  ? 5.416   -0.669  -4.609  1.00 5.80  ? 62  SER A N   1 
ATOM   469  C  CA  . SER A 1 68  ? 5.355   -0.066  -3.266  1.00 5.82  ? 62  SER A CA  1 
ATOM   470  C  C   . SER A 1 68  ? 4.441   -0.874  -2.338  1.00 5.47  ? 62  SER A C   1 
ATOM   471  O  O   . SER A 1 68  ? 3.449   -1.467  -2.781  1.00 6.05  ? 62  SER A O   1 
ATOM   472  C  CB  . SER A 1 68  ? 4.782   1.339   -3.372  1.00 7.03  ? 62  SER A CB  1 
ATOM   473  O  OG  . SER A 1 68  ? 5.684   2.210   -4.044  1.00 8.19  ? 62  SER A OG  1 
ATOM   474  N  N   . TRP A 1 69  ? 4.762   -0.816  -1.043  1.00 5.11  ? 63  TRP A N   1 
ATOM   475  C  CA  . TRP A 1 69  ? 3.905   -1.464  -0.043  1.00 4.98  ? 63  TRP A CA  1 
ATOM   476  C  C   . TRP A 1 69  ? 2.639   -0.634  0.205   1.00 4.75  ? 63  TRP A C   1 
ATOM   477  O  O   . TRP A 1 69  ? 2.689   0.618   0.324   1.00 5.36  ? 63  TRP A O   1 
ATOM   478  C  CB  . TRP A 1 69  ? 4.659   -1.542  1.303   1.00 5.26  ? 63  TRP A CB  1 
ATOM   479  C  CG  . TRP A 1 69  ? 5.749   -2.561  1.346   1.00 5.66  ? 63  TRP A CG  1 
ATOM   480  C  CD1 . TRP A 1 69  ? 7.053   -2.338  1.719   1.00 6.43  ? 63  TRP A CD1 1 
ATOM   481  C  CD2 . TRP A 1 69  ? 5.638   -3.978  1.087   1.00 5.57  ? 63  TRP A CD2 1 
ATOM   482  N  NE1 . TRP A 1 69  ? 7.757   -3.510  1.724   1.00 6.86  ? 63  TRP A NE1 1 
ATOM   483  C  CE2 . TRP A 1 69  ? 6.924   -4.532  1.330   1.00 6.01  ? 63  TRP A CE2 1 
ATOM   484  C  CE3 . TRP A 1 69  ? 4.589   -4.814  0.674   1.00 5.86  ? 63  TRP A CE3 1 
ATOM   485  C  CZ2 . TRP A 1 69  ? 7.163   -5.907  1.203   1.00 7.06  ? 63  TRP A CZ2 1 
ATOM   486  C  CZ3 . TRP A 1 69  ? 4.840   -6.165  0.557   1.00 6.30  ? 63  TRP A CZ3 1 
ATOM   487  C  CH2 . TRP A 1 69  ? 6.110   -6.707  0.813   1.00 6.94  ? 63  TRP A CH2 1 
ATOM   488  N  N   . LEU A 1 70  ? 1.539   -1.398  0.373   1.00 5.20  ? 64  LEU A N   1 
ATOM   489  C  CA  . LEU A 1 70  ? 0.274   -0.864  0.937   1.00 4.74  ? 64  LEU A CA  1 
ATOM   490  C  C   . LEU A 1 70  ? 0.086   -1.522  2.307   1.00 4.28  ? 64  LEU A C   1 
ATOM   491  O  O   . LEU A 1 70  ? 0.764   -2.518  2.635   1.00 5.24  ? 64  LEU A O   1 
ATOM   492  C  CB  . LEU A 1 70  ? -0.924  -1.178  0.037   1.00 4.86  ? 64  LEU A CB  1 
ATOM   493  C  CG  . LEU A 1 70  ? -0.954  -0.377  -1.275  1.00 5.77  ? 64  LEU A CG  1 
ATOM   494  C  CD1 . LEU A 1 70  ? -2.091  -0.850  -2.158  1.00 6.06  ? 64  LEU A CD1 1 
ATOM   495  C  CD2 . LEU A 1 70  ? -1.071  1.138   -1.046  1.00 6.31  ? 64  LEU A CD2 1 
ATOM   496  N  N   . GLY A 1 71  ? -0.889  -1.034  3.083   1.00 4.54  ? 65  GLY A N   1 
ATOM   497  C  CA  . GLY A 1 71  ? -1.080  -1.477  4.448   1.00 4.88  ? 65  GLY A CA  1 
ATOM   498  C  C   . GLY A 1 71  ? -1.982  -2.668  4.598   1.00 5.18  ? 65  GLY A C   1 
ATOM   499  O  O   . GLY A 1 71  ? -2.757  -2.720  5.590   1.00 6.78  ? 65  GLY A O   1 
ATOM   500  N  N   . GLY A 1 72  ? -1.923  -3.637  3.683   1.00 6.04  ? 66  GLY A N   1 
ATOM   501  C  CA  . GLY A 1 72  ? -2.830  -4.755  3.654   1.00 6.48  ? 66  GLY A CA  1 
ATOM   502  C  C   . GLY A 1 72  ? -2.138  -6.080  3.684   1.00 5.82  ? 66  GLY A C   1 
ATOM   503  O  O   . GLY A 1 72  ? -0.982  -6.180  3.306   1.00 5.79  ? 66  GLY A O   1 
ATOM   504  N  N   . GLY A 1 73  ? -2.871  -7.124  4.053   1.00 5.35  ? 67  GLY A N   1 
ATOM   505  C  CA  . GLY A 1 73  ? -2.335  -8.471  3.966   1.00 6.16  ? 67  GLY A CA  1 
ATOM   506  C  C   . GLY A 1 73  ? -3.337  -9.482  4.507   1.00 5.50  ? 67  GLY A C   1 
ATOM   507  O  O   . GLY A 1 73  ? -4.371  -9.124  5.060   1.00 6.12  ? 67  GLY A O   1 
ATOM   508  N  N   . ASP A 1 74  ? -2.944  -10.735 4.355   1.00 5.64  ? 68  ASP A N   1 
ATOM   509  C  CA  . ASP A 1 74  ? -3.735  -11.864 4.906   1.00 5.83  ? 68  ASP A CA  1 
ATOM   510  C  C   . ASP A 1 74  ? -2.808  -12.732 5.759   1.00 6.20  ? 68  ASP A C   1 
ATOM   511  O  O   . ASP A 1 74  ? -2.835  -13.958 5.673   1.00 6.67  ? 68  ASP A O   1 
ATOM   512  C  CB  . ASP A 1 74  ? -4.490  -12.671 3.852   1.00 5.96  ? 68  ASP A CB  1 
ATOM   513  C  CG  . ASP A 1 74  ? -3.598  -13.502 2.949   1.00 6.05  ? 68  ASP A CG  1 
ATOM   514  O  OD1 . ASP A 1 74  ? -2.453  -13.105 2.783   1.00 6.55  ? 68  ASP A OD1 1 
ATOM   515  O  OD2 . ASP A 1 74  ? -4.087  -14.547 2.387   1.00 7.10  ? 68  ASP A OD2 1 
ATOM   516  N  N   . CYS A 1 75  ? -2.041  -12.088 6.636   1.00 6.05  ? 69  CYS A N   1 
ATOM   517  C  CA  . CYS A 1 75  ? -0.959  -12.772 7.355   1.00 6.71  ? 69  CYS A CA  1 
ATOM   518  C  C   . CYS A 1 75  ? -1.436  -13.521 8.611   1.00 6.59  ? 69  CYS A C   1 
ATOM   519  O  O   . CYS A 1 75  ? -0.650  -14.308 9.150   1.00 7.57  ? 69  CYS A O   1 
ATOM   520  C  CB  . CYS A 1 75  ? 0.143   -11.768 7.731   1.00 7.28  ? 69  CYS A CB  1 
ATOM   521  S  SG  . CYS A 1 75  ? 0.925   -10.951 6.321   1.00 7.01  ? 69  CYS A SG  1 
ATOM   522  N  N   . GLN A 1 76  ? -2.647  -13.255 9.074   1.00 6.44  ? 70  GLN A N   1 
ATOM   523  C  CA  . GLN A 1 76  ? -3.166  -13.953 10.253  1.00 6.93  ? 70  GLN A CA  1 
ATOM   524  C  C   . GLN A 1 76  ? -3.838  -15.253 9.816   1.00 7.04  ? 70  GLN A C   1 
ATOM   525  O  O   . GLN A 1 76  ? -3.425  -16.347 10.295  1.00 7.82  ? 70  GLN A O   1 
ATOM   526  C  CB  . GLN A 1 76  ? -4.113  -13.117 11.089  1.00 6.69  ? 70  GLN A CB  1 
ATOM   527  C  CG  . GLN A 1 76  ? -3.491  -11.859 11.650  1.00 7.16  ? 70  GLN A CG  1 
ATOM   528  C  CD  . GLN A 1 76  ? -3.469  -10.682 10.726  1.00 7.06  ? 70  GLN A CD  1 
ATOM   529  O  OE1 . GLN A 1 76  ? -4.099  -10.604 9.666   1.00 7.89  ? 70  GLN A OE1 1 
ATOM   530  N  NE2 . GLN A 1 76  ? -2.695  -9.700  11.102  1.00 11.87 ? 70  GLN A NE2 1 
ATOM   531  N  N   . VAL A 1 77  ? -4.832  -15.173 8.946   1.00 7.01  ? 71  VAL A N   1 
ATOM   532  C  CA  . VAL A 1 77  ? -5.524  -16.347 8.443   1.00 7.75  ? 71  VAL A CA  1 
ATOM   533  C  C   . VAL A 1 77  ? -5.570  -16.184 6.921   1.00 7.55  ? 71  VAL A C   1 
ATOM   534  O  O   . VAL A 1 77  ? -6.087  -15.189 6.405   1.00 7.50  ? 71  VAL A O   1 
ATOM   535  C  CB  . VAL A 1 77  ? -6.943  -16.501 9.045   1.00 7.96  ? 71  VAL A CB  1 
ATOM   536  C  CG1 . VAL A 1 77  ? -7.680  -17.682 8.414   1.00 9.34  ? 71  VAL A CG1 1 
ATOM   537  C  CG2 . VAL A 1 77  ? -6.897  -16.619 10.554  1.00 7.86  ? 71  VAL A CG2 1 
ATOM   538  N  N   . SER A 1 78  ? -5.056  -17.172 6.193   1.00 8.37  ? 72  SER A N   1 
ATOM   539  C  CA  . SER A 1 78  ? -5.031  -17.088 4.732   1.00 8.03  ? 72  SER A CA  1 
ATOM   540  C  C   . SER A 1 78  ? -6.422  -16.804 4.196   1.00 8.26  ? 72  SER A C   1 
ATOM   541  O  O   . SER A 1 78  ? -7.395  -17.413 4.635   1.00 8.79  ? 72  SER A O   1 
ATOM   542  C  CB  . SER A 1 78  ? -4.318  -18.350 4.139   1.00 9.77  ? 72  SER A CB  1 
ATOM   543  O  OG  A SER A 1 78  ? -4.756  -18.558 2.795   0.50 8.93  ? 72  SER A OG  1 
ATOM   544  O  OG  B SER A 1 78  ? -3.196  -18.499 4.934   0.50 12.41 ? 72  SER A OG  1 
ATOM   545  N  N   . THR A 1 79  ? -6.452  -15.924 3.184   1.00 7.86  ? 73  THR A N   1 
ATOM   546  C  CA  . THR A 1 79  ? -7.656  -15.448 2.459   1.00 8.30  ? 73  THR A CA  1 
ATOM   547  C  C   . THR A 1 79  ? -8.425  -14.371 3.230   1.00 7.23  ? 73  THR A C   1 
ATOM   548  O  O   . THR A 1 79  ? -9.363  -13.869 2.699   1.00 8.35  ? 73  THR A O   1 
ATOM   549  C  CB  . THR A 1 79  ? -8.607  -16.558 1.980   1.00 8.97  ? 73  THR A CB  1 
ATOM   550  O  OG1 . THR A 1 79  ? -9.476  -16.957 3.050   1.00 9.50  ? 73  THR A OG1 1 
ATOM   551  C  CG2 . THR A 1 79  ? -7.873  -17.730 1.365   1.00 10.25 ? 73  THR A CG2 1 
ATOM   552  N  N   . ARG A 1 80  ? -8.048  -14.084 4.481   1.00 6.42  ? 74  ARG A N   1 
ATOM   553  C  CA  . ARG A 1 80  ? -8.731  -13.071 5.285   1.00 6.38  ? 74  ARG A CA  1 
ATOM   554  C  C   . ARG A 1 80  ? -7.909  -11.791 5.233   1.00 6.03  ? 74  ARG A C   1 
ATOM   555  O  O   . ARG A 1 80  ? -6.879  -11.680 5.921   1.00 6.60  ? 74  ARG A O   1 
ATOM   556  C  CB  . ARG A 1 80  ? -8.985  -13.574 6.708   1.00 6.54  ? 74  ARG A CB  1 
ATOM   557  C  CG  . ARG A 1 80  ? -9.703  -14.901 6.760   1.00 7.29  ? 74  ARG A CG  1 
ATOM   558  C  CD  . ARG A 1 80  ? -10.986 -14.869 5.976   1.00 7.99  ? 74  ARG A CD  1 
ATOM   559  N  NE  . ARG A 1 80  ? -11.810 -16.049 6.265   1.00 9.58  ? 74  ARG A NE  1 
ATOM   560  C  CZ  . ARG A 1 80  ? -12.507 -16.186 7.387   1.00 9.61  ? 74  ARG A CZ  1 
ATOM   561  N  NH1 . ARG A 1 80  ? -13.024 -17.376 7.721   1.00 12.09 ? 74  ARG A NH1 1 
ATOM   562  N  NH2 . ARG A 1 80  ? -12.714 -15.149 8.176   1.00 9.10  ? 74  ARG A NH2 1 
ATOM   563  N  N   . TRP A 1 81  ? -8.308  -10.904 4.325   1.00 6.05  ? 75  TRP A N   1 
ATOM   564  C  CA  . TRP A 1 81  ? -7.542  -9.659  4.071   1.00 5.61  ? 75  TRP A CA  1 
ATOM   565  C  C   . TRP A 1 81  ? -7.990  -8.564  5.027   1.00 5.73  ? 75  TRP A C   1 
ATOM   566  O  O   . TRP A 1 81  ? -9.203  -8.373  5.206   1.00 6.74  ? 75  TRP A O   1 
ATOM   567  C  CB  . TRP A 1 81  ? -7.772  -9.221  2.615   1.00 6.36  ? 75  TRP A CB  1 
ATOM   568  C  CG  . TRP A 1 81  ? -7.363  -10.286 1.635   1.00 6.89  ? 75  TRP A CG  1 
ATOM   569  C  CD1 . TRP A 1 81  ? -8.150  -11.257 1.052   1.00 7.60  ? 75  TRP A CD1 1 
ATOM   570  C  CD2 . TRP A 1 81  ? -6.019  -10.563 1.190   1.00 6.67  ? 75  TRP A CD2 1 
ATOM   571  N  NE1 . TRP A 1 81  ? -7.380  -12.118 0.290   1.00 8.41  ? 75  TRP A NE1 1 
ATOM   572  C  CE2 . TRP A 1 81  ? -6.071  -11.712 0.351   1.00 7.25  ? 75  TRP A CE2 1 
ATOM   573  C  CE3 . TRP A 1 81  ? -4.781  -9.963  1.427   1.00 6.61  ? 75  TRP A CE3 1 
ATOM   574  C  CZ2 . TRP A 1 81  ? -4.918  -12.251 -0.214  1.00 7.95  ? 75  TRP A CZ2 1 
ATOM   575  C  CZ3 . TRP A 1 81  ? -3.645  -10.490 0.852   1.00 7.18  ? 75  TRP A CZ3 1 
ATOM   576  C  CH2 . TRP A 1 81  ? -3.719  -11.625 0.024   1.00 7.86  ? 75  TRP A CH2 1 
ATOM   577  N  N   . PHE A 1 82  ? -6.985  -7.838  5.513   1.00 5.21  ? 76  PHE A N   1 
ATOM   578  C  CA  . PHE A 1 82  ? -7.258  -6.684  6.388   1.00 5.19  ? 76  PHE A CA  1 
ATOM   579  C  C   . PHE A 1 82  ? -6.314  -5.542  6.028   1.00 4.99  ? 76  PHE A C   1 
ATOM   580  O  O   . PHE A 1 82  ? -5.169  -5.771  5.597   1.00 6.10  ? 76  PHE A O   1 
ATOM   581  C  CB  . PHE A 1 82  ? -7.034  -7.016  7.873   1.00 5.62  ? 76  PHE A CB  1 
ATOM   582  C  CG  . PHE A 1 82  ? -7.944  -8.106  8.379   1.00 5.92  ? 76  PHE A CG  1 
ATOM   583  C  CD1 . PHE A 1 82  ? -9.251  -7.811  8.763   1.00 6.27  ? 76  PHE A CD1 1 
ATOM   584  C  CD2 . PHE A 1 82  ? -7.526  -9.431  8.439   1.00 6.51  ? 76  PHE A CD2 1 
ATOM   585  C  CE1 . PHE A 1 82  ? -10.127 -8.816  9.144   1.00 6.89  ? 76  PHE A CE1 1 
ATOM   586  C  CE2 . PHE A 1 82  ? -8.387  -10.429 8.873   1.00 7.08  ? 76  PHE A CE2 1 
ATOM   587  C  CZ  . PHE A 1 82  ? -9.682  -10.117 9.235   1.00 6.85  ? 76  PHE A CZ  1 
ATOM   588  N  N   . TRP A 1 83  ? -6.810  -4.326  6.288   1.00 4.99  ? 77  TRP A N   1 
ATOM   589  C  CA  . TRP A 1 83  ? -5.982  -3.101  6.212   1.00 4.79  ? 77  TRP A CA  1 
ATOM   590  C  C   . TRP A 1 83  ? -5.535  -2.745  7.638   1.00 4.80  ? 77  TRP A C   1 
ATOM   591  O  O   . TRP A 1 83  ? -6.067  -3.296  8.649   1.00 7.28  ? 77  TRP A O   1 
ATOM   592  C  CB  . TRP A 1 83  ? -6.781  -1.939  5.613   1.00 4.53  ? 77  TRP A CB  1 
ATOM   593  C  CG  . TRP A 1 83  ? -7.163  -2.115  4.170   1.00 4.83  ? 77  TRP A CG  1 
ATOM   594  C  CD1 . TRP A 1 83  ? -8.445  -2.128  3.655   1.00 5.35  ? 77  TRP A CD1 1 
ATOM   595  C  CD2 . TRP A 1 83  ? -6.261  -2.120  3.039   1.00 4.75  ? 77  TRP A CD2 1 
ATOM   596  N  NE1 . TRP A 1 83  ? -8.402  -2.155  2.289   1.00 5.40  ? 77  TRP A NE1 1 
ATOM   597  C  CE2 . TRP A 1 83  ? -7.082  -2.158  1.876   1.00 5.05  ? 77  TRP A CE2 1 
ATOM   598  C  CE3 . TRP A 1 83  ? -4.869  -2.127  2.871   1.00 4.92  ? 77  TRP A CE3 1 
ATOM   599  C  CZ2 . TRP A 1 83  ? -6.553  -2.224  0.580   1.00 5.05  ? 77  TRP A CZ2 1 
ATOM   600  C  CZ3 . TRP A 1 83  ? -4.349  -2.181  1.583   1.00 5.46  ? 77  TRP A CZ3 1 
ATOM   601  C  CH2 . TRP A 1 83  ? -5.176  -2.235  0.442   1.00 5.28  ? 77  TRP A CH2 1 
ATOM   602  N  N   . MET A 1 84  ? -4.601  -1.791  7.767   1.00 5.03  ? 78  MET A N   1 
ATOM   603  C  CA  . MET A 1 84  ? -4.104  -1.359  9.102   1.00 5.44  ? 78  MET A CA  1 
ATOM   604  C  C   . MET A 1 84  ? -4.829  -0.102  9.620   1.00 5.54  ? 78  MET A C   1 
ATOM   605  O  O   . MET A 1 84  ? -4.606  0.266   10.800  1.00 6.72  ? 78  MET A O   1 
ATOM   606  C  CB  . MET A 1 84  ? -2.606  -1.062  8.984   1.00 5.49  ? 78  MET A CB  1 
ATOM   607  C  CG  . MET A 1 84  ? -1.751  -2.306  8.775   1.00 6.34  ? 78  MET A CG  1 
ATOM   608  S  SD  . MET A 1 84  ? -1.898  -3.527  10.032  1.00 9.51  ? 78  MET A SD  1 
ATOM   609  C  CE  . MET A 1 84  ? -0.926  -2.735  11.314  1.00 9.72  ? 78  MET A CE  1 
ATOM   610  N  N   . ASP A 1 85  ? -5.725  0.489   8.828   1.00 5.87  ? 79  ASP A N   1 
ATOM   611  C  CA  . ASP A 1 85  ? -6.331  1.765   9.123   1.00 6.31  ? 79  ASP A CA  1 
ATOM   612  C  C   . ASP A 1 85  ? -7.809  1.663   9.498   1.00 6.64  ? 79  ASP A C   1 
ATOM   613  O  O   . ASP A 1 85  ? -8.504  2.683   9.476   1.00 7.07  ? 79  ASP A O   1 
ATOM   614  C  CB  . ASP A 1 85  ? -6.122  2.695   7.920   1.00 6.74  ? 79  ASP A CB  1 
ATOM   615  C  CG  . ASP A 1 85  ? -6.863  2.251   6.681   1.00 5.63  ? 79  ASP A CG  1 
ATOM   616  O  OD1 . ASP A 1 85  ? -7.512  1.175   6.717   1.00 5.45  ? 79  ASP A OD1 1 
ATOM   617  O  OD2 . ASP A 1 85  ? -6.790  2.970   5.678   1.00 7.64  ? 79  ASP A OD2 1 
ATOM   618  N  N   . GLY A 1 86  ? -8.307  0.480   9.839   1.00 6.57  ? 80  GLY A N   1 
ATOM   619  C  CA  . GLY A 1 86  ? -9.675  0.332   10.285  1.00 7.23  ? 80  GLY A CA  1 
ATOM   620  C  C   . GLY A 1 86  ? -10.685 0.302   9.170   1.00 6.51  ? 80  GLY A C   1 
ATOM   621  O  O   . GLY A 1 86  ? -11.881 0.232   9.469   1.00 8.27  ? 80  GLY A O   1 
ATOM   622  N  N   . THR A 1 87  ? -10.249 0.310   7.898   1.00 6.26  ? 81  THR A N   1 
ATOM   623  C  CA  . THR A 1 87  ? -11.136 0.185   6.780   1.00 5.82  ? 81  THR A CA  1 
ATOM   624  C  C   . THR A 1 87  ? -11.156 -1.277  6.354   1.00 6.04  ? 81  THR A C   1 
ATOM   625  O  O   . THR A 1 87  ? -10.264 -2.030  6.698   1.00 7.07  ? 81  THR A O   1 
ATOM   626  C  CB  . THR A 1 87  ? -10.748 1.117   5.636   1.00 6.05  ? 81  THR A CB  1 
ATOM   627  O  OG1 . THR A 1 87  ? -9.534  0.653   5.022   1.00 5.70  ? 81  THR A OG1 1 
ATOM   628  C  CG2 . THR A 1 87  ? -10.619 2.557   6.072   1.00 6.88  ? 81  THR A CG2 1 
ATOM   629  N  N   . SER A 1 88  ? -12.100 -1.640  5.488   1.00 7.59  ? 82  SER A N   1 
ATOM   630  C  CA  . SER A 1 88  ? -12.257 -3.042  5.098   1.00 7.91  ? 82  SER A CA  1 
ATOM   631  C  C   . SER A 1 88  ? -11.685 -3.290  3.723   1.00 7.56  ? 82  SER A C   1 
ATOM   632  O  O   . SER A 1 88  ? -11.645 -2.370  2.862   1.00 8.21  ? 82  SER A O   1 
ATOM   633  C  CB  . SER A 1 88  ? -13.673 -3.442  5.073   1.00 10.18 ? 82  SER A CB  1 
ATOM   634  O  OG  A SER A 1 88  ? -14.276 -3.140  6.304   0.50 11.75 ? 82  SER A OG  1 
ATOM   635  O  OG  B SER A 1 88  ? -14.343 -3.109  6.263   0.50 13.50 ? 82  SER A OG  1 
ATOM   636  N  N   . MET A 1 89  ? -11.273 -4.524  3.481   1.00 6.88  ? 83  MET A N   1 
ATOM   637  C  CA  . MET A 1 89  ? -10.859 -4.879  2.103   1.00 7.38  ? 83  MET A CA  1 
ATOM   638  C  C   . MET A 1 89  ? -12.105 -4.951  1.206   1.00 7.54  ? 83  MET A C   1 
ATOM   639  O  O   . MET A 1 89  ? -13.026 -5.713  1.512   1.00 10.82 ? 83  MET A O   1 
ATOM   640  C  CB  . MET A 1 89  ? -10.073 -6.200  2.086   1.00 7.39  ? 83  MET A CB  1 
ATOM   641  C  CG  . MET A 1 89  ? -9.349  -6.452  0.773   1.00 8.50  ? 83  MET A CG  1 
ATOM   642  S  SD  . MET A 1 89  ? -8.054  -5.291  0.360   1.00 8.55  ? 83  MET A SD  1 
ATOM   643  C  CE  . MET A 1 89  ? -6.980  -5.442  1.797   1.00 9.27  ? 83  MET A CE  1 
ATOM   644  N  N   . ASP A 1 90  ? -12.216 -4.022  0.273   1.00 7.28  ? 84  ASP A N   1 
ATOM   645  C  CA  . ASP A 1 90  ? -13.339 -3.985  -0.694  1.00 8.30  ? 84  ASP A CA  1 
ATOM   646  C  C   . ASP A 1 90  ? -12.638 -3.917  -2.067  1.00 9.14  ? 84  ASP A C   1 
ATOM   647  O  O   . ASP A 1 90  ? -12.423 -4.962  -2.747  1.00 10.74 ? 84  ASP A O   1 
ATOM   648  C  CB  . ASP A 1 90  ? -14.369 -2.901  -0.313  1.00 9.77  ? 84  ASP A CB  1 
ATOM   649  C  CG  . ASP A 1 90  ? -13.843 -1.602  0.300   1.00 10.03 ? 84  ASP A CG  1 
ATOM   650  O  OD1 . ASP A 1 90  ? -12.940 -1.085  -0.246  1.00 10.60 ? 84  ASP A OD1 1 
ATOM   651  O  OD2 . ASP A 1 90  ? -14.412 -1.147  1.321   1.00 11.36 ? 84  ASP A OD2 1 
ATOM   652  N  N   . PHE A 1 91  ? -12.183 -2.763  -2.433  1.00 8.43  ? 85  PHE A N   1 
ATOM   653  C  CA  . PHE A 1 91  ? -11.467 -2.587  -3.708  1.00 7.64  ? 85  PHE A CA  1 
ATOM   654  C  C   . PHE A 1 91  ? -10.154 -3.404  -3.702  1.00 6.48  ? 85  PHE A C   1 
ATOM   655  O  O   . PHE A 1 91  ? -9.373  -3.365  -2.715  1.00 6.96  ? 85  PHE A O   1 
ATOM   656  C  CB  . PHE A 1 91  ? -11.114 -1.100  -3.843  1.00 8.93  ? 85  PHE A CB  1 
ATOM   657  C  CG  . PHE A 1 91  ? -10.391 -0.778  -5.126  1.00 10.12 ? 85  PHE A CG  1 
ATOM   658  C  CD1 . PHE A 1 91  ? -9.019  -0.884  -5.197  1.00 9.64  ? 85  PHE A CD1 1 
ATOM   659  C  CD2 . PHE A 1 91  ? -11.069 -0.339  -6.265  1.00 13.77 ? 85  PHE A CD2 1 
ATOM   660  C  CE1 . PHE A 1 91  ? -8.341  -0.631  -6.384  1.00 11.78 ? 85  PHE A CE1 1 
ATOM   661  C  CE2 . PHE A 1 91  ? -10.372 -0.026  -7.430  1.00 15.40 ? 85  PHE A CE2 1 
ATOM   662  C  CZ  . PHE A 1 91  ? -9.019  -0.240  -7.509  1.00 14.73 ? 85  PHE A CZ  1 
ATOM   663  N  N   . THR A 1 92  ? -9.894  -4.090  -4.831  1.00 6.60  ? 86  THR A N   1 
ATOM   664  C  CA  . THR A 1 92  ? -8.598  -4.760  -5.029  1.00 6.45  ? 86  THR A CA  1 
ATOM   665  C  C   . THR A 1 92  ? -8.212  -4.578  -6.508  1.00 5.85  ? 86  THR A C   1 
ATOM   666  O  O   . THR A 1 92  ? -9.101  -4.305  -7.342  1.00 7.22  ? 86  THR A O   1 
ATOM   667  C  CB  . THR A 1 92  ? -8.662  -6.256  -4.699  1.00 7.48  ? 86  THR A CB  1 
ATOM   668  O  OG1 . THR A 1 92  ? -9.655  -6.882  -5.530  1.00 8.42  ? 86  THR A OG1 1 
ATOM   669  C  CG2 . THR A 1 92  ? -8.960  -6.546  -3.236  1.00 8.18  ? 86  THR A CG2 1 
ATOM   670  N  N   . ASP A 1 93  ? -6.928  -4.763  -6.801  1.00 5.95  ? 87  ASP A N   1 
ATOM   671  C  CA  . ASP A 1 93  ? -6.455  -4.742  -8.213  1.00 6.28  ? 87  ASP A CA  1 
ATOM   672  C  C   . ASP A 1 93  ? -5.410  -5.852  -8.385  1.00 6.04  ? 87  ASP A C   1 
ATOM   673  O  O   . ASP A 1 93  ? -4.284  -5.575  -8.788  1.00 6.21  ? 87  ASP A O   1 
ATOM   674  C  CB  . ASP A 1 93  ? -5.887  -3.385  -8.643  1.00 7.49  ? 87  ASP A CB  1 
ATOM   675  C  CG  . ASP A 1 93  ? -5.576  -3.389  -10.135 1.00 8.51  ? 87  ASP A CG  1 
ATOM   676  O  OD1 . ASP A 1 93  ? -6.276  -4.101  -10.857 1.00 10.31 ? 87  ASP A OD1 1 
ATOM   677  O  OD2 . ASP A 1 93  ? -4.638  -2.699  -10.529 1.00 11.24 ? 87  ASP A OD2 1 
ATOM   678  N  N   . TRP A 1 94  ? -5.817  -7.081  -8.082  1.00 6.50  ? 88  TRP A N   1 
ATOM   679  C  CA  . TRP A 1 94  ? -4.850  -8.187  -8.215  1.00 5.97  ? 88  TRP A CA  1 
ATOM   680  C  C   . TRP A 1 94  ? -4.294  -8.297  -9.632  1.00 5.94  ? 88  TRP A C   1 
ATOM   681  O  O   . TRP A 1 94  ? -5.076  -8.311  -10.625 1.00 6.07  ? 88  TRP A O   1 
ATOM   682  C  CB  . TRP A 1 94  ? -5.505  -9.499  -7.793  1.00 6.14  ? 88  TRP A CB  1 
ATOM   683  C  CG  . TRP A 1 94  ? -5.883  -9.526  -6.349  1.00 6.33  ? 88  TRP A CG  1 
ATOM   684  C  CD1 . TRP A 1 94  ? -7.141  -9.727  -5.860  1.00 7.13  ? 88  TRP A CD1 1 
ATOM   685  C  CD2 . TRP A 1 94  ? -5.015  -9.382  -5.196  1.00 6.50  ? 88  TRP A CD2 1 
ATOM   686  N  NE1 . TRP A 1 94  ? -7.134  -9.696  -4.478  1.00 7.42  ? 88  TRP A NE1 1 
ATOM   687  C  CE2 . TRP A 1 94  ? -5.850  -9.450  -4.042  1.00 6.99  ? 88  TRP A CE2 1 
ATOM   688  C  CE3 . TRP A 1 94  ? -3.638  -9.170  -5.032  1.00 6.76  ? 88  TRP A CE3 1 
ATOM   689  C  CZ2 . TRP A 1 94  ? -5.317  -9.376  -2.741  1.00 7.43  ? 88  TRP A CZ2 1 
ATOM   690  C  CZ3 . TRP A 1 94  ? -3.123  -9.056  -3.751  1.00 7.33  ? 88  TRP A CZ3 1 
ATOM   691  C  CH2 . TRP A 1 94  ? -3.958  -9.190  -2.622  1.00 7.25  ? 88  TRP A CH2 1 
ATOM   692  N  N   . CYS A 1 95  ? -2.976  -8.493  -9.734  1.00 5.60  ? 89  CYS A N   1 
ATOM   693  C  CA  . CYS A 1 95  ? -2.390  -8.834  -11.048 1.00 5.84  ? 89  CYS A CA  1 
ATOM   694  C  C   . CYS A 1 95  ? -2.890  -10.237 -11.461 1.00 5.53  ? 89  CYS A C   1 
ATOM   695  O  O   . CYS A 1 95  ? -3.261  -11.098 -10.626 1.00 6.09  ? 89  CYS A O   1 
ATOM   696  C  CB  . CYS A 1 95  ? -0.867  -8.922  -10.988 1.00 6.27  ? 89  CYS A CB  1 
ATOM   697  S  SG  . CYS A 1 95  ? -0.022  -7.359  -10.745 1.00 7.39  ? 89  CYS A SG  1 
ATOM   698  N  N   . TYR A 1 96  ? -2.795  -10.516 -12.772 1.00 6.00  ? 90  TYR A N   1 
ATOM   699  C  CA  . TYR A 1 96  ? -2.972  -11.905 -13.236 1.00 6.27  ? 90  TYR A CA  1 
ATOM   700  C  C   . TYR A 1 96  ? -2.113  -12.852 -12.388 1.00 6.05  ? 90  TYR A C   1 
ATOM   701  O  O   . TYR A 1 96  ? -0.929  -12.588 -12.194 1.00 7.62  ? 90  TYR A O   1 
ATOM   702  C  CB  . TYR A 1 96  ? -2.596  -11.994 -14.723 1.00 6.63  ? 90  TYR A CB  1 
ATOM   703  C  CG  . TYR A 1 96  ? -2.767  -13.374 -15.262 1.00 6.73  ? 90  TYR A CG  1 
ATOM   704  C  CD1 . TYR A 1 96  ? -3.999  -13.774 -15.706 1.00 7.79  ? 90  TYR A CD1 1 
ATOM   705  C  CD2 . TYR A 1 96  ? -1.744  -14.295 -15.283 1.00 7.92  ? 90  TYR A CD2 1 
ATOM   706  C  CE1 . TYR A 1 96  ? -4.222  -15.068 -16.176 1.00 8.35  ? 90  TYR A CE1 1 
ATOM   707  C  CE2 . TYR A 1 96  ? -1.951  -15.591 -15.721 1.00 8.19  ? 90  TYR A CE2 1 
ATOM   708  C  CZ  . TYR A 1 96  ? -3.191  -15.972 -16.166 1.00 7.69  ? 90  TYR A CZ  1 
ATOM   709  O  OH  . TYR A 1 96  ? -3.349  -17.275 -16.597 1.00 8.53  ? 90  TYR A OH  1 
ATOM   710  N  N   . ALA A 1 97  ? -2.745  -13.935 -11.964 1.00 5.55  ? 91  ALA A N   1 
ATOM   711  C  CA  . ALA A 1 97  ? -2.192  -15.015 -11.166 1.00 6.35  ? 91  ALA A CA  1 
ATOM   712  C  C   . ALA A 1 97  ? -2.077  -14.688 -9.674  1.00 6.09  ? 91  ALA A C   1 
ATOM   713  O  O   . ALA A 1 97  ? -1.661  -15.569 -8.918  1.00 7.78  ? 91  ALA A O   1 
ATOM   714  C  CB  . ALA A 1 97  ? -0.909  -15.610 -11.714 1.00 7.49  ? 91  ALA A CB  1 
ATOM   715  N  N   . GLN A 1 98  ? -2.642  -13.559 -9.243  1.00 5.91  ? 92  GLN A N   1 
ATOM   716  C  CA  . GLN A 1 98  ? -2.630  -13.141 -7.825  1.00 6.34  ? 92  GLN A CA  1 
ATOM   717  C  C   . GLN A 1 98  ? -4.075  -13.193 -7.318  1.00 5.94  ? 92  GLN A C   1 
ATOM   718  O  O   . GLN A 1 98  ? -5.031  -13.167 -8.109  1.00 7.73  ? 92  GLN A O   1 
ATOM   719  C  CB  . GLN A 1 98  ? -2.090  -11.717 -7.728  1.00 6.42  ? 92  GLN A CB  1 
ATOM   720  C  CG  . GLN A 1 98  ? -0.653  -11.577 -8.224  1.00 6.99  ? 92  GLN A CG  1 
ATOM   721  C  CD  . GLN A 1 98  ? 0.257   -12.501 -7.439  1.00 7.64  ? 92  GLN A CD  1 
ATOM   722  O  OE1 . GLN A 1 98  ? 0.326   -12.424 -6.208  1.00 7.80  ? 92  GLN A OE1 1 
ATOM   723  N  NE2 . GLN A 1 98  ? 0.901   -13.457 -8.109  1.00 9.34  ? 92  GLN A NE2 1 
ATOM   724  N  N   . PRO A 1 99  ? -4.289  -13.189 -5.988  1.00 6.55  ? 93  PRO A N   1 
ATOM   725  C  CA  . PRO A 1 99  ? -3.249  -13.396 -4.971  1.00 6.89  ? 93  PRO A CA  1 
ATOM   726  C  C   . PRO A 1 99  ? -2.962  -14.895 -4.784  1.00 6.85  ? 93  PRO A C   1 
ATOM   727  O  O   . PRO A 1 99  ? -3.826  -15.739 -4.972  1.00 8.07  ? 93  PRO A O   1 
ATOM   728  C  CB  . PRO A 1 99  ? -3.925  -12.865 -3.681  1.00 7.12  ? 93  PRO A CB  1 
ATOM   729  C  CG  . PRO A 1 99  ? -5.403  -13.161 -3.901  1.00 7.65  ? 93  PRO A CG  1 
ATOM   730  C  CD  . PRO A 1 99  ? -5.630  -13.054 -5.397  1.00 6.99  ? 93  PRO A CD  1 
ATOM   731  N  N   . ASP A 1 100 ? -1.749  -15.197 -4.375  1.00 7.09  ? 94  ASP A N   1 
ATOM   732  C  CA  . ASP A 1 100 ? -1.386  -16.567 -4.059  1.00 8.46  ? 94  ASP A CA  1 
ATOM   733  C  C   . ASP A 1 100 ? -2.135  -17.076 -2.814  1.00 7.67  ? 94  ASP A C   1 
ATOM   734  O  O   . ASP A 1 100 ? -2.517  -18.267 -2.758  1.00 8.32  ? 94  ASP A O   1 
ATOM   735  C  CB  . ASP A 1 100 ? 0.108   -16.698 -3.872  1.00 8.87  ? 94  ASP A CB  1 
ATOM   736  C  CG  . ASP A 1 100 ? 0.775   -16.431 -5.215  1.00 8.31  ? 94  ASP A CG  1 
ATOM   737  O  OD1 . ASP A 1 100 ? 0.892   -17.435 -6.019  1.00 10.42 ? 94  ASP A OD1 1 
ATOM   738  O  OD2 . ASP A 1 100 ? 1.129   -15.296 -5.530  1.00 8.84  ? 94  ASP A OD2 1 
ATOM   739  N  N   . THR A 1 101 ? -2.290  -16.198 -1.808  1.00 7.26  ? 95  THR A N   1 
ATOM   740  C  CA  . THR A 1 101 ? -2.962  -16.475 -0.508  1.00 7.59  ? 95  THR A CA  1 
ATOM   741  C  C   . THR A 1 101 ? -2.103  -17.288 0.444   1.00 8.66  ? 95  THR A C   1 
ATOM   742  O  O   . THR A 1 101 ? -2.519  -17.555 1.597   1.00 9.46  ? 95  THR A O   1 
ATOM   743  C  CB  . THR A 1 101 ? -4.340  -17.132 -0.600  1.00 8.46  ? 95  THR A CB  1 
ATOM   744  O  OG1 . THR A 1 101 ? -4.273  -18.555 -0.806  1.00 9.27  ? 95  THR A OG1 1 
ATOM   745  C  CG2 . THR A 1 101 ? -5.242  -16.489 -1.647  1.00 8.81  ? 95  THR A CG2 1 
ATOM   746  N  N   . THR A 1 102 ? -0.874  -17.583 0.067   1.00 9.12  ? 96  THR A N   1 
ATOM   747  C  CA  . THR A 1 102 ? -0.004  -18.346 0.985   1.00 9.79  ? 96  THR A CA  1 
ATOM   748  C  C   . THR A 1 102 ? 0.561   -17.405 2.046   1.00 8.50  ? 96  THR A C   1 
ATOM   749  O  O   . THR A 1 102 ? 0.941   -16.249 1.764   1.00 8.50  ? 96  THR A O   1 
ATOM   750  C  CB  . THR A 1 102 ? 1.061   -19.094 0.208   1.00 10.86 ? 96  THR A CB  1 
ATOM   751  O  OG1 . THR A 1 102 ? 1.638   -18.085 -0.589  1.00 14.02 ? 96  THR A OG1 1 
ATOM   752  C  CG2 . THR A 1 102 ? 0.440   -20.192 -0.624  1.00 12.90 ? 96  THR A CG2 1 
ATOM   753  N  N   . LEU A 1 103 ? 0.733   -17.947 3.256   1.00 9.04  ? 97  LEU A N   1 
ATOM   754  C  CA  . LEU A 1 103 ? 1.247   -17.104 4.370   1.00 8.65  ? 97  LEU A CA  1 
ATOM   755  C  C   . LEU A 1 103 ? 2.678   -16.633 4.097   1.00 8.99  ? 97  LEU A C   1 
ATOM   756  O  O   . LEU A 1 103 ? 3.050   -15.553 4.549   1.00 8.90  ? 97  LEU A O   1 
ATOM   757  C  CB  . LEU A 1 103 ? 1.178   -17.909 5.669   1.00 10.36 ? 97  LEU A CB  1 
ATOM   758  C  CG  . LEU A 1 103 ? -0.229  -18.137 6.214   1.00 11.79 ? 97  LEU A CG  1 
ATOM   759  C  CD1 . LEU A 1 103 ? -0.151  -18.992 7.486   1.00 14.70 ? 97  LEU A CD1 1 
ATOM   760  C  CD2 . LEU A 1 103 ? -0.905  -16.812 6.546   1.00 15.93 ? 97  LEU A CD2 1 
ATOM   761  N  N   . THR A 1 104 ? 3.478   -17.355 3.310   1.00 9.16  ? 98  THR A N   1 
ATOM   762  C  CA  . THR A 1 104 ? 4.856   -16.944 2.995   1.00 9.52  ? 98  THR A CA  1 
ATOM   763  C  C   . THR A 1 104 ? 4.920   -15.655 2.164   1.00 8.32  ? 98  THR A C   1 
ATOM   764  O  O   . THR A 1 104 ? 5.939   -15.052 2.169   1.00 9.41  ? 98  THR A O   1 
ATOM   765  C  CB  . THR A 1 104 ? 5.616   -18.098 2.335   1.00 11.11 ? 98  THR A CB  1 
ATOM   766  O  OG1 . THR A 1 104 ? 4.859   -18.525 1.209   1.00 14.61 ? 98  THR A OG1 1 
ATOM   767  C  CG2 . THR A 1 104 ? 5.857   -19.228 3.328   1.00 14.76 ? 98  THR A CG2 1 
ATOM   768  N  N   . GLU A 1 105 ? 3.825   -15.240 1.510   1.00 7.71  ? 99  GLU A N   1 
ATOM   769  C  CA  . GLU A 1 105 ? 3.842   -13.977 0.743   1.00 7.45  ? 99  GLU A CA  1 
ATOM   770  C  C   . GLU A 1 105 ? 2.503   -13.280 1.024   1.00 6.78  ? 99  GLU A C   1 
ATOM   771  O  O   . GLU A 1 105 ? 1.623   -13.195 0.130   1.00 7.70  ? 99  GLU A O   1 
ATOM   772  C  CB  . GLU A 1 105 ? 4.103   -14.246 -0.741  1.00 7.94  ? 99  GLU A CB  1 
ATOM   773  C  CG  . GLU A 1 105 ? 3.205   -15.284 -1.393  1.00 9.56  ? 99  GLU A CG  1 
ATOM   774  C  CD  . GLU A 1 105 ? 3.737   -15.610 -2.773  1.00 9.86  ? 99  GLU A CD  1 
ATOM   775  O  OE1 . GLU A 1 105 ? 3.400   -14.900 -3.720  1.00 10.06 ? 99  GLU A OE1 1 
ATOM   776  O  OE2 . GLU A 1 105 ? 4.483   -16.598 -2.894  1.00 15.78 ? 99  GLU A OE2 1 
ATOM   777  N  N   . CYS A 1 106 ? 2.386   -12.723 2.243   1.00 6.37  ? 100 CYS A N   1 
ATOM   778  C  CA  . CYS A 1 106 ? 1.063   -12.280 2.690   1.00 6.06  ? 100 CYS A CA  1 
ATOM   779  C  C   . CYS A 1 106 ? 0.830   -10.759 2.721   1.00 5.76  ? 100 CYS A C   1 
ATOM   780  O  O   . CYS A 1 106 ? -0.276  -10.352 3.005   1.00 6.19  ? 100 CYS A O   1 
ATOM   781  C  CB  . CYS A 1 106 ? 0.727   -12.922 4.023   1.00 6.68  ? 100 CYS A CB  1 
ATOM   782  S  SG  . CYS A 1 106 ? 1.846   -12.517 5.391   1.00 7.16  ? 100 CYS A SG  1 
ATOM   783  N  N   . CYS A 1 107 ? 1.844   -9.968  2.405   1.00 5.80  ? 101 CYS A N   1 
ATOM   784  C  CA  . CYS A 1 107 ? 1.729   -8.483  2.432   1.00 5.71  ? 101 CYS A CA  1 
ATOM   785  C  C   . CYS A 1 107 ? 1.407   -7.945  1.037   1.00 5.53  ? 101 CYS A C   1 
ATOM   786  O  O   . CYS A 1 107 ? 1.962   -8.397  0.026   1.00 6.15  ? 101 CYS A O   1 
ATOM   787  C  CB  . CYS A 1 107 ? 3.039   -7.877  2.956   1.00 6.00  ? 101 CYS A CB  1 
ATOM   788  S  SG  . CYS A 1 107 ? 3.292   -8.028  4.728   1.00 6.48  ? 101 CYS A SG  1 
ATOM   789  N  N   . ILE A 1 108 ? 0.568   -6.908  0.953   1.00 5.20  ? 102 ILE A N   1 
ATOM   790  C  CA  . ILE A 1 108 ? 0.173   -6.387  -0.347  1.00 5.45  ? 102 ILE A CA  1 
ATOM   791  C  C   . ILE A 1 108 ? 1.179   -5.364  -0.865  1.00 5.19  ? 102 ILE A C   1 
ATOM   792  O  O   . ILE A 1 108 ? 1.415   -4.301  -0.269  1.00 5.92  ? 102 ILE A O   1 
ATOM   793  C  CB  . ILE A 1 108 ? -1.246  -5.766  -0.304  1.00 5.95  ? 102 ILE A CB  1 
ATOM   794  C  CG1 . ILE A 1 108 ? -2.291  -6.844  0.012   1.00 6.45  ? 102 ILE A CG1 1 
ATOM   795  C  CG2 . ILE A 1 108 ? -1.572  -5.118  -1.639  1.00 6.13  ? 102 ILE A CG2 1 
ATOM   796  C  CD1 . ILE A 1 108 ? -3.714  -6.355  0.105   1.00 7.42  ? 102 ILE A CD1 1 
ATOM   797  N  N   . GLN A 1 109 ? 1.693   -5.674  -2.066  1.00 5.83  ? 103 GLN A N   1 
ATOM   798  C  CA  . GLN A 1 109 ? 2.558   -4.754  -2.838  1.00 5.96  ? 103 GLN A CA  1 
ATOM   799  C  C   . GLN A 1 109 ? 1.737   -4.279  -4.057  1.00 5.25  ? 103 GLN A C   1 
ATOM   800  O  O   . GLN A 1 109 ? 1.074   -5.129  -4.701  1.00 6.55  ? 103 GLN A O   1 
ATOM   801  C  CB  . GLN A 1 109 ? 3.773   -5.549  -3.333  1.00 6.51  ? 103 GLN A CB  1 
ATOM   802  C  CG  . GLN A 1 109 ? 4.783   -4.743  -4.120  1.00 7.00  ? 103 GLN A CG  1 
ATOM   803  C  CD  . GLN A 1 109 ? 5.872   -5.537  -4.824  1.00 7.41  ? 103 GLN A CD  1 
ATOM   804  O  OE1 . GLN A 1 109 ? 6.719   -4.949  -5.507  1.00 9.27  ? 103 GLN A OE1 1 
ATOM   805  N  NE2 . GLN A 1 109 ? 5.864   -6.855  -4.665  1.00 8.16  ? 103 GLN A NE2 1 
ATOM   806  N  N   . MET A 1 110 ? 1.808   -2.977  -4.357  1.00 5.34  ? 104 MET A N   1 
ATOM   807  C  CA  . MET A 1 110 ? 1.157   -2.429  -5.563  1.00 5.84  ? 104 MET A CA  1 
ATOM   808  C  C   . MET A 1 110 ? 2.247   -2.034  -6.574  1.00 5.25  ? 104 MET A C   1 
ATOM   809  O  O   . MET A 1 110 ? 3.452   -2.163  -6.290  1.00 5.81  ? 104 MET A O   1 
ATOM   810  C  CB  . MET A 1 110 ? 0.244   -1.245  -5.219  1.00 6.77  ? 104 MET A CB  1 
ATOM   811  C  CG  . MET A 1 110 ? 0.986   -0.028  -4.681  1.00 7.50  ? 104 MET A CG  1 
ATOM   812  S  SD  A MET A 1 110 ? 0.086   1.496   -4.483  0.70 6.96  ? 104 MET A SD  1 
ATOM   813  S  SD  B MET A 1 110 ? 1.831   0.987   -5.435  0.30 9.27  ? 104 MET A SD  1 
ATOM   814  C  CE  A MET A 1 110 ? -0.063  2.108   -6.137  0.70 7.15  ? 104 MET A CE  1 
ATOM   815  C  CE  B MET A 1 110 ? 0.535   2.104   -5.960  0.30 8.09  ? 104 MET A CE  1 
ATOM   816  N  N   . ASN A 1 111 ? 1.774   -1.645  -7.772  1.00 5.31  ? 105 ASN A N   1 
ATOM   817  C  CA  . ASN A 1 111 ? 2.658   -1.214  -8.897  1.00 5.75  ? 105 ASN A CA  1 
ATOM   818  C  C   . ASN A 1 111 ? 3.565   -2.365  -9.365  1.00 6.28  ? 105 ASN A C   1 
ATOM   819  O  O   . ASN A 1 111 ? 4.690   -2.131  -9.812  1.00 6.89  ? 105 ASN A O   1 
ATOM   820  C  CB  . ASN A 1 111 ? 3.494   0.027   -8.553  1.00 6.52  ? 105 ASN A CB  1 
ATOM   821  C  CG  . ASN A 1 111 ? 2.747   1.335   -8.670  1.00 6.51  ? 105 ASN A CG  1 
ATOM   822  O  OD1 . ASN A 1 111 ? 1.690   1.403   -9.278  1.00 7.86  ? 105 ASN A OD1 1 
ATOM   823  N  ND2 . ASN A 1 111 ? 3.342   2.383   -8.109  1.00 7.45  ? 105 ASN A ND2 1 
ATOM   824  N  N   . VAL A 1 112 ? 3.051   -3.595  -9.337  1.00 5.92  ? 106 VAL A N   1 
ATOM   825  C  CA  . VAL A 1 112 ? 3.819   -4.782  -9.707  1.00 6.27  ? 106 VAL A CA  1 
ATOM   826  C  C   . VAL A 1 112 ? 3.657   -5.015  -11.205 1.00 6.32  ? 106 VAL A C   1 
ATOM   827  O  O   . VAL A 1 112 ? 2.542   -5.102  -11.728 1.00 7.16  ? 106 VAL A O   1 
ATOM   828  C  CB  . VAL A 1 112 ? 3.423   -5.995  -8.866  1.00 7.23  ? 106 VAL A CB  1 
ATOM   829  C  CG1 . VAL A 1 112 ? 4.208   -7.243  -9.279  1.00 8.47  ? 106 VAL A CG1 1 
ATOM   830  C  CG2 . VAL A 1 112 ? 3.632   -5.679  -7.397  1.00 8.00  ? 106 VAL A CG2 1 
ATOM   831  N  N   . GLY A 1 113 ? 4.793   -5.201  -11.870 1.00 7.45  ? 107 GLY A N   1 
ATOM   832  C  CA  . GLY A 1 113 ? 4.852   -5.557  -13.288 1.00 8.68  ? 107 GLY A CA  1 
ATOM   833  C  C   . GLY A 1 113 ? 4.347   -4.465  -14.214 1.00 7.77  ? 107 GLY A C   1 
ATOM   834  O  O   . GLY A 1 113 ? 4.061   -3.370  -13.837 1.00 8.04  ? 107 GLY A O   1 
ATOM   835  N  N   . VAL A 1 114 ? 4.273   -4.820  -15.536 1.00 8.84  ? 108 VAL A N   1 
ATOM   836  C  CA  . VAL A 1 114 ? 3.876   -3.846  -16.561 1.00 7.83  ? 108 VAL A CA  1 
ATOM   837  C  C   . VAL A 1 114 ? 2.444   -3.324  -16.332 1.00 7.38  ? 108 VAL A C   1 
ATOM   838  O  O   . VAL A 1 114 ? 2.123   -2.220  -16.640 1.00 7.84  ? 108 VAL A O   1 
ATOM   839  C  CB  . VAL A 1 114 ? 4.024   -4.393  -17.980 1.00 9.93  ? 108 VAL A CB  1 
ATOM   840  C  CG1 . VAL A 1 114 ? 3.054   -5.512  -18.254 1.00 11.48 ? 108 VAL A CG1 1 
ATOM   841  C  CG2 . VAL A 1 114 ? 3.938   -3.293  -19.043 1.00 10.39 ? 108 VAL A CG2 1 
ATOM   842  N  N   . GLY A 1 115 ? 1.637   -4.195  -15.696 1.00 7.61  ? 109 GLY A N   1 
ATOM   843  C  CA  . GLY A 1 115 ? 0.254   -3.883  -15.420 1.00 7.33  ? 109 GLY A CA  1 
ATOM   844  C  C   . GLY A 1 115 ? 0.032   -3.035  -14.190 1.00 6.64  ? 109 GLY A C   1 
ATOM   845  O  O   . GLY A 1 115 ? -1.089  -2.574  -13.932 1.00 7.36  ? 109 GLY A O   1 
ATOM   846  N  N   . LYS A 1 116 ? 1.091   -2.796  -13.408 1.00 5.80  ? 110 LYS A N   1 
ATOM   847  C  CA  . LYS A 1 116 ? 1.055   -1.884  -12.260 1.00 5.86  ? 110 LYS A CA  1 
ATOM   848  C  C   . LYS A 1 116 ? -0.104  -2.275  -11.334 1.00 5.75  ? 110 LYS A C   1 
ATOM   849  O  O   . LYS A 1 116 ? -0.989  -1.446  -11.025 1.00 6.78  ? 110 LYS A O   1 
ATOM   850  C  CB  . LYS A 1 116 ? 1.002   -0.434  -12.723 1.00 6.38  ? 110 LYS A CB  1 
ATOM   851  C  CG  . LYS A 1 116 ? 2.211   -0.015  -13.566 1.00 6.89  ? 110 LYS A CG  1 
ATOM   852  C  CD  . LYS A 1 116 ? 3.531   -0.117  -12.810 1.00 7.06  ? 110 LYS A CD  1 
ATOM   853  C  CE  . LYS A 1 116 ? 4.672   0.360   -13.689 1.00 7.84  ? 110 LYS A CE  1 
ATOM   854  N  NZ  . LYS A 1 116 ? 5.960   0.389   -12.935 1.00 8.06  ? 110 LYS A NZ  1 
ATOM   855  N  N   . CYS A 1 117 ? -0.058  -3.515  -10.876 1.00 6.29  ? 111 CYS A N   1 
ATOM   856  C  CA  . CYS A 1 117 ? -1.166  -4.137  -10.154 1.00 5.89  ? 111 CYS A CA  1 
ATOM   857  C  C   . CYS A 1 117 ? -0.651  -4.748  -8.832  1.00 5.38  ? 111 CYS A C   1 
ATOM   858  O  O   . CYS A 1 117 ? 0.491   -4.530  -8.430  1.00 6.32  ? 111 CYS A O   1 
ATOM   859  C  CB  . CYS A 1 117 ? -1.953  -5.051  -11.089 1.00 6.40  ? 111 CYS A CB  1 
ATOM   860  S  SG  . CYS A 1 117 ? -0.917  -6.100  -12.131 1.00 7.21  ? 111 CYS A SG  1 
ATOM   861  N  N   . TRP A 1 118 ? -1.563  -5.411  -8.101  1.00 5.85  ? 112 TRP A N   1 
ATOM   862  C  CA  . TRP A 1 118 ? -1.238  -5.888  -6.734  1.00 5.78  ? 112 TRP A CA  1 
ATOM   863  C  C   . TRP A 1 118 ? -0.741  -7.331  -6.759  1.00 6.09  ? 112 TRP A C   1 
ATOM   864  O  O   . TRP A 1 118 ? -1.256  -8.192  -7.526  1.00 6.50  ? 112 TRP A O   1 
ATOM   865  C  CB  . TRP A 1 118 ? -2.463  -5.803  -5.826  1.00 6.61  ? 112 TRP A CB  1 
ATOM   866  C  CG  . TRP A 1 118 ? -3.037  -4.430  -5.629  1.00 6.37  ? 112 TRP A CG  1 
ATOM   867  C  CD1 . TRP A 1 118 ? -2.750  -3.266  -6.289  1.00 7.57  ? 112 TRP A CD1 1 
ATOM   868  C  CD2 . TRP A 1 118 ? -4.085  -4.131  -4.696  1.00 6.65  ? 112 TRP A CD2 1 
ATOM   869  N  NE1 . TRP A 1 118 ? -3.554  -2.252  -5.817  1.00 7.19  ? 112 TRP A NE1 1 
ATOM   870  C  CE2 . TRP A 1 118 ? -4.356  -2.741  -4.815  1.00 7.02  ? 112 TRP A CE2 1 
ATOM   871  C  CE3 . TRP A 1 118 ? -4.773  -4.871  -3.721  1.00 7.80  ? 112 TRP A CE3 1 
ATOM   872  C  CZ2 . TRP A 1 118 ? -5.365  -2.116  -4.066  1.00 7.42  ? 112 TRP A CZ2 1 
ATOM   873  C  CZ3 . TRP A 1 118 ? -5.711  -4.220  -2.918  1.00 7.82  ? 112 TRP A CZ3 1 
ATOM   874  C  CH2 . TRP A 1 118 ? -6.017  -2.874  -3.112  1.00 7.74  ? 112 TRP A CH2 1 
ATOM   875  N  N   . ASP A 1 119 ? 0.172   -7.613  -5.843  1.00 6.62  ? 113 ASP A N   1 
ATOM   876  C  CA  . ASP A 1 119 ? 0.726   -8.970  -5.678  1.00 6.52  ? 113 ASP A CA  1 
ATOM   877  C  C   . ASP A 1 119 ? 1.014   -9.190  -4.198  1.00 6.50  ? 113 ASP A C   1 
ATOM   878  O  O   . ASP A 1 119 ? 1.701   -8.328  -3.593  1.00 7.17  ? 113 ASP A O   1 
ATOM   879  C  CB  . ASP A 1 119 ? 1.994   -9.077  -6.516  1.00 8.01  ? 113 ASP A CB  1 
ATOM   880  C  CG  . ASP A 1 119 ? 2.724   -10.417 -6.494  1.00 8.28  ? 113 ASP A CG  1 
ATOM   881  O  OD1 . ASP A 1 119 ? 2.787   -11.014 -5.440  1.00 9.34  ? 113 ASP A OD1 1 
ATOM   882  O  OD2 . ASP A 1 119 ? 3.238   -10.839 -7.608  1.00 9.60  ? 113 ASP A OD2 1 
ATOM   883  N  N   . ASP A 1 120 ? 0.519   -10.267 -3.630  1.00 6.25  ? 114 ASP A N   1 
ATOM   884  C  CA  . ASP A 1 120 ? 0.842   -10.599 -2.226  1.00 6.13  ? 114 ASP A CA  1 
ATOM   885  C  C   . ASP A 1 120 ? 2.296   -11.102 -2.183  1.00 6.66  ? 114 ASP A C   1 
ATOM   886  O  O   . ASP A 1 120 ? 2.676   -12.048 -2.916  1.00 8.10  ? 114 ASP A O   1 
ATOM   887  C  CB  . ASP A 1 120 ? -0.213  -11.528 -1.631  1.00 6.33  ? 114 ASP A CB  1 
ATOM   888  C  CG  . ASP A 1 120 ? -0.434  -12.880 -2.270  1.00 6.50  ? 114 ASP A CG  1 
ATOM   889  O  OD1 . ASP A 1 120 ? -0.004  -13.106 -3.443  1.00 7.06  ? 114 ASP A OD1 1 
ATOM   890  O  OD2 . ASP A 1 120 ? -1.099  -13.725 -1.600  1.00 7.02  ? 114 ASP A OD2 1 
ATOM   891  N  N   . THR A 1 121 ? 3.101   -10.506 -1.345  1.00 6.57  ? 115 THR A N   1 
ATOM   892  C  CA  . THR A 1 121 ? 4.550   -10.536 -1.460  1.00 6.61  ? 115 THR A CA  1 
ATOM   893  C  C   . THR A 1 121 ? 5.149   -10.915 -0.119  1.00 6.26  ? 115 THR A C   1 
ATOM   894  O  O   . THR A 1 121 ? 4.596   -10.496 0.919   1.00 6.45  ? 115 THR A O   1 
ATOM   895  C  CB  . THR A 1 121 ? 5.017   -9.127  -1.885  1.00 6.88  ? 115 THR A CB  1 
ATOM   896  O  OG1 . THR A 1 121 ? 4.479   -8.811  -3.149  1.00 7.50  ? 115 THR A OG1 1 
ATOM   897  C  CG2 . THR A 1 121 ? 6.530   -8.982  -2.015  1.00 7.50  ? 115 THR A CG2 1 
ATOM   898  N  N   . PRO A 1 122 ? 6.299   -11.615 -0.081  1.00 6.86  ? 116 PRO A N   1 
ATOM   899  C  CA  . PRO A 1 122 ? 6.975   -11.831 1.206   1.00 7.22  ? 116 PRO A CA  1 
ATOM   900  C  C   . PRO A 1 122 ? 7.202   -10.482 1.905   1.00 7.10  ? 116 PRO A C   1 
ATOM   901  O  O   . PRO A 1 122 ? 7.778   -9.575  1.369   1.00 7.02  ? 116 PRO A O   1 
ATOM   902  C  CB  . PRO A 1 122 ? 8.308   -12.509 0.819   1.00 7.51  ? 116 PRO A CB  1 
ATOM   903  C  CG  . PRO A 1 122 ? 7.929   -13.254 -0.460  1.00 8.07  ? 116 PRO A CG  1 
ATOM   904  C  CD  . PRO A 1 122 ? 7.021   -12.264 -1.186  1.00 7.55  ? 116 PRO A CD  1 
ATOM   905  N  N   . CYS A 1 123 ? 6.768   -10.437 3.186   1.00 6.90  ? 117 CYS A N   1 
ATOM   906  C  CA  . CYS A 1 123 ? 6.741   -9.177  3.898   1.00 6.80  ? 117 CYS A CA  1 
ATOM   907  C  C   . CYS A 1 123 ? 8.138   -8.645  4.199   1.00 7.09  ? 117 CYS A C   1 
ATOM   908  O  O   . CYS A 1 123 ? 8.312   -7.496  4.486   1.00 7.13  ? 117 CYS A O   1 
ATOM   909  C  CB  . CYS A 1 123 ? 6.003   -9.338  5.218   1.00 6.58  ? 117 CYS A CB  1 
ATOM   910  S  SG  . CYS A 1 123 ? 4.244   -9.812  5.057   1.00 6.79  ? 117 CYS A SG  1 
ATOM   911  N  N   . THR A 1 124 ? 9.175   -9.520  4.109   1.00 7.39  ? 118 THR A N   1 
ATOM   912  C  CA  . THR A 1 124 ? 10.557  -9.128  4.305   1.00 8.11  ? 118 THR A CA  1 
ATOM   913  C  C   . THR A 1 124 ? 11.221  -8.503  3.054   1.00 8.22  ? 118 THR A C   1 
ATOM   914  O  O   . THR A 1 124 ? 12.339  -8.031  3.137   1.00 9.09  ? 118 THR A O   1 
ATOM   915  C  CB  . THR A 1 124 ? 11.377  -10.310 4.827   1.00 9.05  ? 118 THR A CB  1 
ATOM   916  O  OG1 . THR A 1 124 ? 11.225  -11.387 3.917   1.00 11.71 ? 118 THR A OG1 1 
ATOM   917  C  CG2 . THR A 1 124 ? 10.992  -10.731 6.222   1.00 10.40 ? 118 THR A CG2 1 
ATOM   918  N  N   . HIS A 1 125 ? 10.545  -8.485  1.908   1.00 8.09  ? 119 HIS A N   1 
ATOM   919  C  CA  . HIS A 1 125 ? 11.095  -7.857  0.727   1.00 8.43  ? 119 HIS A CA  1 
ATOM   920  C  C   . HIS A 1 125 ? 11.146  -6.348  0.910   1.00 7.56  ? 119 HIS A C   1 
ATOM   921  O  O   . HIS A 1 125 ? 10.342  -5.735  1.641   1.00 8.30  ? 119 HIS A O   1 
ATOM   922  C  CB  . HIS A 1 125 ? 10.299  -8.226  -0.522  1.00 8.65  ? 119 HIS A CB  1 
ATOM   923  C  CG  . HIS A 1 125 ? 10.564  -9.616  -0.954  1.00 9.26  ? 119 HIS A CG  1 
ATOM   924  N  ND1 . HIS A 1 125 ? 10.104  -10.102 -2.156  1.00 11.17 ? 119 HIS A ND1 1 
ATOM   925  C  CD2 . HIS A 1 125 ? 11.273  -10.618 -0.374  1.00 10.31 ? 119 HIS A CD2 1 
ATOM   926  C  CE1 . HIS A 1 125 ? 10.466  -11.372 -2.276  1.00 12.50 ? 119 HIS A CE1 1 
ATOM   927  N  NE2 . HIS A 1 125 ? 11.169  -11.715 -1.211  1.00 12.32 ? 119 HIS A NE2 1 
ATOM   928  N  N   . LEU A 1 126 ? 12.088  -5.702  0.227   1.00 8.68  ? 120 LEU A N   1 
ATOM   929  C  CA  . LEU A 1 126 ? 12.351  -4.270  0.379   1.00 7.98  ? 120 LEU A CA  1 
ATOM   930  C  C   . LEU A 1 126 ? 11.645  -3.486  -0.724  1.00 7.53  ? 120 LEU A C   1 
ATOM   931  O  O   . LEU A 1 126 ? 11.929  -3.687  -1.936  1.00 8.52  ? 120 LEU A O   1 
ATOM   932  C  CB  . LEU A 1 126 ? 13.852  -3.983  0.323   1.00 9.04  ? 120 LEU A CB  1 
ATOM   933  C  CG  . LEU A 1 126 ? 14.721  -4.773  1.284   1.00 10.93 ? 120 LEU A CG  1 
ATOM   934  C  CD1 . LEU A 1 126 ? 16.159  -4.285  1.160   1.00 13.35 ? 120 LEU A CD1 1 
ATOM   935  C  CD2 . LEU A 1 126 ? 14.261  -4.652  2.710   1.00 11.05 ? 120 LEU A CD2 1 
ATOM   936  N  N   . HIS A 1 127 ? 10.726  -2.594  -0.320  1.00 6.64  ? 121 HIS A N   1 
ATOM   937  C  CA  . HIS A 1 127 ? 10.016  -1.748  -1.292  1.00 6.92  ? 121 HIS A CA  1 
ATOM   938  C  C   . HIS A 1 127 ? 9.796   -0.361  -0.705  1.00 6.42  ? 121 HIS A C   1 
ATOM   939  O  O   . HIS A 1 127 ? 9.750   -0.178  0.520   1.00 6.33  ? 121 HIS A O   1 
ATOM   940  C  CB  . HIS A 1 127 ? 8.663   -2.364  -1.709  1.00 7.06  ? 121 HIS A CB  1 
ATOM   941  C  CG  . HIS A 1 127 ? 8.846   -3.597  -2.509  1.00 7.12  ? 121 HIS A CG  1 
ATOM   942  N  ND1 . HIS A 1 127 ? 9.414   -3.593  -3.763  1.00 7.36  ? 121 HIS A ND1 1 
ATOM   943  C  CD2 . HIS A 1 127 ? 8.617   -4.891  -2.215  1.00 7.59  ? 121 HIS A CD2 1 
ATOM   944  C  CE1 . HIS A 1 127 ? 9.529   -4.833  -4.179  1.00 8.77  ? 121 HIS A CE1 1 
ATOM   945  N  NE2 . HIS A 1 127 ? 9.050   -5.659  -3.278  1.00 8.45  ? 121 HIS A NE2 1 
ATOM   946  N  N   . SER A 1 128 ? 9.622   0.611   -1.608  1.00 6.42  ? 122 SER A N   1 
ATOM   947  C  CA  . SER A 1 128 ? 9.081   1.900   -1.267  1.00 6.12  ? 122 SER A CA  1 
ATOM   948  C  C   . SER A 1 128 ? 7.643   1.685   -0.749  1.00 5.49  ? 122 SER A C   1 
ATOM   949  O  O   . SER A 1 128 ? 7.163   0.573   -0.731  1.00 5.89  ? 122 SER A O   1 
ATOM   950  C  CB  . SER A 1 128 ? 9.101   2.831   -2.432  1.00 6.68  ? 122 SER A CB  1 
ATOM   951  O  OG  A SER A 1 128 ? 8.751   2.244   -3.611  0.50 6.21  ? 122 SER A OG  1 
ATOM   952  O  OG  B SER A 1 128 ? 10.213  2.729   -3.320  0.50 8.04  ? 122 SER A OG  1 
ATOM   953  N  N   . SER A 1 129 ? 7.007   2.776   -0.327  1.00 5.60  ? 123 SER A N   1 
ATOM   954  C  CA  . SER A 1 129 ? 5.711   2.611   0.357   1.00 5.66  ? 123 SER A CA  1 
ATOM   955  C  C   . SER A 1 129 ? 4.895   3.890   0.295   1.00 5.63  ? 123 SER A C   1 
ATOM   956  O  O   . SER A 1 129 ? 5.378   4.970   0.027   1.00 6.01  ? 123 SER A O   1 
ATOM   957  C  CB  . SER A 1 129 ? 5.942   2.180   1.823   1.00 5.69  ? 123 SER A CB  1 
ATOM   958  O  OG  . SER A 1 129 ? 6.778   3.107   2.514   1.00 6.39  ? 123 SER A OG  1 
ATOM   959  N  N   . ILE A 1 130 ? 3.584   3.714   0.544   1.00 5.48  ? 124 ILE A N   1 
ATOM   960  C  CA  . ILE A 1 130 ? 2.653   4.863   0.613   1.00 5.94  ? 124 ILE A CA  1 
ATOM   961  C  C   . ILE A 1 130 ? 2.054   4.933   2.015   1.00 5.25  ? 124 ILE A C   1 
ATOM   962  O  O   . ILE A 1 130 ? 1.463   3.947   2.459   1.00 5.98  ? 124 ILE A O   1 
ATOM   963  C  CB  . ILE A 1 130 ? 1.558   4.782   -0.476  1.00 8.33  ? 124 ILE A CB  1 
ATOM   964  C  CG1 . ILE A 1 130 ? 2.190   4.847   -1.886  1.00 11.26 ? 124 ILE A CG1 1 
ATOM   965  C  CG2 . ILE A 1 130 ? 0.502   5.834   -0.298  1.00 8.70  ? 124 ILE A CG2 1 
ATOM   966  C  CD1 . ILE A 1 130 ? 2.127   3.447   -2.367  1.00 16.16 ? 124 ILE A CD1 1 
ATOM   967  N  N   . CYS A 1 131 ? 2.243   6.079   2.647   1.00 5.72  ? 125 CYS A N   1 
ATOM   968  C  CA  . CYS A 1 131 ? 1.627   6.350   3.953   1.00 5.63  ? 125 CYS A CA  1 
ATOM   969  C  C   . CYS A 1 131 ? 0.385   7.221   3.783   1.00 5.52  ? 125 CYS A C   1 
ATOM   970  O  O   . CYS A 1 131 ? 0.301   8.027   2.826   1.00 6.17  ? 125 CYS A O   1 
ATOM   971  C  CB  . CYS A 1 131 ? 2.587   7.091   4.876   1.00 6.46  ? 125 CYS A CB  1 
ATOM   972  S  SG  . CYS A 1 131 ? 4.154   6.239   5.179   1.00 7.05  ? 125 CYS A SG  1 
ATOM   973  N  N   . ALA A 1 132 ? -0.552  7.101   4.725   1.00 5.42  ? 126 ALA A N   1 
ATOM   974  C  CA  . ALA A 1 132 ? -1.774  7.889   4.696   1.00 5.20  ? 126 ALA A CA  1 
ATOM   975  C  C   . ALA A 1 132 ? -2.167  8.233   6.116   1.00 5.14  ? 126 ALA A C   1 
ATOM   976  O  O   . ALA A 1 132 ? -2.026  7.386   7.015   1.00 5.54  ? 126 ALA A O   1 
ATOM   977  C  CB  . ALA A 1 132 ? -2.909  7.155   4.026   1.00 6.26  ? 126 ALA A CB  1 
ATOM   978  N  N   . LYS A 1 133 ? -2.786  9.386   6.258   1.00 5.28  ? 127 LYS A N   1 
ATOM   979  C  CA  . LYS A 1 133 ? -3.387  9.773   7.563   1.00 5.56  ? 127 LYS A CA  1 
ATOM   980  C  C   . LYS A 1 133 ? -4.565  10.696  7.266   1.00 5.86  ? 127 LYS A C   1 
ATOM   981  O  O   . LYS A 1 133 ? -4.478  11.567  6.408   1.00 6.76  ? 127 LYS A O   1 
ATOM   982  C  CB  . LYS A 1 133 ? -2.398  10.364  8.560   1.00 5.49  ? 127 LYS A CB  1 
ATOM   983  C  CG  . LYS A 1 133 ? -1.530  11.496  8.035   1.00 5.70  ? 127 LYS A CG  1 
ATOM   984  C  CD  . LYS A 1 133 ? -0.660  12.030  9.173   1.00 6.22  ? 127 LYS A CD  1 
ATOM   985  C  CE  . LYS A 1 133 ? 0.461   12.951  8.701   1.00 7.29  ? 127 LYS A CE  1 
ATOM   986  N  NZ  . LYS A 1 133 ? 1.234   13.482  9.859   1.00 7.81  ? 127 LYS A NZ  1 
ATOM   987  N  N   . THR A 1 134 ? -5.646  10.458  8.012   1.00 7.52  ? 128 THR A N   1 
ATOM   988  C  CA  . THR A 1 134 ? -6.925  11.194  7.854   1.00 9.88  ? 128 THR A CA  1 
ATOM   989  C  C   . THR A 1 134 ? -7.357  11.819  9.181   1.00 10.80 ? 128 THR A C   1 
ATOM   990  O  O   . THR A 1 134 ? -7.358  13.066  9.171   1.00 15.26 ? 128 THR A O   1 
ATOM   991  C  CB  . THR A 1 134 ? -8.027  10.259  7.322   1.00 30.00 ? 128 THR A CB  1 
ATOM   992  O  OG1 . THR A 1 134 ? -8.207  9.164   8.227   1.00 30.00 ? 128 THR A OG1 1 
ATOM   993  C  CG2 . THR A 1 134 ? -7.577  9.581   6.036   1.00 30.00 ? 128 THR A CG2 1 
HETATM 994  CA CA  . CA  B 2 .   ? 2.018   -13.282 -4.753  1.00 7.34  ? 201 CA  A CA  1 
HETATM 995  O  O   . HOH C 3 .   ? -11.516 9.256   -0.808  1.00 12.07 ? 301 HOH A O   1 
HETATM 996  O  O   . HOH C 3 .   ? -3.031  13.080  -8.740  1.00 21.21 ? 302 HOH A O   1 
HETATM 997  O  O   . HOH C 3 .   ? -13.077 9.941   -2.943  1.00 11.85 ? 303 HOH A O   1 
HETATM 998  O  O   . HOH C 3 .   ? -2.598  8.707   -13.898 1.00 28.24 ? 304 HOH A O   1 
HETATM 999  O  O   . HOH C 3 .   ? 11.522  1.039   12.559  1.00 23.36 ? 305 HOH A O   1 
HETATM 1000 O  O   . HOH C 3 .   ? -13.289 10.452  1.603   1.00 23.75 ? 306 HOH A O   1 
HETATM 1001 O  O   . HOH C 3 .   ? -7.756  6.799   7.400   1.00 14.64 ? 307 HOH A O   1 
HETATM 1002 O  O   . HOH C 3 .   ? 5.924   -17.526 -0.882  1.00 22.08 ? 308 HOH A O   1 
HETATM 1003 O  O   . HOH C 3 .   ? 9.950   18.396  4.954   1.00 32.06 ? 309 HOH A O   1 
HETATM 1004 O  O   . HOH C 3 .   ? -7.392  10.562  -8.768  1.00 20.58 ? 310 HOH A O   1 
HETATM 1005 O  O   . HOH C 3 .   ? -10.523 10.072  2.582   1.00 24.08 ? 311 HOH A O   1 
HETATM 1006 O  O   . HOH C 3 .   ? 0.020   22.772  5.238   1.00 32.73 ? 312 HOH A O   1 
HETATM 1007 O  O   . HOH C 3 .   ? -1.073  -14.410 1.010   1.00 7.26  ? 313 HOH A O   1 
HETATM 1008 O  O   . HOH C 3 .   ? -6.999  5.651   0.155   1.00 11.75 ? 314 HOH A O   1 
HETATM 1009 O  O   . HOH C 3 .   ? 10.132  -0.904  -4.412  1.00 10.50 ? 315 HOH A O   1 
HETATM 1010 O  O   . HOH C 3 .   ? 13.711  -3.930  -3.836  1.00 25.48 ? 316 HOH A O   1 
HETATM 1011 O  O   . HOH C 3 .   ? -10.331 18.539  2.852   1.00 34.51 ? 317 HOH A O   1 
HETATM 1012 O  O   . HOH C 3 .   ? 8.406   14.508  4.674   1.00 15.86 ? 318 HOH A O   1 
HETATM 1013 O  O   . HOH C 3 .   ? -12.478 -7.519  -2.115  1.00 18.72 ? 319 HOH A O   1 
HETATM 1014 O  O   . HOH C 3 .   ? -13.366 -7.573  3.348   1.00 27.12 ? 320 HOH A O   1 
HETATM 1015 O  O   . HOH C 3 .   ? -5.690  -17.623 -17.768 1.00 8.73  ? 321 HOH A O   1 
HETATM 1016 O  O   . HOH C 3 .   ? 8.975   -12.706 4.344   1.00 12.99 ? 322 HOH A O   1 
HETATM 1017 O  O   . HOH C 3 .   ? -4.799  -7.413  -13.102 1.00 16.57 ? 323 HOH A O   1 
HETATM 1018 O  O   . HOH C 3 .   ? -4.221  19.870  8.579   1.00 6.30  ? 324 HOH A O   1 
HETATM 1019 O  O   . HOH C 3 .   ? -6.118  5.542   5.517   1.00 8.57  ? 325 HOH A O   1 
HETATM 1020 O  O   . HOH C 3 .   ? 3.941   -15.285 7.054   1.00 9.56  ? 326 HOH A O   1 
HETATM 1021 O  O   . HOH C 3 .   ? -9.430  -4.421  7.560   1.00 6.64  ? 327 HOH A O   1 
HETATM 1022 O  O   . HOH C 3 .   ? 9.167   1.927   2.258   1.00 6.56  ? 328 HOH A O   1 
HETATM 1023 O  O   . HOH C 3 .   ? -3.987  -8.472  8.041   1.00 16.82 ? 329 HOH A O   1 
HETATM 1024 O  O   . HOH C 3 .   ? -6.779  16.436  -4.254  1.00 16.41 ? 330 HOH A O   1 
HETATM 1025 O  O   . HOH C 3 .   ? 5.942   14.576  -1.091  1.00 18.28 ? 331 HOH A O   1 
HETATM 1026 O  O   . HOH C 3 .   ? -10.550 14.461  6.728   1.00 30.11 ? 332 HOH A O   1 
HETATM 1027 O  O   . HOH C 3 .   ? -8.233  -19.776 5.597   1.00 20.77 ? 333 HOH A O   1 
HETATM 1028 O  O   . HOH C 3 .   ? -13.272 8.119   -5.051  1.00 13.62 ? 334 HOH A O   1 
HETATM 1029 O  O   . HOH C 3 .   ? 7.022   19.527  -0.318  1.00 22.69 ? 335 HOH A O   1 
HETATM 1030 O  O   . HOH C 3 .   ? 0.712   -16.887 -8.644  1.00 12.72 ? 336 HOH A O   1 
HETATM 1031 O  O   . HOH C 3 .   ? 2.684   15.736  10.062  1.00 18.51 ? 337 HOH A O   1 
HETATM 1032 O  O   . HOH C 3 .   ? 14.919  -3.602  9.964   1.00 12.64 ? 338 HOH A O   1 
HETATM 1033 O  O   . HOH C 3 .   ? 3.559   8.791   -11.064 1.00 20.43 ? 339 HOH A O   1 
HETATM 1034 O  O   . HOH C 3 .   ? 8.363   -15.322 3.329   1.00 16.18 ? 340 HOH A O   1 
HETATM 1035 O  O   . HOH C 3 .   ? 1.390   -12.920 -10.842 1.00 11.13 ? 341 HOH A O   1 
HETATM 1036 O  O   . HOH C 3 .   ? -8.698  -7.457  -7.998  1.00 7.21  ? 342 HOH A O   1 
HETATM 1037 O  O   . HOH C 3 .   ? -15.835 -0.925  5.685   1.00 11.96 ? 343 HOH A O   1 
HETATM 1038 O  O   . HOH C 3 .   ? -8.789  -4.863  -11.522 1.00 6.01  ? 344 HOH A O   1 
HETATM 1039 O  O   . HOH C 3 .   ? -7.223  -2.040  10.752  1.00 7.47  ? 345 HOH A O   1 
HETATM 1040 O  O   . HOH C 3 .   ? 9.432   1.127   -11.867 1.00 19.94 ? 346 HOH A O   1 
HETATM 1041 O  O   . HOH C 3 .   ? 12.555  4.130   -4.317  1.00 15.48 ? 347 HOH A O   1 
HETATM 1042 O  O   . HOH C 3 .   ? -13.991 1.743   8.662   1.00 10.60 ? 348 HOH A O   1 
HETATM 1043 O  O   . HOH C 3 .   ? 9.299   -8.284  -4.010  1.00 10.57 ? 349 HOH A O   1 
HETATM 1044 O  O   . HOH C 3 .   ? -10.469 -13.925 0.213   1.00 12.24 ? 350 HOH A O   1 
HETATM 1045 O  O   . HOH C 3 .   ? -0.904  -19.474 -6.180  1.00 17.07 ? 351 HOH A O   1 
HETATM 1046 O  O   . HOH C 3 .   ? 13.722  -0.797  12.118  1.00 17.82 ? 352 HOH A O   1 
HETATM 1047 O  O   . HOH C 3 .   ? 2.020   -14.813 8.941   0.50 7.76  ? 353 HOH A O   1 
HETATM 1048 O  O   . HOH C 3 .   ? 6.605   -2.761  15.351  1.00 10.79 ? 354 HOH A O   1 
HETATM 1049 O  O   . HOH C 3 .   ? -5.450  -12.482 8.102   1.00 7.78  ? 355 HOH A O   1 
HETATM 1050 O  O   . HOH C 3 .   ? 6.372   -2.232  -11.957 1.00 11.89 ? 356 HOH A O   1 
HETATM 1051 O  O   . HOH C 3 .   ? -16.115 12.704  0.055   1.00 16.10 ? 357 HOH A O   1 
HETATM 1052 O  O   . HOH C 3 .   ? 13.913  -2.956  5.848   1.00 8.57  ? 358 HOH A O   1 
HETATM 1053 O  O   . HOH C 3 .   ? -6.621  -19.943 -0.609  1.00 11.04 ? 359 HOH A O   1 
HETATM 1054 O  O   . HOH C 3 .   ? 2.860   13.570  -0.816  1.00 15.20 ? 360 HOH A O   1 
HETATM 1055 O  O   . HOH C 3 .   ? 1.988   -10.419 -10.004 1.00 12.21 ? 361 HOH A O   1 
HETATM 1056 O  O   . HOH C 3 .   ? 5.708   -10.769 -8.788  1.00 24.68 ? 362 HOH A O   1 
HETATM 1057 O  O   . HOH C 3 .   ? -3.436  -3.332  -15.123 1.00 8.64  ? 363 HOH A O   1 
HETATM 1058 O  O   . HOH C 3 .   ? -8.849  9.742   -0.017  1.00 10.52 ? 364 HOH A O   1 
HETATM 1059 O  O   . HOH C 3 .   ? 7.886   -5.928  -7.787  1.00 12.83 ? 365 HOH A O   1 
HETATM 1060 O  O   . HOH C 3 .   ? 14.318  -7.771  5.016   1.00 14.69 ? 366 HOH A O   1 
HETATM 1061 O  O   . HOH C 3 .   ? 1.362   6.926   14.876  1.00 12.79 ? 367 HOH A O   1 
HETATM 1062 O  O   . HOH C 3 .   ? -2.087  -20.705 -3.937  1.00 13.00 ? 368 HOH A O   1 
HETATM 1063 O  O   . HOH C 3 .   ? -6.332  2.865   -12.073 1.00 14.94 ? 369 HOH A O   1 
HETATM 1064 O  O   . HOH C 3 .   ? 3.765   20.295  0.830   1.00 29.45 ? 370 HOH A O   1 
HETATM 1065 O  O   . HOH C 3 .   ? -3.080  16.853  -3.685  1.00 22.15 ? 371 HOH A O   1 
HETATM 1066 O  O   . HOH C 3 .   ? -2.876  -0.071  -12.487 1.00 11.56 ? 372 HOH A O   1 
HETATM 1067 O  O   . HOH C 3 .   ? -16.014 -4.817  7.640   1.00 18.05 ? 373 HOH A O   1 
HETATM 1068 O  O   . HOH C 3 .   ? 4.701   7.740   -15.542 1.00 14.31 ? 374 HOH A O   1 
HETATM 1069 O  O   . HOH C 3 .   ? -3.573  -16.921 -7.457  1.00 10.92 ? 375 HOH A O   1 
HETATM 1070 O  O   . HOH C 3 .   ? 7.408   7.011   5.948   1.00 8.87  ? 376 HOH A O   1 
HETATM 1071 O  O   . HOH C 3 .   ? -0.991  -17.418 11.044  1.00 9.25  ? 377 HOH A O   1 
HETATM 1072 O  O   . HOH C 3 .   ? -4.144  0.492   5.763   1.00 7.34  ? 378 HOH A O   1 
HETATM 1073 O  O   . HOH C 3 .   ? 2.373   12.540  -10.718 1.00 29.68 ? 379 HOH A O   1 
HETATM 1074 O  O   . HOH C 3 .   ? 16.238  2.051   2.519   1.00 12.62 ? 380 HOH A O   1 
HETATM 1075 O  O   . HOH C 3 .   ? -9.928  -2.258  -0.203  1.00 5.82  ? 381 HOH A O   1 
HETATM 1076 O  O   . HOH C 3 .   ? 4.943   11.817  -4.334  1.00 12.10 ? 382 HOH A O   1 
HETATM 1077 O  O   . HOH C 3 .   ? 8.315   11.550  -1.429  1.00 18.57 ? 383 HOH A O   1 
HETATM 1078 O  O   . HOH C 3 .   ? 11.170  2.146   10.043  1.00 13.00 ? 384 HOH A O   1 
HETATM 1079 O  O   . HOH C 3 .   ? 6.970   4.250   5.034   1.00 6.79  ? 385 HOH A O   1 
HETATM 1080 O  O   . HOH C 3 .   ? 13.342  -11.937 2.205   1.00 24.82 ? 386 HOH A O   1 
HETATM 1081 O  O   . HOH C 3 .   ? -12.097 -16.059 2.822   1.00 15.15 ? 387 HOH A O   1 
HETATM 1082 O  O   . HOH C 3 .   ? -9.267  -3.136  -9.861  1.00 16.64 ? 388 HOH A O   1 
HETATM 1083 O  O   . HOH C 3 .   ? 12.513  7.766   4.285   1.00 19.12 ? 389 HOH A O   1 
HETATM 1084 O  O   . HOH C 3 .   ? 0.821   -10.998 -13.677 1.00 12.94 ? 390 HOH A O   1 
HETATM 1085 O  O   . HOH C 3 .   ? -0.563  -0.266  -8.471  1.00 8.26  ? 391 HOH A O   1 
HETATM 1086 O  O   . HOH C 3 .   ? -10.889 -6.219  5.821   1.00 8.23  ? 392 HOH A O   1 
HETATM 1087 O  O   . HOH C 3 .   ? -10.995 3.979   9.494   1.00 20.02 ? 393 HOH A O   1 
HETATM 1088 O  O   . HOH C 3 .   ? -6.131  -20.877 1.991   1.00 20.25 ? 394 HOH A O   1 
HETATM 1089 O  O   . HOH C 3 .   ? 7.425   3.798   14.567  1.00 23.02 ? 395 HOH A O   1 
HETATM 1090 O  O   . HOH C 3 .   ? -7.460  5.220   10.129  1.00 14.41 ? 396 HOH A O   1 
HETATM 1091 O  O   . HOH C 3 .   ? -16.593 -2.375  2.620   1.00 13.49 ? 397 HOH A O   1 
HETATM 1092 O  O   . HOH C 3 .   ? -15.151 0.180   -3.294  1.00 20.46 ? 398 HOH A O   1 
HETATM 1093 O  O   . HOH C 3 .   ? -6.507  17.066  5.703   1.00 23.65 ? 399 HOH A O   1 
HETATM 1094 O  O   . HOH C 3 .   ? -1.278  12.239  -6.638  1.00 12.93 ? 400 HOH A O   1 
HETATM 1095 O  O   . HOH C 3 .   ? -1.785  -16.170 3.959   1.00 15.66 ? 401 HOH A O   1 
HETATM 1096 O  O   . HOH C 3 .   ? 4.673   11.991  -1.668  1.00 10.20 ? 402 HOH A O   1 
HETATM 1097 O  O   . HOH C 3 .   ? 5.409   18.849  7.353   1.00 14.50 ? 403 HOH A O   1 
HETATM 1098 O  O   . HOH C 3 .   ? -2.790  -5.494  7.144   1.00 20.37 ? 404 HOH A O   1 
HETATM 1099 O  O   . HOH C 3 .   ? 15.438  0.027   8.517   1.00 12.15 ? 405 HOH A O   1 
HETATM 1100 O  O   . HOH C 3 .   ? 3.132   -19.255 -2.717  1.00 18.83 ? 406 HOH A O   1 
HETATM 1101 O  O   . HOH C 3 .   ? 15.781  -1.531  4.269   1.00 11.01 ? 407 HOH A O   1 
HETATM 1102 O  O   . HOH C 3 .   ? -15.701 -6.315  0.701   1.00 16.92 ? 408 HOH A O   1 
HETATM 1103 O  O   . HOH C 3 .   ? -10.384 16.919  0.754   1.00 19.16 ? 409 HOH A O   1 
HETATM 1104 O  O   . HOH C 3 .   ? -2.009  -9.350  7.473   1.00 14.51 ? 410 HOH A O   1 
HETATM 1105 O  O   . HOH C 3 .   ? 5.198   10.893  -8.385  1.00 13.77 ? 411 HOH A O   1 
HETATM 1106 O  O   . HOH C 3 .   ? 11.803  5.697   6.130   1.00 14.59 ? 412 HOH A O   1 
HETATM 1107 O  O   . HOH C 3 .   ? -13.241 -1.040  11.651  1.00 14.61 ? 413 HOH A O   1 
HETATM 1108 O  O   . HOH C 3 .   ? -3.629  2.907   11.365  1.00 9.79  ? 414 HOH A O   1 
HETATM 1109 O  O   . HOH C 3 .   ? 1.853   -6.652  -14.047 1.00 12.72 ? 415 HOH A O   1 
HETATM 1110 O  O   . HOH C 3 .   ? 12.030  -14.338 -0.399  1.00 29.27 ? 416 HOH A O   1 
HETATM 1111 O  O   . HOH C 3 .   ? 10.876  9.734   16.569  1.00 22.02 ? 417 HOH A O   1 
HETATM 1112 O  O   . HOH C 3 .   ? -10.883 -9.333  -4.637  1.00 30.33 ? 418 HOH A O   1 
HETATM 1113 O  O   . HOH C 3 .   ? -9.498  -10.553 -3.067  1.00 22.43 ? 419 HOH A O   1 
HETATM 1114 O  O   . HOH C 3 .   ? 8.940   10.387  2.326   1.00 9.98  ? 420 HOH A O   1 
HETATM 1115 O  O   . HOH C 3 .   ? 14.612  -8.964  1.610   1.00 30.10 ? 421 HOH A O   1 
HETATM 1116 O  O   . HOH C 3 .   ? 3.553   -13.561 -6.589  1.00 10.88 ? 422 HOH A O   1 
HETATM 1117 O  O   . HOH C 3 .   ? -7.627  -6.985  -11.040 1.00 14.09 ? 423 HOH A O   1 
HETATM 1118 O  O   . HOH C 3 .   ? -13.293 -19.690 5.984   1.00 23.96 ? 424 HOH A O   1 
HETATM 1119 O  O   . HOH C 3 .   ? -11.734 11.309  -12.704 1.00 25.42 ? 425 HOH A O   1 
HETATM 1120 O  O   . HOH C 3 .   ? -2.168  18.744  -0.642  1.00 23.45 ? 426 HOH A O   1 
HETATM 1121 O  O   . HOH C 3 .   ? 3.539   13.703  -6.175  1.00 23.41 ? 427 HOH A O   1 
HETATM 1122 O  O   . HOH C 3 .   ? 11.443  5.251   -6.653  1.00 13.64 ? 428 HOH A O   1 
HETATM 1123 O  O   . HOH C 3 .   ? 9.330   8.376   9.489   1.00 22.02 ? 429 HOH A O   1 
HETATM 1124 O  O   . HOH C 3 .   ? 6.681   13.527  6.773   1.00 12.32 ? 430 HOH A O   1 
HETATM 1125 O  O   . HOH C 3 .   ? -9.384  15.963  -3.348  1.00 11.38 ? 431 HOH A O   1 
HETATM 1126 O  O   . HOH C 3 .   ? 1.395   -19.961 -4.630  1.00 19.40 ? 432 HOH A O   1 
HETATM 1127 O  O   . HOH C 3 .   ? -13.074 15.645  0.983   1.00 30.23 ? 433 HOH A O   1 
HETATM 1128 O  O   . HOH C 3 .   ? -14.197 2.762   -7.747  1.00 12.80 ? 434 HOH A O   1 
HETATM 1129 O  O   . HOH C 3 .   ? -4.272  13.722  8.390   1.00 20.83 ? 435 HOH A O   1 
HETATM 1130 O  O   . HOH C 3 .   ? -11.104 -11.083 3.446   1.00 11.21 ? 436 HOH A O   1 
HETATM 1131 O  O   . HOH C 3 .   ? -2.474  -21.199 5.841   1.00 19.32 ? 437 HOH A O   1 
HETATM 1132 O  O   . HOH C 3 .   ? -5.351  5.145   2.848   1.00 7.59  ? 438 HOH A O   1 
HETATM 1133 O  O   . HOH C 3 .   ? -5.847  15.512  9.833   1.00 17.24 ? 439 HOH A O   1 
HETATM 1134 O  O   . HOH C 3 .   ? 7.356   -5.433  -10.423 1.00 11.56 ? 440 HOH A O   1 
HETATM 1135 O  O   . HOH C 3 .   ? -13.285 12.676  -3.303  1.00 18.59 ? 441 HOH A O   1 
HETATM 1136 O  O   . HOH C 3 .   ? 10.570  14.171  11.431  1.00 27.13 ? 442 HOH A O   1 
HETATM 1137 O  O   . HOH C 3 .   ? 5.651   -11.295 -4.695  1.00 15.10 ? 443 HOH A O   1 
HETATM 1138 O  O   . HOH C 3 .   ? 13.877  -7.482  -1.348  1.00 17.17 ? 444 HOH A O   1 
HETATM 1139 O  O   . HOH C 3 .   ? 4.945   -7.673  -16.043 1.00 24.49 ? 445 HOH A O   1 
HETATM 1140 O  O   . HOH C 3 .   ? 15.838  3.332   -1.121  1.00 13.64 ? 446 HOH A O   1 
HETATM 1141 O  O   . HOH C 3 .   ? -11.018 -18.755 5.306   1.00 21.94 ? 447 HOH A O   1 
HETATM 1142 O  O   . HOH C 3 .   ? 5.064   -12.806 3.921   1.00 8.20  ? 448 HOH A O   1 
HETATM 1143 O  O   . HOH C 3 .   ? 6.064   8.825   7.478   1.00 10.96 ? 449 HOH A O   1 
HETATM 1144 O  O   . HOH C 3 .   ? -4.127  -19.623 7.639   1.00 11.78 ? 450 HOH A O   1 
HETATM 1145 O  O   . HOH C 3 .   ? 1.075   13.381  -7.772  1.00 33.43 ? 451 HOH A O   1 
HETATM 1146 O  O   . HOH C 3 .   ? 10.396  1.835   14.769  1.00 34.68 ? 452 HOH A O   1 
HETATM 1147 O  O   . HOH C 3 .   ? 10.792  -2.202  15.553  1.00 19.56 ? 453 HOH A O   1 
HETATM 1148 O  O   . HOH C 3 .   ? 1.128   20.913  2.324   1.00 34.35 ? 454 HOH A O   1 
HETATM 1149 O  O   . HOH C 3 .   ? -2.623  20.310  1.575   1.00 27.20 ? 455 HOH A O   1 
HETATM 1150 O  O   . HOH C 3 .   ? 6.126   -14.057 -4.682  1.00 23.08 ? 456 HOH A O   1 
HETATM 1151 O  O   . HOH C 3 .   ? 7.023   23.833  6.140   1.00 24.91 ? 457 HOH A O   1 
HETATM 1152 O  O   . HOH C 3 .   ? -3.021  -20.579 1.044   1.00 25.42 ? 458 HOH A O   1 
HETATM 1153 O  O   . HOH C 3 .   ? 0.987   18.380  -6.000  1.00 37.51 ? 459 HOH A O   1 
HETATM 1154 O  O   . HOH C 3 .   ? 3.994   -16.897 -5.911  1.00 20.05 ? 460 HOH A O   1 
HETATM 1155 O  O   . HOH C 3 .   ? -8.310  -14.494 -1.341  1.00 11.95 ? 461 HOH A O   1 
HETATM 1156 O  O   . HOH C 3 .   ? -0.344  -20.764 3.588   1.00 16.67 ? 462 HOH A O   1 
HETATM 1157 O  O   . HOH C 3 .   ? -9.335  7.136   -11.978 1.00 33.78 ? 463 HOH A O   1 
HETATM 1158 O  O   . HOH C 3 .   ? 7.453   -9.276  -5.654  1.00 16.59 ? 464 HOH A O   1 
HETATM 1159 O  O   . HOH C 3 .   ? -12.279 7.012   -11.496 1.00 38.26 ? 465 HOH A O   1 
HETATM 1160 O  O   . HOH C 3 .   ? 7.611   10.792  -5.948  1.00 19.13 ? 466 HOH A O   1 
HETATM 1161 O  O   . HOH C 3 .   ? -12.413 14.847  -2.712  1.00 36.56 ? 467 HOH A O   1 
HETATM 1162 O  O   . HOH C 3 .   ? -0.473  0.383   13.216  1.00 10.64 ? 468 HOH A O   1 
HETATM 1163 O  O   . HOH C 3 .   ? -14.753 -4.830  -4.862  1.00 36.26 ? 469 HOH A O   1 
HETATM 1164 O  O   . HOH C 3 .   ? -12.282 -3.792  -6.887  1.00 20.24 ? 470 HOH A O   1 
HETATM 1165 O  O   . HOH C 3 .   ? -5.599  12.247  -9.311  1.00 32.16 ? 471 HOH A O   1 
HETATM 1166 O  O   . HOH C 3 .   ? -2.570  -9.672  14.296  1.00 14.90 ? 472 HOH A O   1 
HETATM 1167 O  O   . HOH C 3 .   ? -16.654 -4.544  4.555   1.00 15.32 ? 473 HOH A O   1 
HETATM 1168 O  O   . HOH C 3 .   ? 2.732   -20.479 3.365   1.00 26.46 ? 474 HOH A O   1 
HETATM 1169 O  O   . HOH C 3 .   ? -6.834  1.820   12.571  0.50 7.83  ? 475 HOH A O   1 
HETATM 1170 O  O   . HOH C 3 .   ? -10.414 6.796   8.546   1.00 23.40 ? 476 HOH A O   1 
HETATM 1171 O  O   . HOH C 3 .   ? -0.913  2.954   12.133  1.00 14.47 ? 477 HOH A O   1 
HETATM 1172 O  O   . HOH C 3 .   ? -10.060 -6.058  -9.956  1.00 12.75 ? 478 HOH A O   1 
HETATM 1173 O  O   . HOH C 3 .   ? -15.303 -15.989 5.784   1.00 26.93 ? 479 HOH A O   1 
HETATM 1174 O  O   . HOH C 3 .   ? -11.371 -19.584 2.247   1.00 24.74 ? 480 HOH A O   1 
HETATM 1175 O  O   . HOH C 3 .   ? -9.220  9.323   11.444  1.00 28.84 ? 481 HOH A O   1 
HETATM 1176 O  O   . HOH C 3 .   ? -12.679 -13.380 3.176   1.00 13.43 ? 482 HOH A O   1 
HETATM 1177 O  O   . HOH C 3 .   ? 5.426   11.377  -11.639 1.00 27.39 ? 483 HOH A O   1 
HETATM 1178 O  O   . HOH C 3 .   ? -2.429  -19.663 10.092  1.00 15.59 ? 484 HOH A O   1 
HETATM 1179 O  O   . HOH C 3 .   ? 15.337  -5.424  5.997   1.00 12.60 ? 485 HOH A O   1 
HETATM 1180 O  O   . HOH C 3 .   ? -10.231 14.567  -10.240 1.00 22.68 ? 486 HOH A O   1 
HETATM 1181 O  O   . HOH C 3 .   ? -10.860 -20.088 7.983   1.00 20.13 ? 487 HOH A O   1 
HETATM 1182 O  O   . HOH C 3 .   ? 9.891   16.344  -0.360  1.00 25.74 ? 488 HOH A O   1 
HETATM 1183 O  O   . HOH C 3 .   ? -13.978 -17.619 4.022   1.00 33.01 ? 489 HOH A O   1 
HETATM 1184 O  O   . HOH C 3 .   ? -5.211  21.791  0.434   1.00 32.48 ? 490 HOH A O   1 
HETATM 1185 O  O   . HOH C 3 .   ? -0.741  22.450  7.645   1.00 25.00 ? 491 HOH A O   1 
HETATM 1186 O  O   . HOH C 3 .   ? 7.426   15.226  8.668   1.00 23.68 ? 492 HOH A O   1 
HETATM 1187 O  O   . HOH C 3 .   ? 9.972   11.933  8.230   1.00 28.46 ? 493 HOH A O   1 
HETATM 1188 O  O   . HOH C 3 .   ? -12.262 -9.253  1.850   1.00 25.25 ? 494 HOH A O   1 
HETATM 1189 O  O   . HOH C 3 .   ? 11.503  8.597   8.701   1.00 35.28 ? 495 HOH A O   1 
HETATM 1190 O  O   . HOH C 3 .   ? 10.065  4.335   13.902  1.00 34.38 ? 496 HOH A O   1 
HETATM 1191 O  O   . HOH C 3 .   ? -8.204  3.951   -13.695 1.00 31.16 ? 497 HOH A O   1 
HETATM 1192 O  O   . HOH C 3 .   ? 15.727  -5.925  8.686   1.00 15.19 ? 498 HOH A O   1 
HETATM 1193 O  O   . HOH C 3 .   ? -14.553 -1.896  -5.145  1.00 26.71 ? 499 HOH A O   1 
HETATM 1194 O  O   . HOH C 3 .   ? -10.380 4.397   12.200  1.00 18.54 ? 500 HOH A O   1 
HETATM 1195 O  O   . HOH C 3 .   ? -0.261  12.024  -14.491 1.00 41.23 ? 501 HOH A O   1 
HETATM 1196 O  O   . HOH C 3 .   ? 10.978  4.663   11.276  1.00 20.61 ? 502 HOH A O   1 
HETATM 1197 O  O   . HOH C 3 .   ? -13.681 14.120  3.244   1.00 43.55 ? 503 HOH A O   1 
HETATM 1198 O  O   . HOH C 3 .   ? 5.352   -17.631 6.650   1.00 18.75 ? 504 HOH A O   1 
HETATM 1199 O  O   . HOH C 3 .   ? 7.394   -7.899  -11.906 1.00 25.90 ? 505 HOH A O   1 
HETATM 1200 O  O   . HOH C 3 .   ? 10.724  6.007   -15.394 1.00 24.13 ? 506 HOH A O   1 
HETATM 1201 O  O   . HOH C 3 .   ? -11.193 -17.992 -0.151  1.00 26.82 ? 507 HOH A O   1 
HETATM 1202 O  O   . HOH C 3 .   ? 7.569   12.523  -10.532 1.00 23.53 ? 508 HOH A O   1 
HETATM 1203 O  O   . HOH C 3 .   ? 11.908  -8.106  -4.934  1.00 28.74 ? 509 HOH A O   1 
HETATM 1204 O  O   . HOH C 3 .   ? -4.166  22.135  8.405   1.00 29.31 ? 510 HOH A O   1 
HETATM 1205 O  O   . HOH C 3 .   ? -6.205  19.253  -3.212  1.00 25.41 ? 511 HOH A O   1 
HETATM 1206 O  O   . HOH C 3 .   ? 9.234   13.164  2.536   1.00 13.08 ? 512 HOH A O   1 
HETATM 1207 O  O   . HOH C 3 .   ? 8.699   9.224   4.850   1.00 12.12 ? 513 HOH A O   1 
HETATM 1208 O  O   . HOH C 3 .   ? -1.005  9.504   -15.713 1.00 20.91 ? 514 HOH A O   1 
HETATM 1209 O  O   . HOH C 3 .   ? -13.087 -7.980  5.999   1.00 17.56 ? 515 HOH A O   1 
HETATM 1210 O  O   . HOH C 3 .   ? -15.993 1.447   -5.819  1.00 27.15 ? 516 HOH A O   1 
HETATM 1211 O  O   . HOH C 3 .   ? -0.058  -8.483  -14.871 1.00 17.31 ? 517 HOH A O   1 
HETATM 1212 O  O   . HOH C 3 .   ? 2.737   -16.333 -10.215 1.00 21.72 ? 518 HOH A O   1 
HETATM 1213 O  O   . HOH C 3 .   ? -11.066 -11.579 -1.209  1.00 23.19 ? 519 HOH A O   1 
HETATM 1214 O  O   . HOH C 3 .   ? -15.155 -7.641  -1.472  1.00 24.95 ? 520 HOH A O   1 
HETATM 1215 O  O   . HOH C 3 .   ? -12.656 12.054  5.319   1.00 34.10 ? 521 HOH A O   1 
HETATM 1216 O  O   . HOH C 3 .   ? 9.801   -11.837 -5.836  1.00 40.62 ? 522 HOH A O   1 
HETATM 1217 O  O   . HOH C 3 .   ? 11.776  14.582  3.011   1.00 30.60 ? 523 HOH A O   1 
HETATM 1218 O  O   . HOH C 3 .   ? 12.151  1.990   -10.329 1.00 28.13 ? 524 HOH A O   1 
HETATM 1219 O  O   . HOH C 3 .   ? -6.385  13.718  -11.125 1.00 17.68 ? 525 HOH A O   1 
HETATM 1220 O  O   . HOH C 3 .   ? -13.201 7.830   -13.465 1.00 44.89 ? 526 HOH A O   1 
HETATM 1221 O  O   . HOH C 3 .   ? 11.246  9.156   5.933   1.00 22.15 ? 527 HOH A O   1 
HETATM 1222 O  O   . HOH C 3 .   ? -5.850  4.311   12.218  1.00 10.58 ? 528 HOH A O   1 
HETATM 1223 O  O   . HOH C 3 .   ? -2.943  -19.455 -8.212  1.00 21.75 ? 529 HOH A O   1 
HETATM 1224 O  O   . HOH C 3 .   ? -10.391 17.992  -1.725  1.00 23.61 ? 530 HOH A O   1 
HETATM 1225 O  O   . HOH C 3 .   ? 10.582  -5.081  -7.515  1.00 24.83 ? 531 HOH A O   1 
HETATM 1226 O  O   . HOH C 3 .   ? 3.999   -20.151 6.404   1.00 37.32 ? 532 HOH A O   1 
HETATM 1227 O  O   . HOH C 3 .   ? 8.992   11.618  -8.333  1.00 15.78 ? 533 HOH A O   1 
HETATM 1228 O  O   . HOH C 3 .   ? -0.771  14.944  -5.547  1.00 31.28 ? 534 HOH A O   1 
HETATM 1229 O  O   . HOH C 3 .   ? 2.739   -9.308  -12.441 1.00 18.98 ? 535 HOH A O   1 
HETATM 1230 O  O   . HOH C 3 .   ? 7.952   24.783  3.777   1.00 34.76 ? 536 HOH A O   1 
HETATM 1231 O  O   . HOH C 3 .   ? 0.698   19.648  -3.872  1.00 24.32 ? 537 HOH A O   1 
HETATM 1232 O  O   . HOH C 3 .   ? 8.365   -14.920 -3.575  1.00 35.53 ? 538 HOH A O   1 
HETATM 1233 O  O   . HOH C 3 .   ? 13.603  2.037   -5.849  1.00 17.62 ? 539 HOH A O   1 
HETATM 1234 O  O   . HOH C 3 .   ? 7.480   22.016  -0.020  1.00 30.14 ? 540 HOH A O   1 
HETATM 1235 O  O   . HOH C 3 .   ? 5.366   1.956   15.081  1.00 18.85 ? 541 HOH A O   1 
HETATM 1236 O  O   . HOH C 3 .   ? -4.512  15.099  -8.444  1.00 40.31 ? 542 HOH A O   1 
HETATM 1237 O  O   . HOH C 3 .   ? 5.237   16.955  9.484   1.00 16.40 ? 543 HOH A O   1 
HETATM 1238 O  O   . HOH C 3 .   ? -5.631  16.140  -6.624  1.00 26.64 ? 544 HOH A O   1 
HETATM 1239 O  O   . HOH C 3 .   ? 4.629   -21.285 -2.191  1.00 36.58 ? 545 HOH A O   1 
HETATM 1240 O  O   . HOH C 3 .   ? 16.327  -0.053  11.057  1.00 23.45 ? 546 HOH A O   1 
HETATM 1241 O  O   . HOH C 3 .   ? 12.681  -5.710  -5.819  1.00 38.17 ? 547 HOH A O   1 
HETATM 1242 O  O   . HOH C 3 .   ? 12.354  16.007  5.386   1.00 35.58 ? 548 HOH A O   1 
HETATM 1243 O  O   . HOH C 3 .   ? -12.463 -15.770 0.037   1.00 24.33 ? 549 HOH A O   1 
HETATM 1244 O  O   . HOH C 3 .   ? 2.924   9.054   -13.711 1.00 15.88 ? 550 HOH A O   1 
HETATM 1245 O  O   . HOH C 3 .   ? 7.716   -8.735  -8.224  1.00 25.58 ? 551 HOH A O   1 
HETATM 1246 O  O   . HOH C 3 .   ? -12.604 15.672  4.918   1.00 39.12 ? 552 HOH A O   1 
HETATM 1247 O  O   . HOH C 3 .   ? -17.578 -4.269  0.915   1.00 17.22 ? 553 HOH A O   1 
HETATM 1248 O  O   . HOH C 3 .   ? -15.786 -20.483 6.069   1.00 28.61 ? 554 HOH A O   1 
HETATM 1249 O  O   . HOH C 3 .   ? 5.918   -17.019 -7.115  1.00 40.68 ? 555 HOH A O   1 
HETATM 1250 O  O   . HOH C 3 .   ? 8.984   11.236  -3.669  1.00 19.16 ? 556 HOH A O   1 
HETATM 1251 O  O   . HOH C 3 .   ? 5.186   -9.678  -11.964 1.00 26.19 ? 557 HOH A O   1 
HETATM 1252 O  O   . HOH C 3 .   ? 10.200  -16.026 0.956   1.00 30.67 ? 558 HOH A O   1 
HETATM 1253 O  O   . HOH C 3 .   ? 18.167  -2.495  2.937   1.00 31.66 ? 559 HOH A O   1 
HETATM 1254 O  O   . HOH C 3 .   ? 10.771  13.896  6.079   1.00 29.90 ? 560 HOH A O   1 
HETATM 1255 O  O   . HOH C 3 .   ? -11.115 -9.260  -0.594  1.00 22.49 ? 561 HOH A O   1 
HETATM 1256 O  O   . HOH C 3 .   ? 15.885  -5.847  -2.605  1.00 33.58 ? 562 HOH A O   1 
HETATM 1257 O  O   . HOH C 3 .   ? 7.968   -16.818 5.856   1.00 26.59 ? 563 HOH A O   1 
HETATM 1258 O  O   . HOH C 3 .   ? -4.076  20.037  -2.294  1.00 35.27 ? 564 HOH A O   1 
HETATM 1259 O  O   . HOH C 3 .   ? 12.357  -0.317  -5.966  1.00 17.06 ? 565 HOH A O   1 
HETATM 1260 O  O   . HOH C 3 .   ? -17.554 14.795  0.750   1.00 27.06 ? 566 HOH A O   1 
HETATM 1261 O  O   . HOH C 3 .   ? -8.107  10.625  12.991  1.00 32.11 ? 567 HOH A O   1 
HETATM 1262 O  O   . HOH C 3 .   ? 17.094  -0.126  6.271   1.00 10.15 ? 568 HOH A O   1 
HETATM 1263 O  O   . HOH C 3 .   ? 3.222   -14.595 -11.981 1.00 28.17 ? 569 HOH A O   1 
HETATM 1264 O  O   . HOH C 3 .   ? 14.783  -9.928  6.573   1.00 26.56 ? 570 HOH A O   1 
HETATM 1265 O  O   . HOH C 3 .   ? 6.436   -8.806  -14.548 1.00 32.32 ? 571 HOH A O   1 
HETATM 1266 O  O   . HOH C 3 .   ? 8.731   -16.952 -1.020  1.00 36.64 ? 572 HOH A O   1 
HETATM 1267 O  O   . HOH C 3 .   ? 8.630   13.916  -0.075  1.00 14.10 ? 573 HOH A O   1 
HETATM 1268 O  O   . HOH C 3 .   ? -9.467  -0.707  -10.663 1.00 28.79 ? 574 HOH A O   1 
HETATM 1269 O  O   . HOH C 3 .   ? 16.975  -8.177  2.592   1.00 32.69 ? 575 HOH A O   1 
HETATM 1270 O  O   . HOH C 3 .   ? -12.296 -2.555  -10.318 1.00 35.72 ? 576 HOH A O   1 
HETATM 1271 O  O   . HOH C 3 .   ? 13.536  13.770  11.760  1.00 38.00 ? 577 HOH A O   1 
HETATM 1272 O  O   . HOH C 3 .   ? 17.434  2.327   5.083   1.00 13.17 ? 578 HOH A O   1 
HETATM 1273 O  O   . HOH C 3 .   ? 14.633  -1.843  -5.403  1.00 27.08 ? 579 HOH A O   1 
HETATM 1274 O  O   . HOH C 3 .   ? 7.748   10.927  6.884   1.00 12.85 ? 580 HOH A O   1 
HETATM 1275 O  O   . HOH C 3 .   ? -11.124 -4.241  -12.108 1.00 21.66 ? 581 HOH A O   1 
HETATM 1276 O  O   . HOH C 3 .   ? 2.298   11.745  -13.565 1.00 38.03 ? 582 HOH A O   1 
HETATM 1277 O  O   . HOH C 3 .   ? 12.269  -0.486  -8.760  1.00 36.59 ? 583 HOH A O   1 
HETATM 1278 O  O   . HOH C 3 .   ? -14.393 -13.012 1.185   1.00 34.74 ? 584 HOH A O   1 
HETATM 1279 O  O   . HOH C 3 .   ? -6.678  23.403  8.973   1.00 32.77 ? 585 HOH A O   1 
HETATM 1280 O  O   . HOH C 3 .   ? 15.846  0.878   -5.306  0.50 26.16 ? 586 HOH A O   1 
HETATM 1281 O  O   . HOH C 3 .   ? 17.870  -5.595  5.054   1.00 30.94 ? 587 HOH A O   1 
HETATM 1282 O  O   . HOH C 3 .   ? -11.233 -23.517 6.474   1.00 37.30 ? 588 HOH A O   1 
HETATM 1283 O  O   . HOH C 3 .   ? 15.230  -3.307  -7.648  1.00 41.80 ? 589 HOH A O   1 
# 
